data_7MGL
#
_entry.id   7MGL
#
_cell.length_a   1.00
_cell.length_b   1.00
_cell.length_c   1.00
_cell.angle_alpha   90.00
_cell.angle_beta   90.00
_cell.angle_gamma   90.00
#
_symmetry.space_group_name_H-M   'P 1'
#
loop_
_entity.id
_entity.type
_entity.pdbx_description
1 polymer Mucolipin-1
2 non-polymer N-{(1S,2S)-2-[4-(2-methoxyphenyl)piperazin-1-yl]cyclohexyl}benzenesulfonamide
3 non-polymer 1,2-Distearoyl-sn-glycerophosphoethanolamine
#
_entity_poly.entity_id   1
_entity_poly.type   'polypeptide(L)'
_entity_poly.pdbx_seq_one_letter_code
;MTAPAGPRGSETERLLTPNPGYGTQAGPSPAPPTPPEEEDLRRRLKYFFMSPCDKFRAKGRKPCKLMLQVVKILVVTVQL
ILFGLSNQLAVTFREENTIAFRHLFLLGYSDGADDTFAAYTREQLYQAIFHAVDQYLALPDVSLGRYAYVRGGGDPWTNG
SGLALCQRYYHRGHVDPANDTFDIDPMVVTDCIQVDPPERPPPPPSDDLTLLESSSSYKNLTLKFHKLVNVTIHFRLKTI
NLQSLINNEIPDCYTFSVLITFDNKAHSGRIPISLETQAHIQECKHPSVFQHGDNSFRLLFDVVVILTCSLSFLLCARSL
LRGFLLQNEFVGFMWRQRGRVISLWERLEFVNGWYILLVTSDVLTISGTIMKIGIEAKNLASYDVCSILLGTSTLLVWVG
VIRYLTFFHNYNILIATLRVALPSVMRFCCCVAVIYLGYCFCGWIVLGPYHVKFRSLSMVSECLFSLINGDDMFVTFAAM
QAQQGRSSLVWLFSQLYLYSFISLFIYMVLSLFIALITGAYDTIKHPGGAGAEESELQAYIAQCQDSPTSGKFRRGSGSA
CSLLCCCGRDPSEEHSLLVN
;
_entity_poly.pdbx_strand_id   A,B,C,D
#
# COMPACT_ATOMS: atom_id res chain seq x y z
N ASP A 40 1.46 64.23 -15.91
CA ASP A 40 0.46 64.03 -16.97
C ASP A 40 -0.14 62.63 -16.85
N LEU A 41 0.33 61.71 -17.70
CA LEU A 41 -0.03 60.31 -17.54
C LEU A 41 0.55 59.69 -16.27
N ARG A 42 1.43 60.40 -15.58
CA ARG A 42 2.07 59.83 -14.40
C ARG A 42 1.06 59.50 -13.32
N ARG A 43 0.15 60.43 -13.03
CA ARG A 43 -0.87 60.17 -12.02
C ARG A 43 -1.82 59.06 -12.46
N ARG A 44 -2.12 58.98 -13.75
CA ARG A 44 -3.01 57.94 -14.25
C ARG A 44 -2.40 56.56 -14.07
N LEU A 45 -1.13 56.39 -14.46
CA LEU A 45 -0.49 55.10 -14.28
C LEU A 45 -0.24 54.80 -12.81
N LYS A 46 0.03 55.84 -12.01
CA LYS A 46 0.11 55.67 -10.56
C LYS A 46 -1.17 55.04 -10.02
N TYR A 47 -2.32 55.61 -10.36
CA TYR A 47 -3.58 55.07 -9.86
C TYR A 47 -3.86 53.69 -10.44
N PHE A 48 -3.49 53.47 -11.70
CA PHE A 48 -3.75 52.18 -12.33
C PHE A 48 -2.97 51.06 -11.67
N PHE A 49 -1.73 51.34 -11.25
CA PHE A 49 -0.91 50.32 -10.62
C PHE A 49 -0.98 50.31 -9.11
N MET A 50 -1.65 51.29 -8.50
CA MET A 50 -1.85 51.28 -7.06
C MET A 50 -2.59 50.02 -6.61
N SER A 51 -2.29 49.58 -5.39
CA SER A 51 -3.04 48.52 -4.76
C SER A 51 -4.43 49.04 -4.36
N PRO A 52 -5.36 48.16 -3.97
CA PRO A 52 -6.68 48.66 -3.57
C PRO A 52 -6.65 49.57 -2.36
N CYS A 53 -5.80 49.28 -1.37
CA CYS A 53 -5.73 50.13 -0.18
C CYS A 53 -5.21 51.51 -0.52
N ASP A 54 -4.15 51.58 -1.34
CA ASP A 54 -3.62 52.88 -1.73
C ASP A 54 -4.57 53.61 -2.66
N LYS A 55 -5.30 52.88 -3.51
CA LYS A 55 -6.38 53.50 -4.28
C LYS A 55 -7.39 54.17 -3.35
N PHE A 56 -7.88 53.44 -2.37
CA PHE A 56 -8.83 54.00 -1.40
C PHE A 56 -8.24 55.22 -0.71
N ARG A 57 -6.95 55.18 -0.37
CA ARG A 57 -6.32 56.30 0.31
C ARG A 57 -6.23 57.53 -0.60
N ALA A 58 -5.97 57.31 -1.89
CA ALA A 58 -5.68 58.43 -2.80
C ALA A 58 -6.96 59.04 -3.35
N LYS A 59 -7.81 58.22 -3.96
CA LYS A 59 -9.06 58.69 -4.54
C LYS A 59 -9.94 57.50 -4.93
N GLY A 60 -11.24 57.71 -4.90
CA GLY A 60 -12.19 56.68 -5.27
C GLY A 60 -12.78 55.99 -4.05
N ARG A 61 -13.95 55.39 -4.25
CA ARG A 61 -14.72 54.78 -3.18
C ARG A 61 -14.21 53.36 -2.88
N LYS A 62 -15.01 52.58 -2.15
CA LYS A 62 -14.58 51.38 -1.45
C LYS A 62 -14.36 50.21 -2.39
N PRO A 63 -13.80 49.07 -1.91
CA PRO A 63 -13.58 47.91 -2.78
C PRO A 63 -14.85 47.20 -3.21
N CYS A 64 -15.63 47.85 -4.08
CA CYS A 64 -16.88 47.28 -4.56
C CYS A 64 -16.65 46.00 -5.34
N LYS A 65 -15.71 46.02 -6.30
CA LYS A 65 -15.43 44.83 -7.10
C LYS A 65 -14.89 43.71 -6.23
N LEU A 66 -14.11 44.03 -5.21
CA LEU A 66 -13.53 43.01 -4.35
C LEU A 66 -14.60 42.30 -3.53
N MET A 67 -15.53 43.05 -2.94
CA MET A 67 -16.57 42.37 -2.18
C MET A 67 -17.59 41.69 -3.10
N LEU A 68 -17.77 42.20 -4.33
CA LEU A 68 -18.55 41.47 -5.31
C LEU A 68 -17.93 40.10 -5.59
N GLN A 69 -16.60 40.05 -5.73
CA GLN A 69 -15.93 38.78 -5.95
C GLN A 69 -16.06 37.87 -4.74
N VAL A 70 -16.08 38.45 -3.53
CA VAL A 70 -16.28 37.62 -2.34
C VAL A 70 -17.65 36.95 -2.36
N VAL A 71 -18.70 37.74 -2.60
CA VAL A 71 -20.04 37.14 -2.62
C VAL A 71 -20.17 36.17 -3.79
N LYS A 72 -19.44 36.40 -4.87
CA LYS A 72 -19.46 35.45 -5.99
C LYS A 72 -18.83 34.12 -5.60
N ILE A 73 -17.69 34.17 -4.89
CA ILE A 73 -17.10 32.94 -4.34
C ILE A 73 -18.14 32.20 -3.51
N LEU A 74 -18.82 32.93 -2.63
CA LEU A 74 -19.80 32.31 -1.74
C LEU A 74 -20.92 31.61 -2.51
N VAL A 75 -21.53 32.32 -3.47
CA VAL A 75 -22.69 31.76 -4.15
C VAL A 75 -22.28 30.59 -5.04
N VAL A 76 -21.10 30.67 -5.67
CA VAL A 76 -20.66 29.57 -6.50
C VAL A 76 -20.41 28.31 -5.66
N THR A 77 -19.78 28.47 -4.50
CA THR A 77 -19.53 27.30 -3.67
C THR A 77 -20.84 26.70 -3.16
N VAL A 78 -21.79 27.53 -2.75
CA VAL A 78 -23.05 27.01 -2.23
C VAL A 78 -23.82 26.28 -3.32
N GLN A 79 -23.83 26.83 -4.54
CA GLN A 79 -24.50 26.16 -5.66
C GLN A 79 -23.86 24.81 -5.95
N LEU A 80 -22.53 24.76 -5.97
CA LEU A 80 -21.84 23.48 -6.21
C LEU A 80 -22.21 22.45 -5.16
N ILE A 81 -22.26 22.85 -3.89
CA ILE A 81 -22.57 21.89 -2.84
C ILE A 81 -24.00 21.38 -2.98
N LEU A 82 -24.95 22.28 -3.26
CA LEU A 82 -26.34 21.87 -3.43
C LEU A 82 -26.49 20.89 -4.59
N PHE A 83 -25.76 21.12 -5.69
CA PHE A 83 -25.81 20.20 -6.82
C PHE A 83 -25.21 18.84 -6.45
N GLY A 84 -24.09 18.86 -5.74
CA GLY A 84 -23.37 17.63 -5.44
C GLY A 84 -24.14 16.70 -4.52
N LEU A 85 -24.87 17.27 -3.55
CA LEU A 85 -25.62 16.40 -2.63
C LEU A 85 -26.69 15.59 -3.37
N SER A 86 -27.44 16.24 -4.26
CA SER A 86 -28.49 15.54 -4.99
C SER A 86 -27.89 14.52 -5.97
N ASN A 87 -26.81 14.89 -6.66
CA ASN A 87 -26.18 13.92 -7.55
C ASN A 87 -25.70 12.69 -6.78
N GLN A 88 -25.12 12.90 -5.60
CA GLN A 88 -24.70 11.79 -4.76
C GLN A 88 -25.88 10.88 -4.42
N LEU A 89 -26.98 11.48 -3.99
CA LEU A 89 -28.11 10.68 -3.54
C LEU A 89 -28.79 9.93 -4.67
N ALA A 90 -28.67 10.41 -5.92
CA ALA A 90 -29.21 9.65 -7.04
C ALA A 90 -28.25 8.57 -7.55
N VAL A 91 -26.93 8.84 -7.47
CA VAL A 91 -25.96 7.85 -7.89
C VAL A 91 -26.00 6.63 -6.98
N THR A 92 -26.25 6.83 -5.69
CA THR A 92 -26.36 5.67 -4.80
C THR A 92 -27.53 4.77 -5.19
N PHE A 93 -28.66 5.38 -5.56
CA PHE A 93 -29.82 4.59 -5.98
C PHE A 93 -29.51 3.80 -7.24
N ARG A 94 -28.90 4.45 -8.23
CA ARG A 94 -28.56 3.75 -9.47
C ARG A 94 -27.62 2.57 -9.19
N GLU A 95 -26.60 2.80 -8.37
CA GLU A 95 -25.63 1.74 -8.09
C GLU A 95 -26.28 0.58 -7.34
N GLU A 96 -27.14 0.86 -6.37
CA GLU A 96 -27.74 -0.24 -5.61
C GLU A 96 -28.69 -1.04 -6.47
N ASN A 97 -29.43 -0.39 -7.37
CA ASN A 97 -30.26 -1.14 -8.30
C ASN A 97 -29.42 -2.01 -9.23
N THR A 98 -28.25 -1.52 -9.66
CA THR A 98 -27.41 -2.35 -10.52
C THR A 98 -26.85 -3.56 -9.76
N ILE A 99 -26.47 -3.38 -8.49
CA ILE A 99 -26.01 -4.51 -7.68
C ILE A 99 -27.13 -5.54 -7.54
N ALA A 100 -28.34 -5.08 -7.26
CA ALA A 100 -29.47 -6.01 -7.16
C ALA A 100 -29.70 -6.74 -8.48
N PHE A 101 -29.55 -6.04 -9.61
CA PHE A 101 -29.73 -6.69 -10.91
C PHE A 101 -28.68 -7.77 -11.13
N ARG A 102 -27.43 -7.49 -10.76
CA ARG A 102 -26.38 -8.50 -10.93
C ARG A 102 -26.67 -9.73 -10.09
N HIS A 103 -27.00 -9.53 -8.81
CA HIS A 103 -27.28 -10.67 -7.95
C HIS A 103 -28.55 -11.42 -8.37
N LEU A 104 -29.48 -10.75 -9.03
CA LEU A 104 -30.71 -11.43 -9.44
C LEU A 104 -30.53 -12.20 -10.74
N PHE A 105 -29.78 -11.65 -11.70
CA PHE A 105 -29.76 -12.21 -13.04
C PHE A 105 -28.50 -12.98 -13.41
N LEU A 106 -27.38 -12.76 -12.72
CA LEU A 106 -26.16 -13.49 -13.02
C LEU A 106 -26.10 -14.74 -12.14
N LEU A 107 -25.90 -15.89 -12.77
CA LEU A 107 -25.94 -17.17 -12.07
C LEU A 107 -24.58 -17.47 -11.45
N GLY A 108 -24.57 -17.68 -10.14
CA GLY A 108 -23.32 -17.93 -9.45
C GLY A 108 -22.52 -16.69 -9.14
N TYR A 109 -23.15 -15.52 -9.17
CA TYR A 109 -22.44 -14.27 -8.95
C TYR A 109 -22.28 -14.00 -7.46
N SER A 110 -21.10 -13.51 -7.08
CA SER A 110 -20.82 -13.13 -5.71
C SER A 110 -20.12 -11.78 -5.72
N ASP A 111 -20.36 -10.99 -4.66
CA ASP A 111 -19.76 -9.67 -4.55
C ASP A 111 -18.25 -9.75 -4.71
N GLY A 112 -17.67 -8.68 -5.24
CA GLY A 112 -16.36 -8.80 -5.82
C GLY A 112 -16.51 -9.55 -7.13
N ALA A 113 -15.37 -10.04 -7.63
CA ALA A 113 -15.35 -10.92 -8.80
C ALA A 113 -16.16 -10.35 -9.96
N ASP A 114 -16.16 -9.01 -10.09
CA ASP A 114 -16.89 -8.37 -11.16
C ASP A 114 -16.16 -8.54 -12.48
N ASP A 115 -14.83 -8.49 -12.45
CA ASP A 115 -14.02 -9.06 -13.50
C ASP A 115 -13.84 -10.55 -13.21
N THR A 116 -13.18 -11.27 -14.12
CA THR A 116 -12.92 -12.69 -13.98
C THR A 116 -14.20 -13.51 -13.78
N PHE A 117 -15.35 -12.97 -14.16
CA PHE A 117 -16.60 -13.73 -14.16
C PHE A 117 -16.88 -14.15 -15.59
N ALA A 118 -16.77 -15.44 -15.86
CA ALA A 118 -16.82 -15.93 -17.23
C ALA A 118 -17.45 -17.32 -17.24
N ALA A 119 -17.48 -17.92 -18.43
CA ALA A 119 -17.96 -19.27 -18.64
C ALA A 119 -16.93 -20.04 -19.43
N TYR A 120 -16.78 -21.33 -19.10
CA TYR A 120 -15.76 -22.16 -19.72
C TYR A 120 -16.33 -23.43 -20.33
N THR A 121 -17.65 -23.57 -20.37
CA THR A 121 -18.29 -24.80 -20.80
C THR A 121 -19.61 -24.46 -21.47
N ARG A 122 -19.99 -25.26 -22.46
CA ARG A 122 -21.23 -25.02 -23.18
C ARG A 122 -22.44 -25.09 -22.26
N GLU A 123 -22.45 -26.06 -21.34
CA GLU A 123 -23.56 -26.16 -20.40
C GLU A 123 -23.55 -25.01 -19.42
N GLN A 124 -22.36 -24.54 -19.03
CA GLN A 124 -22.26 -23.35 -18.19
C GLN A 124 -22.91 -22.15 -18.86
N LEU A 125 -22.59 -21.93 -20.13
CA LEU A 125 -23.17 -20.79 -20.86
C LEU A 125 -24.67 -20.93 -21.02
N TYR A 126 -25.14 -22.13 -21.40
CA TYR A 126 -26.58 -22.36 -21.53
C TYR A 126 -27.30 -22.10 -20.22
N GLN A 127 -26.74 -22.57 -19.10
CA GLN A 127 -27.38 -22.38 -17.80
C GLN A 127 -27.40 -20.91 -17.42
N ALA A 128 -26.33 -20.17 -17.72
CA ALA A 128 -26.33 -18.74 -17.45
C ALA A 128 -27.43 -18.03 -18.21
N ILE A 129 -27.56 -18.31 -19.51
CA ILE A 129 -28.57 -17.64 -20.33
C ILE A 129 -29.97 -17.99 -19.84
N PHE A 130 -30.22 -19.28 -19.59
CA PHE A 130 -31.56 -19.69 -19.18
C PHE A 130 -31.90 -19.17 -17.78
N HIS A 131 -30.91 -19.06 -16.90
CA HIS A 131 -31.16 -18.46 -15.60
C HIS A 131 -31.52 -16.98 -15.72
N ALA A 132 -30.83 -16.25 -16.58
CA ALA A 132 -31.18 -14.85 -16.79
C ALA A 132 -32.62 -14.71 -17.28
N VAL A 133 -33.01 -15.51 -18.26
CA VAL A 133 -34.36 -15.37 -18.80
C VAL A 133 -35.42 -15.82 -17.79
N ASP A 134 -35.15 -16.90 -17.05
CA ASP A 134 -36.11 -17.37 -16.07
C ASP A 134 -36.27 -16.37 -14.93
N GLN A 135 -35.18 -15.73 -14.50
CA GLN A 135 -35.30 -14.71 -13.47
C GLN A 135 -36.06 -13.49 -13.99
N TYR A 136 -35.85 -13.13 -15.25
CA TYR A 136 -36.65 -12.04 -15.82
C TYR A 136 -38.13 -12.37 -15.81
N LEU A 137 -38.48 -13.63 -16.09
CA LEU A 137 -39.89 -14.00 -16.10
C LEU A 137 -40.45 -14.13 -14.68
N ALA A 138 -39.61 -14.44 -13.70
CA ALA A 138 -40.07 -14.66 -12.32
C ALA A 138 -39.95 -13.42 -11.44
N LEU A 139 -39.37 -12.32 -11.95
CA LEU A 139 -39.12 -11.10 -11.17
C LEU A 139 -40.26 -10.67 -10.25
N PRO A 140 -41.52 -10.54 -10.66
CA PRO A 140 -42.54 -9.99 -9.75
C PRO A 140 -42.80 -10.85 -8.53
N ASP A 141 -42.51 -12.15 -8.57
CA ASP A 141 -42.76 -13.01 -7.43
C ASP A 141 -41.57 -13.13 -6.49
N VAL A 142 -40.37 -12.76 -6.93
CA VAL A 142 -39.17 -13.01 -6.15
C VAL A 142 -38.40 -11.76 -5.79
N SER A 143 -38.55 -10.66 -6.51
CA SER A 143 -37.70 -9.51 -6.27
C SER A 143 -38.16 -8.74 -5.02
N LEU A 144 -37.19 -8.09 -4.38
CA LEU A 144 -37.49 -7.26 -3.21
C LEU A 144 -37.83 -5.83 -3.57
N GLY A 145 -37.52 -5.40 -4.79
CA GLY A 145 -37.97 -4.12 -5.29
C GLY A 145 -39.26 -4.26 -6.06
N ARG A 146 -39.76 -3.12 -6.55
CA ARG A 146 -40.98 -3.10 -7.35
C ARG A 146 -40.62 -2.57 -8.73
N TYR A 147 -40.69 -3.44 -9.73
CA TYR A 147 -40.38 -3.10 -11.11
C TYR A 147 -41.59 -3.38 -11.99
N ALA A 148 -41.56 -2.80 -13.18
CA ALA A 148 -42.63 -2.96 -14.16
C ALA A 148 -42.03 -3.25 -15.52
N TYR A 149 -42.72 -4.09 -16.27
CA TYR A 149 -42.25 -4.48 -17.59
C TYR A 149 -42.53 -3.39 -18.61
N VAL A 150 -41.65 -3.31 -19.61
CA VAL A 150 -41.77 -2.35 -20.70
C VAL A 150 -41.94 -3.14 -21.99
N ARG A 151 -43.10 -2.97 -22.64
CA ARG A 151 -43.36 -3.67 -23.89
C ARG A 151 -42.60 -3.02 -25.03
N GLY A 152 -42.54 -3.72 -26.16
CA GLY A 152 -41.67 -3.35 -27.26
C GLY A 152 -41.90 -1.98 -27.86
N GLY A 153 -40.88 -1.13 -27.79
CA GLY A 153 -40.96 0.20 -28.35
C GLY A 153 -39.66 0.69 -28.97
N GLY A 154 -38.77 -0.24 -29.30
CA GLY A 154 -37.47 0.12 -29.83
C GLY A 154 -36.96 -0.78 -30.93
N ASP A 155 -35.65 -0.79 -31.14
CA ASP A 155 -35.07 -1.57 -32.24
C ASP A 155 -35.00 -3.05 -31.91
N PRO A 156 -34.39 -3.48 -30.80
CA PRO A 156 -34.34 -4.93 -30.54
C PRO A 156 -35.68 -5.52 -30.24
N TRP A 157 -36.53 -4.82 -29.49
CA TRP A 157 -37.82 -5.33 -29.06
C TRP A 157 -38.86 -5.07 -30.14
N THR A 158 -39.43 -6.14 -30.68
CA THR A 158 -40.56 -6.01 -31.60
C THR A 158 -41.81 -5.71 -30.79
N ASN A 159 -42.96 -5.70 -31.44
CA ASN A 159 -44.20 -5.34 -30.76
C ASN A 159 -44.57 -6.43 -29.75
N GLY A 160 -44.87 -6.00 -28.52
CA GLY A 160 -45.35 -6.89 -27.50
C GLY A 160 -44.30 -7.62 -26.69
N SER A 161 -43.02 -7.51 -27.05
CA SER A 161 -41.95 -8.25 -26.39
C SER A 161 -41.21 -7.34 -25.42
N GLY A 162 -40.80 -7.91 -24.29
CA GLY A 162 -40.09 -7.15 -23.28
C GLY A 162 -38.63 -7.50 -23.19
N LEU A 163 -38.28 -8.73 -23.57
CA LEU A 163 -36.90 -9.20 -23.54
C LEU A 163 -36.54 -9.78 -24.89
N ALA A 164 -35.32 -9.46 -25.35
CA ALA A 164 -34.81 -9.94 -26.62
C ALA A 164 -33.41 -10.49 -26.40
N LEU A 165 -33.25 -11.80 -26.56
CA LEU A 165 -31.94 -12.42 -26.53
C LEU A 165 -31.49 -12.68 -27.96
N CYS A 166 -30.41 -11.99 -28.37
CA CYS A 166 -29.94 -12.00 -29.74
C CYS A 166 -28.52 -12.56 -29.76
N GLN A 167 -28.24 -13.47 -30.69
CA GLN A 167 -26.91 -14.00 -30.89
C GLN A 167 -26.36 -13.54 -32.22
N ARG A 168 -25.06 -13.23 -32.25
CA ARG A 168 -24.39 -12.73 -33.44
C ARG A 168 -23.29 -13.71 -33.83
N TYR A 169 -23.34 -14.20 -35.07
CA TYR A 169 -22.34 -15.13 -35.58
C TYR A 169 -21.93 -14.68 -36.99
N TYR A 170 -21.05 -15.46 -37.61
CA TYR A 170 -20.58 -15.17 -38.95
C TYR A 170 -21.48 -15.83 -39.98
N HIS A 171 -21.52 -15.23 -41.18
CA HIS A 171 -22.35 -15.78 -42.24
C HIS A 171 -21.79 -17.09 -42.76
N ARG A 172 -20.48 -17.17 -42.94
CA ARG A 172 -19.80 -18.41 -43.31
C ARG A 172 -18.53 -18.54 -42.49
N GLY A 173 -18.36 -19.69 -41.84
CA GLY A 173 -17.15 -19.99 -41.11
C GLY A 173 -16.89 -21.48 -41.07
N HIS A 174 -15.72 -21.90 -41.53
CA HIS A 174 -15.33 -23.30 -41.57
C HIS A 174 -14.02 -23.50 -40.85
N VAL A 175 -13.93 -22.95 -39.64
CA VAL A 175 -12.72 -23.09 -38.82
C VAL A 175 -12.41 -24.56 -38.65
N ASP A 176 -11.17 -24.93 -38.95
CA ASP A 176 -10.72 -26.31 -38.78
C ASP A 176 -9.27 -26.25 -38.35
N PRO A 177 -9.00 -26.29 -37.04
CA PRO A 177 -7.61 -26.24 -36.58
C PRO A 177 -6.77 -27.37 -37.14
N ALA A 178 -7.36 -28.53 -37.39
CA ALA A 178 -6.69 -29.60 -38.11
C ALA A 178 -6.82 -29.35 -39.60
N ASN A 179 -5.78 -29.73 -40.34
CA ASN A 179 -5.60 -29.50 -41.78
C ASN A 179 -5.24 -28.05 -42.07
N ASP A 180 -5.28 -27.17 -41.07
CA ASP A 180 -4.93 -25.76 -41.21
C ASP A 180 -5.73 -25.08 -42.32
N THR A 181 -7.02 -24.95 -42.07
CA THR A 181 -7.93 -24.30 -43.02
C THR A 181 -9.02 -23.57 -42.25
N PHE A 182 -9.32 -22.34 -42.64
CA PHE A 182 -10.43 -21.69 -41.96
C PHE A 182 -11.56 -21.26 -42.89
N ASP A 183 -11.26 -20.68 -44.06
CA ASP A 183 -12.28 -20.33 -45.05
C ASP A 183 -13.35 -19.41 -44.45
N ILE A 184 -12.94 -18.21 -44.08
CA ILE A 184 -13.76 -17.31 -43.28
C ILE A 184 -14.03 -16.01 -44.04
N ASP A 185 -15.26 -15.51 -43.90
CA ASP A 185 -15.63 -14.18 -44.38
C ASP A 185 -16.46 -13.46 -43.34
N PRO A 186 -15.89 -12.49 -42.62
CA PRO A 186 -16.63 -11.83 -41.54
C PRO A 186 -17.78 -10.96 -42.03
N MET A 187 -19.00 -11.40 -41.72
CA MET A 187 -20.20 -10.58 -41.96
C MET A 187 -21.20 -11.00 -40.90
N VAL A 188 -21.28 -10.22 -39.81
CA VAL A 188 -22.01 -10.63 -38.63
C VAL A 188 -23.50 -10.71 -38.94
N VAL A 189 -24.08 -11.89 -38.74
CA VAL A 189 -25.52 -12.10 -38.87
C VAL A 189 -26.11 -12.17 -37.47
N THR A 190 -27.29 -11.56 -37.31
CA THR A 190 -27.96 -11.49 -36.01
C THR A 190 -29.23 -12.33 -36.07
N ASP A 191 -29.30 -13.36 -35.23
CA ASP A 191 -30.50 -14.16 -35.04
C ASP A 191 -30.97 -13.94 -33.61
N CYS A 192 -32.20 -13.45 -33.45
CA CYS A 192 -32.66 -12.97 -32.16
C CYS A 192 -34.02 -13.55 -31.82
N ILE A 193 -34.24 -13.78 -30.53
CA ILE A 193 -35.50 -14.29 -29.99
C ILE A 193 -36.12 -13.22 -29.12
N GLN A 194 -37.45 -13.15 -29.13
CA GLN A 194 -38.20 -12.19 -28.32
C GLN A 194 -39.08 -12.94 -27.33
N VAL A 195 -38.99 -12.57 -26.06
CA VAL A 195 -39.75 -13.20 -24.99
C VAL A 195 -40.72 -12.16 -24.44
N ASP A 196 -42.01 -12.51 -24.44
CA ASP A 196 -42.90 -11.52 -23.86
C ASP A 196 -43.33 -11.92 -22.46
N PRO A 197 -43.40 -10.95 -21.54
CA PRO A 197 -43.72 -11.28 -20.15
C PRO A 197 -45.20 -11.53 -19.95
N PRO A 198 -45.57 -12.23 -18.89
CA PRO A 198 -47.00 -12.42 -18.58
C PRO A 198 -47.54 -11.24 -17.79
N GLU A 199 -48.80 -11.34 -17.42
CA GLU A 199 -49.47 -10.30 -16.65
C GLU A 199 -49.97 -10.83 -15.32
N ARG A 200 -50.09 -9.91 -14.36
CA ARG A 200 -50.53 -10.20 -12.99
C ARG A 200 -51.73 -11.14 -12.91
N SER A 216 -39.94 -21.84 -22.86
CA SER A 216 -40.83 -21.88 -24.02
C SER A 216 -40.31 -20.99 -25.14
N SER A 217 -39.90 -21.64 -26.24
CA SER A 217 -39.45 -20.99 -27.46
C SER A 217 -38.11 -20.28 -27.28
N TYR A 218 -37.62 -20.22 -26.04
CA TYR A 218 -36.26 -19.82 -25.78
C TYR A 218 -35.40 -20.96 -25.21
N LYS A 219 -36.04 -22.05 -24.78
CA LYS A 219 -35.31 -23.25 -24.39
C LYS A 219 -34.86 -24.06 -25.60
N ASN A 220 -35.35 -23.74 -26.79
CA ASN A 220 -34.92 -24.37 -28.03
C ASN A 220 -33.75 -23.64 -28.67
N LEU A 221 -33.02 -22.84 -27.91
CA LEU A 221 -31.90 -22.08 -28.44
C LEU A 221 -30.72 -22.99 -28.74
N THR A 222 -30.23 -22.93 -29.98
CA THR A 222 -28.95 -23.53 -30.36
C THR A 222 -27.99 -22.40 -30.69
N LEU A 223 -26.76 -22.51 -30.19
CA LEU A 223 -25.94 -21.33 -30.00
C LEU A 223 -24.77 -21.20 -30.97
N LYS A 224 -24.48 -22.23 -31.77
CA LYS A 224 -23.51 -22.12 -32.87
C LYS A 224 -22.14 -21.66 -32.36
N PHE A 225 -21.53 -22.53 -31.55
CA PHE A 225 -20.37 -22.13 -30.75
C PHE A 225 -19.12 -21.86 -31.58
N HIS A 226 -18.99 -22.46 -32.76
CA HIS A 226 -17.78 -22.28 -33.55
C HIS A 226 -17.77 -21.02 -34.39
N LYS A 227 -18.92 -20.37 -34.56
CA LYS A 227 -19.02 -19.11 -35.29
C LYS A 227 -19.46 -17.95 -34.42
N LEU A 228 -19.65 -18.16 -33.13
CA LEU A 228 -20.30 -17.17 -32.28
C LEU A 228 -19.41 -15.95 -32.06
N VAL A 229 -20.02 -14.77 -32.07
CA VAL A 229 -19.34 -13.53 -31.74
C VAL A 229 -19.73 -13.04 -30.35
N ASN A 230 -21.03 -12.90 -30.10
CA ASN A 230 -21.50 -12.59 -28.75
C ASN A 230 -22.97 -12.94 -28.65
N VAL A 231 -23.44 -13.05 -27.40
CA VAL A 231 -24.85 -13.22 -27.09
C VAL A 231 -25.24 -12.10 -26.14
N THR A 232 -26.36 -11.45 -26.40
CA THR A 232 -26.80 -10.33 -25.59
C THR A 232 -28.24 -10.52 -25.18
N ILE A 233 -28.61 -9.86 -24.08
CA ILE A 233 -29.96 -9.90 -23.54
C ILE A 233 -30.35 -8.47 -23.18
N HIS A 234 -31.43 -7.98 -23.78
CA HIS A 234 -31.89 -6.61 -23.59
C HIS A 234 -33.30 -6.63 -23.00
N PHE A 235 -33.49 -5.85 -21.93
CA PHE A 235 -34.82 -5.63 -21.37
C PHE A 235 -34.78 -4.37 -20.54
N ARG A 236 -35.98 -3.85 -20.22
CA ARG A 236 -36.13 -2.61 -19.48
C ARG A 236 -37.04 -2.82 -18.29
N LEU A 237 -36.81 -2.03 -17.24
CA LEU A 237 -37.56 -2.15 -15.99
C LEU A 237 -37.82 -0.77 -15.41
N LYS A 238 -39.08 -0.47 -15.12
CA LYS A 238 -39.47 0.82 -14.56
C LYS A 238 -39.53 0.72 -13.04
N THR A 239 -38.89 1.68 -12.37
CA THR A 239 -38.87 1.77 -10.93
C THR A 239 -39.43 3.13 -10.53
N ILE A 240 -39.60 3.34 -9.23
CA ILE A 240 -39.94 4.64 -8.67
C ILE A 240 -39.03 4.89 -7.48
N ASN A 241 -38.34 6.03 -7.48
CA ASN A 241 -37.39 6.36 -6.42
C ASN A 241 -38.16 6.89 -5.22
N LEU A 242 -38.59 5.96 -4.35
CA LEU A 242 -39.26 6.36 -3.12
C LEU A 242 -38.31 6.99 -2.11
N GLN A 243 -37.00 6.76 -2.26
CA GLN A 243 -36.03 7.40 -1.37
C GLN A 243 -36.11 8.92 -1.43
N SER A 244 -36.69 9.47 -2.50
CA SER A 244 -36.85 10.92 -2.64
C SER A 244 -38.06 11.41 -1.86
N LEU A 245 -38.12 11.01 -0.60
CA LEU A 245 -39.09 11.56 0.35
C LEU A 245 -38.42 12.43 1.40
N ILE A 246 -37.10 12.55 1.36
CA ILE A 246 -36.42 13.58 2.14
C ILE A 246 -36.59 14.94 1.50
N ASN A 247 -36.18 15.06 0.24
CA ASN A 247 -36.43 16.27 -0.54
C ASN A 247 -37.90 16.45 -0.88
N ASN A 248 -38.73 15.44 -0.68
CA ASN A 248 -40.11 15.38 -1.13
C ASN A 248 -40.25 15.52 -2.64
N GLU A 249 -39.14 15.44 -3.37
CA GLU A 249 -39.14 15.48 -4.83
C GLU A 249 -39.22 14.04 -5.34
N ILE A 250 -40.25 13.35 -4.87
CA ILE A 250 -40.41 11.91 -5.08
C ILE A 250 -40.62 11.51 -6.53
N PRO A 251 -41.31 12.28 -7.41
CA PRO A 251 -41.60 11.73 -8.74
C PRO A 251 -40.36 11.56 -9.59
N ASP A 252 -39.37 10.81 -9.08
CA ASP A 252 -38.26 10.32 -9.88
C ASP A 252 -38.64 8.91 -10.28
N CYS A 253 -38.90 8.70 -11.56
CA CYS A 253 -39.63 7.53 -12.02
C CYS A 253 -38.79 6.89 -13.12
N TYR A 254 -37.80 6.10 -12.74
CA TYR A 254 -36.73 5.72 -13.66
C TYR A 254 -37.20 4.68 -14.66
N THR A 255 -36.30 4.35 -15.58
CA THR A 255 -36.48 3.23 -16.51
C THR A 255 -35.08 2.69 -16.82
N PHE A 256 -34.73 1.58 -16.19
CA PHE A 256 -33.41 0.98 -16.38
C PHE A 256 -33.40 0.15 -17.65
N SER A 257 -32.37 0.32 -18.46
CA SER A 257 -32.12 -0.51 -19.63
C SER A 257 -30.97 -1.45 -19.29
N VAL A 258 -31.26 -2.74 -19.16
CA VAL A 258 -30.29 -3.72 -18.70
C VAL A 258 -29.75 -4.48 -19.91
N LEU A 259 -28.44 -4.59 -20.00
CA LEU A 259 -27.77 -5.32 -21.08
C LEU A 259 -26.83 -6.34 -20.47
N ILE A 260 -27.10 -7.62 -20.74
CA ILE A 260 -26.26 -8.72 -20.29
C ILE A 260 -25.52 -9.26 -21.50
N THR A 261 -24.19 -9.15 -21.49
CA THR A 261 -23.36 -9.50 -22.64
C THR A 261 -22.57 -10.76 -22.34
N PHE A 262 -22.65 -11.73 -23.25
CA PHE A 262 -21.80 -12.91 -23.25
C PHE A 262 -20.85 -12.74 -24.43
N ASP A 263 -19.60 -12.35 -24.14
CA ASP A 263 -18.71 -11.80 -25.14
C ASP A 263 -17.67 -12.83 -25.57
N ASN A 264 -17.58 -13.08 -26.88
CA ASN A 264 -16.68 -14.08 -27.44
C ASN A 264 -15.83 -13.48 -28.56
N LYS A 265 -15.22 -12.32 -28.29
CA LYS A 265 -14.36 -11.70 -29.31
C LYS A 265 -13.06 -12.46 -29.49
N ALA A 266 -12.39 -12.78 -28.38
CA ALA A 266 -11.06 -13.37 -28.46
C ALA A 266 -11.06 -14.80 -28.98
N HIS A 267 -12.21 -15.48 -28.94
CA HIS A 267 -12.31 -16.88 -29.33
C HIS A 267 -11.27 -17.73 -28.59
N SER A 268 -11.28 -17.59 -27.26
CA SER A 268 -10.29 -18.23 -26.40
C SER A 268 -10.81 -19.45 -25.66
N GLY A 269 -12.11 -19.75 -25.76
CA GLY A 269 -12.70 -20.72 -24.88
C GLY A 269 -13.12 -20.16 -23.54
N ARG A 270 -12.96 -18.86 -23.33
CA ARG A 270 -13.36 -18.19 -22.10
C ARG A 270 -14.27 -17.03 -22.48
N ILE A 271 -15.52 -17.08 -22.03
CA ILE A 271 -16.52 -16.10 -22.42
C ILE A 271 -16.90 -15.25 -21.21
N PRO A 272 -16.35 -14.05 -21.07
CA PRO A 272 -16.72 -13.21 -19.92
C PRO A 272 -18.16 -12.75 -20.00
N ILE A 273 -18.78 -12.59 -18.83
CA ILE A 273 -20.19 -12.24 -18.71
C ILE A 273 -20.28 -10.95 -17.91
N SER A 274 -21.09 -10.01 -18.40
CA SER A 274 -21.20 -8.69 -17.79
C SER A 274 -22.65 -8.26 -17.75
N LEU A 275 -22.94 -7.29 -16.88
CA LEU A 275 -24.26 -6.70 -16.79
C LEU A 275 -24.08 -5.19 -16.63
N GLU A 276 -24.48 -4.44 -17.65
CA GLU A 276 -24.45 -2.98 -17.60
C GLU A 276 -25.89 -2.45 -17.67
N THR A 277 -26.10 -1.29 -17.06
CA THR A 277 -27.41 -0.67 -17.01
C THR A 277 -27.31 0.81 -17.40
N GLN A 278 -28.45 1.38 -17.76
CA GLN A 278 -28.55 2.79 -18.10
C GLN A 278 -29.90 3.30 -17.62
N ALA A 279 -29.88 4.32 -16.77
CA ALA A 279 -31.09 4.90 -16.24
C ALA A 279 -31.58 6.05 -17.11
N HIS A 280 -32.88 6.30 -17.04
CA HIS A 280 -33.52 7.37 -17.82
C HIS A 280 -34.56 8.03 -16.90
N ILE A 281 -34.14 9.07 -16.19
CA ILE A 281 -35.03 9.72 -15.22
C ILE A 281 -36.17 10.43 -15.95
N GLN A 282 -37.30 10.60 -15.25
CA GLN A 282 -38.49 11.22 -15.82
C GLN A 282 -39.32 11.87 -14.70
N GLU A 283 -40.51 12.35 -15.05
CA GLU A 283 -41.50 12.79 -14.06
C GLU A 283 -42.67 11.81 -14.02
N CYS A 284 -42.97 11.31 -12.83
CA CYS A 284 -43.85 10.16 -12.67
C CYS A 284 -45.30 10.58 -12.44
N LYS A 285 -45.78 11.49 -13.28
CA LYS A 285 -47.18 11.89 -13.38
C LYS A 285 -47.88 12.08 -12.04
N HIS A 286 -47.23 12.76 -11.10
CA HIS A 286 -47.85 13.09 -9.81
C HIS A 286 -47.12 14.24 -9.15
N PRO A 287 -47.20 15.46 -9.70
CA PRO A 287 -46.39 16.57 -9.17
C PRO A 287 -47.11 17.44 -8.16
N SER A 288 -46.35 18.36 -7.55
CA SER A 288 -46.91 19.46 -6.75
C SER A 288 -47.70 18.98 -5.54
N VAL A 289 -47.20 17.93 -4.88
CA VAL A 289 -47.77 17.51 -3.60
C VAL A 289 -47.06 18.19 -2.44
N PHE A 290 -45.75 18.33 -2.53
CA PHE A 290 -44.95 19.11 -1.60
C PHE A 290 -44.09 20.13 -2.33
N GLN A 291 -44.18 20.18 -3.65
CA GLN A 291 -43.29 20.90 -4.54
C GLN A 291 -43.51 22.42 -4.50
N HIS A 292 -44.63 22.87 -3.91
CA HIS A 292 -44.96 24.29 -3.83
C HIS A 292 -43.93 25.10 -3.07
N GLY A 293 -43.15 24.48 -2.19
CA GLY A 293 -42.18 25.22 -1.40
C GLY A 293 -40.77 25.13 -1.94
N ASP A 294 -40.51 24.12 -2.77
CA ASP A 294 -39.18 23.87 -3.31
C ASP A 294 -39.07 24.20 -4.79
N ASN A 295 -40.16 24.60 -5.45
CA ASN A 295 -40.07 24.96 -6.86
C ASN A 295 -39.23 26.20 -7.08
N SER A 296 -39.35 27.18 -6.18
CA SER A 296 -38.74 28.48 -6.41
C SER A 296 -37.28 28.55 -6.01
N PHE A 297 -36.88 27.78 -4.99
CA PHE A 297 -35.57 28.01 -4.37
C PHE A 297 -34.43 27.70 -5.34
N ARG A 298 -34.47 26.53 -5.98
CA ARG A 298 -33.36 26.12 -6.83
C ARG A 298 -33.23 27.03 -8.05
N LEU A 299 -34.34 27.32 -8.72
CA LEU A 299 -34.28 28.17 -9.91
C LEU A 299 -33.90 29.61 -9.55
N LEU A 300 -34.37 30.10 -8.40
CA LEU A 300 -33.99 31.44 -7.98
C LEU A 300 -32.50 31.51 -7.65
N PHE A 301 -31.97 30.48 -6.99
CA PHE A 301 -30.54 30.48 -6.71
C PHE A 301 -29.73 30.39 -8.00
N ASP A 302 -30.22 29.63 -8.98
CA ASP A 302 -29.50 29.53 -10.24
C ASP A 302 -29.49 30.86 -10.99
N VAL A 303 -30.62 31.58 -10.99
CA VAL A 303 -30.62 32.86 -11.69
C VAL A 303 -29.82 33.90 -10.91
N VAL A 304 -29.75 33.79 -9.59
CA VAL A 304 -28.88 34.68 -8.82
C VAL A 304 -27.42 34.44 -9.18
N VAL A 305 -27.02 33.17 -9.30
CA VAL A 305 -25.64 32.86 -9.70
C VAL A 305 -25.36 33.42 -11.09
N ILE A 306 -26.32 33.25 -12.01
CA ILE A 306 -26.13 33.74 -13.38
C ILE A 306 -25.95 35.25 -13.39
N LEU A 307 -26.78 35.97 -12.63
CA LEU A 307 -26.70 37.43 -12.62
C LEU A 307 -25.40 37.91 -11.99
N THR A 308 -24.99 37.29 -10.86
CA THR A 308 -23.74 37.67 -10.22
C THR A 308 -22.56 37.44 -11.14
N CYS A 309 -22.52 36.30 -11.82
CA CYS A 309 -21.39 36.03 -12.70
C CYS A 309 -21.39 36.93 -13.94
N SER A 310 -22.56 37.29 -14.44
CA SER A 310 -22.60 38.20 -15.58
C SER A 310 -22.13 39.60 -15.18
N LEU A 311 -22.53 40.06 -13.99
CA LEU A 311 -22.04 41.34 -13.48
C LEU A 311 -20.52 41.32 -13.33
N SER A 312 -19.99 40.26 -12.72
CA SER A 312 -18.54 40.13 -12.59
C SER A 312 -17.85 40.17 -13.95
N PHE A 313 -18.40 39.45 -14.94
CA PHE A 313 -17.80 39.44 -16.28
C PHE A 313 -17.79 40.83 -16.89
N LEU A 314 -18.89 41.57 -16.75
CA LEU A 314 -18.93 42.91 -17.35
C LEU A 314 -17.95 43.86 -16.67
N LEU A 315 -17.83 43.78 -15.34
CA LEU A 315 -16.85 44.62 -14.66
C LEU A 315 -15.43 44.29 -15.08
N CYS A 316 -15.09 43.00 -15.16
CA CYS A 316 -13.73 42.64 -15.57
C CYS A 316 -13.47 43.01 -17.03
N ALA A 317 -14.49 42.97 -17.88
CA ALA A 317 -14.30 43.41 -19.26
C ALA A 317 -14.05 44.90 -19.34
N ARG A 318 -14.80 45.69 -18.56
CA ARG A 318 -14.51 47.12 -18.45
C ARG A 318 -13.07 47.37 -18.03
N SER A 319 -12.61 46.64 -17.00
CA SER A 319 -11.25 46.85 -16.51
C SER A 319 -10.20 46.46 -17.55
N LEU A 320 -10.43 45.37 -18.28
CA LEU A 320 -9.45 44.97 -19.29
C LEU A 320 -9.41 45.94 -20.44
N LEU A 321 -10.56 46.51 -20.83
CA LEU A 321 -10.55 47.54 -21.86
C LEU A 321 -9.82 48.78 -21.38
N ARG A 322 -10.03 49.16 -20.12
CA ARG A 322 -9.28 50.27 -19.53
C ARG A 322 -7.77 50.04 -19.63
N GLY A 323 -7.33 48.83 -19.26
CA GLY A 323 -5.92 48.51 -19.35
C GLY A 323 -5.39 48.58 -20.77
N PHE A 324 -6.18 48.08 -21.73
CA PHE A 324 -5.77 48.15 -23.14
C PHE A 324 -5.60 49.59 -23.60
N LEU A 325 -6.54 50.47 -23.21
CA LEU A 325 -6.45 51.86 -23.65
C LEU A 325 -5.26 52.57 -23.01
N LEU A 326 -5.01 52.30 -21.72
CA LEU A 326 -3.83 52.89 -21.08
C LEU A 326 -2.55 52.39 -21.75
N GLN A 327 -2.51 51.11 -22.12
CA GLN A 327 -1.35 50.59 -22.81
C GLN A 327 -1.13 51.30 -24.14
N ASN A 328 -2.17 51.45 -24.94
CA ASN A 328 -2.02 52.08 -26.25
C ASN A 328 -1.70 53.57 -26.11
N GLU A 329 -2.07 54.18 -24.99
CA GLU A 329 -1.61 55.54 -24.72
C GLU A 329 -0.12 55.55 -24.41
N PHE A 330 0.34 54.54 -23.65
CA PHE A 330 1.75 54.49 -23.28
C PHE A 330 2.65 54.28 -24.49
N VAL A 331 2.25 53.42 -25.43
CA VAL A 331 3.11 53.19 -26.59
C VAL A 331 3.22 54.45 -27.44
N GLY A 332 2.12 55.20 -27.56
CA GLY A 332 2.17 56.45 -28.30
C GLY A 332 3.06 57.48 -27.64
N PHE A 333 2.91 57.68 -26.33
CA PHE A 333 3.72 58.70 -25.68
C PHE A 333 5.19 58.28 -25.60
N MET A 334 5.46 56.98 -25.65
CA MET A 334 6.84 56.52 -25.78
C MET A 334 7.34 56.70 -27.21
N TRP A 335 6.43 56.68 -28.19
CA TRP A 335 6.79 57.06 -29.55
C TRP A 335 7.15 58.54 -29.61
N ARG A 336 6.57 59.34 -28.72
CA ARG A 336 6.90 60.77 -28.71
C ARG A 336 8.37 61.01 -28.44
N GLN A 337 8.89 60.49 -27.32
CA GLN A 337 10.31 60.65 -27.02
C GLN A 337 11.15 59.65 -27.81
N ARG A 338 10.58 58.48 -28.14
CA ARG A 338 11.23 57.55 -29.06
C ARG A 338 12.53 57.01 -28.47
N GLY A 339 12.44 56.36 -27.32
CA GLY A 339 13.64 55.91 -26.61
C GLY A 339 13.69 54.41 -26.45
N ARG A 340 13.48 53.97 -25.21
CA ARG A 340 13.79 52.62 -24.75
C ARG A 340 12.78 51.59 -25.27
N VAL A 341 12.83 51.32 -26.56
CA VAL A 341 11.90 50.40 -27.21
C VAL A 341 12.65 49.16 -27.67
N ILE A 342 12.00 48.00 -27.50
CA ILE A 342 12.49 46.70 -27.94
C ILE A 342 11.34 46.03 -28.67
N SER A 343 11.47 44.74 -28.97
CA SER A 343 10.37 43.98 -29.57
C SER A 343 9.09 44.05 -28.74
N LEU A 344 9.15 44.67 -27.56
CA LEU A 344 7.98 44.99 -26.74
C LEU A 344 7.20 43.74 -26.31
N TRP A 345 7.84 42.92 -25.48
CA TRP A 345 7.14 41.84 -24.82
C TRP A 345 6.49 42.32 -23.52
N GLU A 346 6.93 43.47 -23.00
CA GLU A 346 6.37 43.98 -21.74
C GLU A 346 5.08 44.76 -21.96
N ARG A 347 4.81 45.19 -23.19
CA ARG A 347 3.50 45.74 -23.48
C ARG A 347 2.39 44.73 -23.19
N LEU A 348 2.71 43.43 -23.29
CA LEU A 348 1.81 42.40 -22.80
C LEU A 348 1.88 42.26 -21.30
N GLU A 349 3.01 42.60 -20.67
CA GLU A 349 3.08 42.56 -19.22
C GLU A 349 2.25 43.67 -18.60
N PHE A 350 1.70 44.56 -19.42
CA PHE A 350 0.81 45.60 -18.93
C PHE A 350 -0.52 45.01 -18.44
N VAL A 351 -0.81 43.76 -18.81
CA VAL A 351 -2.13 43.18 -18.58
C VAL A 351 -2.22 42.56 -17.18
N ASN A 352 -3.46 42.35 -16.71
CA ASN A 352 -3.71 41.79 -15.40
C ASN A 352 -4.23 40.36 -15.52
N GLY A 353 -3.42 39.38 -15.13
CA GLY A 353 -3.81 37.98 -15.27
C GLY A 353 -4.99 37.57 -14.41
N TRP A 354 -5.16 38.22 -13.26
CA TRP A 354 -6.26 37.87 -12.37
C TRP A 354 -7.62 38.13 -13.03
N TYR A 355 -7.70 39.17 -13.85
CA TYR A 355 -8.96 39.44 -14.55
C TYR A 355 -9.22 38.39 -15.63
N ILE A 356 -8.17 37.90 -16.28
CA ILE A 356 -8.32 36.79 -17.22
C ILE A 356 -8.88 35.57 -16.50
N LEU A 357 -8.28 35.23 -15.36
CA LEU A 357 -8.76 34.10 -14.57
C LEU A 357 -10.22 34.28 -14.18
N LEU A 358 -10.58 35.48 -13.72
CA LEU A 358 -11.95 35.74 -13.29
C LEU A 358 -12.93 35.63 -14.44
N VAL A 359 -12.57 36.17 -15.61
CA VAL A 359 -13.46 36.11 -16.77
C VAL A 359 -13.69 34.67 -17.18
N THR A 360 -12.61 33.88 -17.26
CA THR A 360 -12.76 32.46 -17.57
C THR A 360 -13.67 31.77 -16.56
N SER A 361 -13.50 32.10 -15.28
CA SER A 361 -14.28 31.43 -14.25
C SER A 361 -15.77 31.78 -14.35
N ASP A 362 -16.11 33.03 -14.64
CA ASP A 362 -17.54 33.34 -14.74
C ASP A 362 -18.14 32.79 -16.03
N VAL A 363 -17.37 32.74 -17.12
CA VAL A 363 -17.87 32.11 -18.34
C VAL A 363 -18.19 30.65 -18.07
N LEU A 364 -17.26 29.93 -17.46
CA LEU A 364 -17.51 28.52 -17.13
C LEU A 364 -18.70 28.39 -16.18
N THR A 365 -18.81 29.28 -15.19
CA THR A 365 -19.89 29.14 -14.21
C THR A 365 -21.24 29.34 -14.86
N ILE A 366 -21.40 30.37 -15.71
CA ILE A 366 -22.69 30.60 -16.32
C ILE A 366 -23.02 29.52 -17.34
N SER A 367 -22.01 29.06 -18.10
CA SER A 367 -22.25 28.01 -19.07
C SER A 367 -22.64 26.70 -18.39
N GLY A 368 -22.11 26.43 -17.21
CA GLY A 368 -22.51 25.23 -16.49
C GLY A 368 -23.82 25.37 -15.74
N THR A 369 -24.15 26.61 -15.32
CA THR A 369 -25.41 26.80 -14.62
C THR A 369 -26.59 26.74 -15.60
N ILE A 370 -26.40 27.17 -16.84
CA ILE A 370 -27.45 27.00 -17.84
C ILE A 370 -27.75 25.51 -18.04
N MET A 371 -26.70 24.69 -18.15
CA MET A 371 -26.91 23.26 -18.33
C MET A 371 -27.47 22.60 -17.08
N LYS A 372 -27.11 23.09 -15.90
CA LYS A 372 -27.71 22.55 -14.67
C LYS A 372 -29.20 22.85 -14.62
N ILE A 373 -29.59 24.07 -15.01
CA ILE A 373 -31.01 24.43 -15.10
C ILE A 373 -31.72 23.50 -16.07
N GLY A 374 -31.10 23.27 -17.23
CA GLY A 374 -31.69 22.33 -18.18
C GLY A 374 -31.83 20.93 -17.64
N ILE A 375 -30.81 20.45 -16.92
CA ILE A 375 -30.80 19.08 -16.43
C ILE A 375 -31.87 18.87 -15.38
N GLU A 376 -31.85 19.69 -14.33
CA GLU A 376 -32.65 19.37 -13.14
C GLU A 376 -34.15 19.42 -13.39
N ALA A 377 -34.62 20.02 -14.49
CA ALA A 377 -36.05 19.97 -14.76
C ALA A 377 -36.39 19.49 -16.17
N LYS A 378 -35.64 19.93 -17.18
CA LYS A 378 -35.98 19.68 -18.57
C LYS A 378 -35.35 18.37 -19.06
N ASN A 379 -35.33 18.18 -20.38
CA ASN A 379 -34.89 16.95 -21.01
C ASN A 379 -33.38 16.82 -21.11
N LEU A 380 -32.61 17.76 -20.58
CA LEU A 380 -31.16 17.64 -20.58
C LEU A 380 -30.74 16.48 -19.67
N ALA A 381 -30.05 15.49 -20.25
CA ALA A 381 -29.45 14.41 -19.48
C ALA A 381 -28.00 14.27 -19.93
N SER A 382 -27.14 15.13 -19.39
CA SER A 382 -25.69 15.01 -19.57
C SER A 382 -25.05 15.65 -18.35
N TYR A 383 -24.76 14.83 -17.35
CA TYR A 383 -24.22 15.33 -16.09
C TYR A 383 -22.71 15.48 -16.12
N ASP A 384 -22.03 14.77 -17.01
CA ASP A 384 -20.57 14.77 -17.02
C ASP A 384 -20.04 16.16 -17.37
N VAL A 385 -20.49 16.73 -18.48
CA VAL A 385 -20.00 18.04 -18.91
C VAL A 385 -20.40 19.13 -17.92
N CYS A 386 -21.63 19.05 -17.42
CA CYS A 386 -22.08 20.05 -16.45
C CYS A 386 -21.24 20.01 -15.19
N SER A 387 -20.95 18.81 -14.66
CA SER A 387 -20.15 18.71 -13.46
C SER A 387 -18.72 19.15 -13.71
N ILE A 388 -18.18 18.86 -14.89
CA ILE A 388 -16.82 19.30 -15.20
C ILE A 388 -16.75 20.82 -15.23
N LEU A 389 -17.72 21.45 -15.90
CA LEU A 389 -17.76 22.92 -15.97
C LEU A 389 -17.87 23.52 -14.57
N LEU A 390 -18.81 23.03 -13.76
CA LEU A 390 -19.01 23.61 -12.44
C LEU A 390 -17.80 23.40 -11.54
N GLY A 391 -17.18 22.20 -11.60
CA GLY A 391 -16.03 21.95 -10.77
C GLY A 391 -14.82 22.78 -11.16
N THR A 392 -14.59 22.93 -12.47
CA THR A 392 -13.49 23.78 -12.91
C THR A 392 -13.71 25.23 -12.53
N SER A 393 -14.95 25.71 -12.64
CA SER A 393 -15.23 27.09 -12.26
C SER A 393 -15.02 27.29 -10.77
N THR A 394 -15.41 26.31 -9.94
CA THR A 394 -15.20 26.44 -8.50
C THR A 394 -13.72 26.39 -8.16
N LEU A 395 -12.96 25.52 -8.83
CA LEU A 395 -11.52 25.47 -8.62
C LEU A 395 -10.88 26.83 -8.93
N LEU A 396 -11.25 27.43 -10.06
CA LEU A 396 -10.68 28.72 -10.43
C LEU A 396 -11.10 29.82 -9.46
N VAL A 397 -12.36 29.81 -9.03
CA VAL A 397 -12.84 30.79 -8.08
C VAL A 397 -12.11 30.69 -6.75
N TRP A 398 -11.75 29.48 -6.33
CA TRP A 398 -11.02 29.35 -5.07
C TRP A 398 -9.53 29.63 -5.23
N VAL A 399 -8.96 29.42 -6.42
CA VAL A 399 -7.59 29.84 -6.67
C VAL A 399 -7.49 31.36 -6.72
N GLY A 400 -8.59 32.04 -7.08
CA GLY A 400 -8.55 33.49 -7.17
C GLY A 400 -8.45 34.24 -5.85
N VAL A 401 -8.28 33.54 -4.73
CA VAL A 401 -8.06 34.20 -3.44
C VAL A 401 -6.60 34.53 -3.22
N ILE A 402 -5.69 33.80 -3.88
CA ILE A 402 -4.28 34.13 -3.87
C ILE A 402 -4.07 35.60 -4.20
N ARG A 403 -4.95 36.18 -5.02
CA ARG A 403 -4.86 37.59 -5.34
C ARG A 403 -5.08 38.44 -4.10
N TYR A 404 -6.06 38.08 -3.27
CA TYR A 404 -6.29 38.81 -2.04
C TYR A 404 -5.18 38.57 -1.03
N LEU A 405 -4.41 37.50 -1.19
CA LEU A 405 -3.27 37.30 -0.31
C LEU A 405 -2.03 38.06 -0.75
N THR A 406 -1.91 38.42 -2.04
CA THR A 406 -0.70 39.09 -2.50
C THR A 406 -0.71 40.59 -2.17
N PHE A 407 -1.71 41.04 -1.41
CA PHE A 407 -1.73 42.44 -1.02
C PHE A 407 -0.87 42.69 0.22
N PHE A 408 -0.59 41.63 0.97
CA PHE A 408 0.22 41.75 2.18
C PHE A 408 1.62 41.23 1.93
N HIS A 409 2.59 41.78 2.67
CA HIS A 409 3.99 41.63 2.29
C HIS A 409 4.49 40.20 2.45
N ASN A 410 4.13 39.53 3.55
CA ASN A 410 4.70 38.22 3.83
C ASN A 410 4.11 37.15 2.92
N TYR A 411 2.78 37.12 2.80
CA TYR A 411 2.15 36.22 1.83
C TYR A 411 2.64 36.49 0.43
N ASN A 412 2.92 37.76 0.11
CA ASN A 412 3.44 38.08 -1.21
C ASN A 412 4.85 37.53 -1.41
N ILE A 413 5.64 37.44 -0.34
CA ILE A 413 6.95 36.81 -0.44
C ILE A 413 6.79 35.33 -0.76
N LEU A 414 5.88 34.67 -0.04
CA LEU A 414 5.67 33.24 -0.30
C LEU A 414 5.11 32.98 -1.71
N ILE A 415 4.35 33.92 -2.26
CA ILE A 415 3.82 33.74 -3.61
C ILE A 415 4.88 34.07 -4.67
N ALA A 416 5.66 35.12 -4.43
CA ALA A 416 6.70 35.52 -5.37
C ALA A 416 7.79 34.48 -5.47
N THR A 417 8.06 33.74 -4.40
CA THR A 417 9.03 32.66 -4.48
C THR A 417 8.61 31.63 -5.53
N LEU A 418 7.35 31.19 -5.50
CA LEU A 418 6.88 30.23 -6.48
C LEU A 418 6.83 30.83 -7.87
N ARG A 419 6.41 32.09 -7.98
CA ARG A 419 6.36 32.73 -9.30
C ARG A 419 7.75 32.86 -9.91
N VAL A 420 8.78 33.03 -9.08
CA VAL A 420 10.15 33.10 -9.60
C VAL A 420 10.68 31.72 -9.92
N ALA A 421 10.30 30.70 -9.14
CA ALA A 421 10.83 29.35 -9.36
C ALA A 421 10.17 28.62 -10.52
N LEU A 422 8.98 29.06 -10.97
CA LEU A 422 8.25 28.30 -11.98
C LEU A 422 8.99 28.07 -13.29
N PRO A 423 9.67 29.06 -13.91
CA PRO A 423 10.34 28.78 -15.20
C PRO A 423 11.39 27.68 -15.16
N SER A 424 12.29 27.71 -14.16
CA SER A 424 13.28 26.64 -14.04
C SER A 424 12.61 25.30 -13.85
N VAL A 425 11.51 25.28 -13.10
CA VAL A 425 10.76 24.04 -12.89
C VAL A 425 10.25 23.51 -14.21
N MET A 426 9.74 24.39 -15.08
CA MET A 426 9.19 23.91 -16.35
C MET A 426 10.28 23.44 -17.31
N ARG A 427 11.44 24.09 -17.30
CA ARG A 427 12.53 23.61 -18.15
C ARG A 427 13.05 22.26 -17.69
N PHE A 428 13.24 22.10 -16.38
CA PHE A 428 13.60 20.79 -15.86
C PHE A 428 12.52 19.77 -16.17
N CYS A 429 11.26 20.18 -16.19
CA CYS A 429 10.20 19.27 -16.56
C CYS A 429 10.30 18.85 -18.02
N CYS A 430 10.79 19.72 -18.89
CA CYS A 430 11.04 19.29 -20.27
C CYS A 430 12.08 18.18 -20.33
N CYS A 431 13.23 18.40 -19.68
CA CYS A 431 14.27 17.38 -19.69
C CYS A 431 13.78 16.05 -19.10
N VAL A 432 13.13 16.14 -17.94
CA VAL A 432 12.65 14.93 -17.28
C VAL A 432 11.56 14.26 -18.10
N ALA A 433 10.63 15.04 -18.70
CA ALA A 433 9.71 14.54 -19.71
C ALA A 433 10.40 13.60 -20.70
N VAL A 434 11.47 14.05 -21.34
CA VAL A 434 12.02 13.21 -22.41
C VAL A 434 12.63 11.93 -21.83
N ILE A 435 13.33 12.03 -20.70
CA ILE A 435 13.91 10.80 -20.13
C ILE A 435 12.82 9.83 -19.68
N TYR A 436 11.77 10.36 -19.03
CA TYR A 436 10.68 9.55 -18.51
C TYR A 436 9.89 8.89 -19.64
N LEU A 437 9.76 9.58 -20.78
CA LEU A 437 9.07 9.00 -21.92
C LEU A 437 9.88 7.86 -22.52
N GLY A 438 11.20 8.03 -22.62
CA GLY A 438 12.03 6.91 -23.03
C GLY A 438 11.84 5.70 -22.13
N TYR A 439 11.84 5.93 -20.82
CA TYR A 439 11.66 4.82 -19.88
C TYR A 439 10.29 4.17 -20.03
N CYS A 440 9.25 4.97 -20.27
CA CYS A 440 7.91 4.42 -20.45
C CYS A 440 7.85 3.52 -21.67
N PHE A 441 8.42 3.97 -22.79
CA PHE A 441 8.43 3.14 -23.99
C PHE A 441 9.17 1.83 -23.76
N CYS A 442 10.37 1.90 -23.17
CA CYS A 442 11.15 0.68 -22.95
C CYS A 442 10.41 -0.29 -22.03
N GLY A 443 9.86 0.23 -20.92
CA GLY A 443 9.17 -0.65 -19.99
C GLY A 443 7.93 -1.28 -20.58
N TRP A 444 7.13 -0.50 -21.30
CA TRP A 444 5.97 -1.06 -21.98
C TRP A 444 6.37 -2.20 -22.90
N ILE A 445 7.34 -1.96 -23.80
CA ILE A 445 7.65 -2.96 -24.82
C ILE A 445 8.25 -4.21 -24.19
N VAL A 446 9.02 -4.08 -23.12
CA VAL A 446 9.70 -5.26 -22.59
C VAL A 446 8.84 -6.01 -21.58
N LEU A 447 8.26 -5.31 -20.60
CA LEU A 447 7.54 -5.96 -19.52
C LEU A 447 6.05 -6.13 -19.81
N GLY A 448 5.56 -5.64 -20.95
CA GLY A 448 4.18 -5.84 -21.33
C GLY A 448 3.74 -7.29 -21.40
N PRO A 449 4.46 -8.14 -22.14
CA PRO A 449 4.01 -9.53 -22.31
C PRO A 449 3.91 -10.34 -21.02
N TYR A 450 4.52 -9.90 -19.93
CA TYR A 450 4.59 -10.72 -18.72
C TYR A 450 3.79 -10.17 -17.55
N HIS A 451 3.62 -8.86 -17.45
CA HIS A 451 2.98 -8.26 -16.30
C HIS A 451 1.84 -7.35 -16.74
N VAL A 452 0.72 -7.43 -16.05
CA VAL A 452 -0.49 -6.74 -16.48
C VAL A 452 -0.47 -5.26 -16.13
N LYS A 453 0.39 -4.83 -15.19
CA LYS A 453 0.55 -3.42 -14.92
C LYS A 453 1.29 -2.67 -16.02
N PHE A 454 1.81 -3.37 -17.02
CA PHE A 454 2.63 -2.77 -18.07
C PHE A 454 2.05 -3.01 -19.45
N ARG A 455 0.71 -3.13 -19.54
CA ARG A 455 0.09 -3.44 -20.82
C ARG A 455 -0.15 -2.19 -21.66
N SER A 456 -0.77 -1.18 -21.07
CA SER A 456 -1.04 0.08 -21.77
C SER A 456 0.04 1.09 -21.46
N LEU A 457 0.20 2.05 -22.37
CA LEU A 457 1.13 3.14 -22.12
C LEU A 457 0.65 4.02 -20.99
N SER A 458 -0.67 4.21 -20.88
CA SER A 458 -1.22 4.95 -19.74
C SER A 458 -0.98 4.22 -18.44
N MET A 459 -1.09 2.89 -18.45
CA MET A 459 -0.86 2.13 -17.23
C MET A 459 0.61 2.13 -16.82
N VAL A 460 1.53 2.01 -17.79
CA VAL A 460 2.94 2.07 -17.42
C VAL A 460 3.30 3.46 -16.95
N SER A 461 2.67 4.51 -17.52
CA SER A 461 2.94 5.86 -17.05
C SER A 461 2.44 6.05 -15.62
N GLU A 462 1.25 5.54 -15.31
CA GLU A 462 0.74 5.64 -13.94
C GLU A 462 1.60 4.84 -12.97
N CYS A 463 2.06 3.67 -13.37
CA CYS A 463 2.90 2.86 -12.51
C CYS A 463 4.23 3.55 -12.22
N LEU A 464 4.84 4.15 -13.24
CA LEU A 464 6.11 4.83 -13.02
C LEU A 464 5.94 6.09 -12.19
N PHE A 465 4.86 6.84 -12.43
CA PHE A 465 4.62 8.04 -11.64
C PHE A 465 4.31 7.69 -10.18
N SER A 466 3.71 6.53 -9.94
CA SER A 466 3.53 6.07 -8.56
C SER A 466 4.85 5.60 -7.96
N LEU A 467 5.72 5.01 -8.78
CA LEU A 467 7.00 4.51 -8.27
C LEU A 467 7.92 5.64 -7.85
N ILE A 468 7.94 6.75 -8.59
CA ILE A 468 8.86 7.84 -8.25
C ILE A 468 8.37 8.58 -7.01
N ASN A 469 7.19 8.20 -6.49
CA ASN A 469 6.66 8.80 -5.28
C ASN A 469 6.49 7.80 -4.16
N GLY A 470 6.99 6.57 -4.33
CA GLY A 470 6.97 5.57 -3.29
C GLY A 470 5.64 4.89 -3.07
N ASP A 471 5.17 4.13 -4.06
CA ASP A 471 3.88 3.45 -3.95
C ASP A 471 3.87 2.21 -4.83
N ASP A 472 3.33 1.12 -4.28
CA ASP A 472 3.24 -0.19 -4.96
C ASP A 472 4.59 -0.66 -5.48
N MET A 473 5.65 -0.25 -4.79
CA MET A 473 7.00 -0.53 -5.23
C MET A 473 7.36 -1.99 -5.00
N PHE A 474 7.11 -2.51 -3.80
CA PHE A 474 7.40 -3.90 -3.53
C PHE A 474 6.41 -4.83 -4.22
N VAL A 475 5.16 -4.40 -4.41
CA VAL A 475 4.23 -5.22 -5.19
C VAL A 475 4.72 -5.35 -6.62
N THR A 476 5.22 -4.25 -7.20
CA THR A 476 5.82 -4.34 -8.53
C THR A 476 7.01 -5.30 -8.54
N PHE A 477 7.91 -5.15 -7.57
CA PHE A 477 9.09 -6.02 -7.52
C PHE A 477 8.70 -7.49 -7.39
N ALA A 478 7.70 -7.80 -6.58
CA ALA A 478 7.29 -9.19 -6.41
C ALA A 478 6.59 -9.73 -7.65
N ALA A 479 5.77 -8.90 -8.30
CA ALA A 479 5.19 -9.30 -9.57
C ALA A 479 6.27 -9.66 -10.58
N MET A 480 7.38 -8.90 -10.59
CA MET A 480 8.50 -9.28 -11.44
C MET A 480 9.15 -10.58 -10.97
N GLN A 481 9.32 -10.72 -9.66
CA GLN A 481 9.94 -11.92 -9.09
C GLN A 481 9.19 -13.19 -9.50
N ALA A 482 7.89 -13.09 -9.73
CA ALA A 482 7.08 -14.27 -10.01
C ALA A 482 7.34 -14.90 -11.39
N GLN A 483 8.31 -14.42 -12.17
CA GLN A 483 8.64 -15.04 -13.46
C GLN A 483 10.13 -15.29 -13.63
N GLN A 484 10.88 -15.40 -12.55
CA GLN A 484 12.31 -15.69 -12.65
C GLN A 484 12.55 -17.01 -13.38
N GLY A 485 11.79 -18.05 -13.01
CA GLY A 485 11.95 -19.34 -13.67
C GLY A 485 11.52 -19.31 -15.13
N ARG A 486 10.43 -18.60 -15.43
CA ARG A 486 10.00 -18.46 -16.81
C ARG A 486 11.10 -17.82 -17.66
N SER A 487 11.51 -16.61 -17.30
CA SER A 487 12.52 -15.90 -18.08
C SER A 487 13.50 -15.21 -17.14
N SER A 488 14.62 -15.87 -16.85
CA SER A 488 15.70 -15.24 -16.09
C SER A 488 16.21 -13.97 -16.77
N LEU A 489 16.23 -13.94 -18.10
CA LEU A 489 16.72 -12.76 -18.81
C LEU A 489 15.80 -11.57 -18.58
N VAL A 490 14.49 -11.77 -18.72
CA VAL A 490 13.55 -10.68 -18.48
C VAL A 490 13.53 -10.30 -16.99
N TRP A 491 13.76 -11.26 -16.11
CA TRP A 491 13.84 -10.93 -14.68
C TRP A 491 15.03 -10.03 -14.39
N LEU A 492 16.19 -10.37 -14.95
CA LEU A 492 17.37 -9.55 -14.74
C LEU A 492 17.21 -8.16 -15.35
N PHE A 493 16.61 -8.10 -16.54
CA PHE A 493 16.33 -6.80 -17.14
C PHE A 493 15.38 -5.97 -16.28
N SER A 494 14.38 -6.62 -15.68
CA SER A 494 13.43 -5.88 -14.85
C SER A 494 14.09 -5.38 -13.58
N GLN A 495 15.00 -6.17 -13.01
CA GLN A 495 15.77 -5.68 -11.86
C GLN A 495 16.56 -4.43 -12.23
N LEU A 496 17.37 -4.51 -13.28
CA LEU A 496 18.15 -3.35 -13.70
C LEU A 496 17.25 -2.16 -13.99
N TYR A 497 16.17 -2.39 -14.73
CA TYR A 497 15.25 -1.32 -15.14
C TYR A 497 14.65 -0.61 -13.94
N LEU A 498 14.05 -1.37 -13.02
CA LEU A 498 13.36 -0.77 -11.89
C LEU A 498 14.34 -0.06 -10.97
N TYR A 499 15.45 -0.71 -10.63
CA TYR A 499 16.42 -0.07 -9.74
C TYR A 499 16.95 1.22 -10.35
N SER A 500 17.40 1.16 -11.60
CA SER A 500 17.93 2.34 -12.28
C SER A 500 16.91 3.48 -12.30
N PHE A 501 15.67 3.18 -12.68
CA PHE A 501 14.66 4.22 -12.81
C PHE A 501 14.35 4.86 -11.46
N ILE A 502 14.04 4.05 -10.46
CA ILE A 502 13.66 4.60 -9.16
C ILE A 502 14.80 5.39 -8.56
N SER A 503 16.04 4.89 -8.68
CA SER A 503 17.17 5.59 -8.10
C SER A 503 17.42 6.92 -8.80
N LEU A 504 17.47 6.91 -10.13
CA LEU A 504 17.73 8.14 -10.87
C LEU A 504 16.64 9.17 -10.62
N PHE A 505 15.39 8.75 -10.43
CA PHE A 505 14.31 9.71 -10.33
C PHE A 505 14.02 10.15 -8.90
N ILE A 506 14.45 9.40 -7.89
CA ILE A 506 14.25 9.81 -6.51
C ILE A 506 15.47 10.52 -5.94
N TYR A 507 16.67 10.05 -6.26
CA TYR A 507 17.88 10.58 -5.65
C TYR A 507 18.55 11.68 -6.46
N MET A 508 18.03 12.01 -7.65
CA MET A 508 18.67 13.03 -8.48
C MET A 508 17.72 14.06 -9.06
N VAL A 509 16.43 13.78 -9.21
CA VAL A 509 15.49 14.69 -9.85
C VAL A 509 14.70 15.49 -8.82
N LEU A 510 14.12 14.80 -7.83
CA LEU A 510 13.39 15.51 -6.78
C LEU A 510 14.33 16.38 -5.96
N SER A 511 15.57 15.93 -5.77
CA SER A 511 16.57 16.75 -5.10
C SER A 511 16.82 18.04 -5.87
N LEU A 512 16.79 17.97 -7.20
CA LEU A 512 17.00 19.18 -7.99
C LEU A 512 15.78 20.08 -7.97
N PHE A 513 14.57 19.52 -7.90
CA PHE A 513 13.39 20.36 -7.66
C PHE A 513 13.52 21.12 -6.35
N ILE A 514 13.94 20.42 -5.29
CA ILE A 514 14.15 21.07 -4.00
C ILE A 514 15.22 22.16 -4.11
N ALA A 515 16.30 21.88 -4.84
CA ALA A 515 17.36 22.87 -5.00
C ALA A 515 16.87 24.12 -5.74
N LEU A 516 16.05 23.93 -6.77
CA LEU A 516 15.50 25.07 -7.50
C LEU A 516 14.63 25.92 -6.58
N ILE A 517 13.73 25.30 -5.83
CA ILE A 517 12.84 26.07 -4.97
C ILE A 517 13.63 26.78 -3.87
N THR A 518 14.67 26.13 -3.34
CA THR A 518 15.47 26.76 -2.29
C THR A 518 16.28 27.93 -2.82
N GLY A 519 16.84 27.80 -4.02
CA GLY A 519 17.51 28.92 -4.64
C GLY A 519 16.59 30.09 -4.89
N ALA A 520 15.37 29.81 -5.35
CA ALA A 520 14.40 30.88 -5.55
C ALA A 520 14.05 31.57 -4.25
N TYR A 521 13.85 30.81 -3.18
CA TYR A 521 13.55 31.40 -1.88
C TYR A 521 14.70 32.28 -1.40
N ASP A 522 15.94 31.82 -1.58
CA ASP A 522 17.09 32.63 -1.16
C ASP A 522 17.21 33.90 -1.98
N THR A 523 16.92 33.83 -3.29
CA THR A 523 16.95 35.05 -4.10
C THR A 523 15.85 36.02 -3.68
N ILE A 524 14.68 35.51 -3.30
CA ILE A 524 13.59 36.41 -2.91
C ILE A 524 13.90 37.06 -1.56
N LYS A 525 14.47 36.32 -0.62
CA LYS A 525 14.75 36.86 0.70
C LYS A 525 16.04 37.67 0.76
N HIS A 526 16.56 38.11 -0.37
CA HIS A 526 17.77 38.93 -0.38
C HIS A 526 17.69 39.98 -1.48
N ASP B 40 46.74 28.75 -37.13
CA ASP B 40 47.04 27.49 -37.80
C ASP B 40 45.98 26.44 -37.45
N LEU B 41 46.31 25.55 -36.52
CA LEU B 41 45.30 24.64 -35.97
C LEU B 41 44.25 25.36 -35.15
N ARG B 42 44.45 26.65 -34.86
CA ARG B 42 43.52 27.39 -34.02
C ARG B 42 42.12 27.44 -34.65
N ARG B 43 42.05 27.78 -35.93
CA ARG B 43 40.75 27.82 -36.60
C ARG B 43 40.12 26.44 -36.68
N ARG B 44 40.94 25.40 -36.88
CA ARG B 44 40.41 24.04 -36.96
C ARG B 44 39.78 23.61 -35.65
N LEU B 45 40.48 23.83 -34.54
CA LEU B 45 39.91 23.46 -33.25
C LEU B 45 38.74 24.36 -32.88
N LYS B 46 38.79 25.63 -33.28
CA LYS B 46 37.65 26.52 -33.13
C LYS B 46 36.41 25.93 -33.78
N TYR B 47 36.52 25.52 -35.04
CA TYR B 47 35.36 24.96 -35.74
C TYR B 47 34.95 23.62 -35.14
N PHE B 48 35.93 22.82 -34.70
CA PHE B 48 35.61 21.51 -34.13
C PHE B 48 34.83 21.64 -32.84
N PHE B 49 35.15 22.64 -32.02
CA PHE B 49 34.45 22.81 -30.75
C PHE B 49 33.28 23.77 -30.81
N MET B 50 33.08 24.45 -31.94
CA MET B 50 31.91 25.31 -32.09
C MET B 50 30.62 24.52 -31.95
N SER B 51 29.59 25.19 -31.46
CA SER B 51 28.25 24.63 -31.42
C SER B 51 27.69 24.58 -32.85
N PRO B 52 26.57 23.89 -33.07
CA PRO B 52 26.02 23.85 -34.43
C PRO B 52 25.60 25.21 -34.96
N CYS B 53 25.03 26.07 -34.11
CA CYS B 53 24.62 27.39 -34.56
C CYS B 53 25.82 28.23 -34.97
N ASP B 54 26.87 28.22 -34.16
CA ASP B 54 28.07 28.98 -34.50
C ASP B 54 28.79 28.39 -35.71
N LYS B 55 28.75 27.06 -35.84
CA LYS B 55 29.24 26.43 -37.07
C LYS B 55 28.51 26.99 -38.29
N PHE B 56 27.17 26.97 -38.24
CA PHE B 56 26.39 27.52 -39.35
C PHE B 56 26.74 28.97 -39.61
N ARG B 57 26.97 29.75 -38.55
CA ARG B 57 27.30 31.17 -38.72
C ARG B 57 28.67 31.34 -39.37
N ALA B 58 29.63 30.48 -39.04
CA ALA B 58 31.02 30.68 -39.46
C ALA B 58 31.26 30.11 -40.86
N LYS B 59 30.95 28.82 -41.04
CA LYS B 59 31.15 28.16 -42.33
C LYS B 59 30.46 26.80 -42.31
N GLY B 60 30.04 26.35 -43.49
CA GLY B 60 29.40 25.06 -43.64
C GLY B 60 27.89 25.18 -43.69
N ARG B 61 27.27 24.15 -44.28
CA ARG B 61 25.83 24.15 -44.53
C ARG B 61 25.06 23.73 -43.28
N LYS B 62 23.78 23.38 -43.46
CA LYS B 62 22.78 23.31 -42.40
C LYS B 62 22.96 22.08 -41.52
N PRO B 63 22.21 21.98 -40.40
CA PRO B 63 22.34 20.80 -39.52
C PRO B 63 21.77 19.51 -40.11
N CYS B 64 22.47 18.99 -41.12
CA CYS B 64 22.04 17.76 -41.78
C CYS B 64 22.05 16.58 -40.81
N LYS B 65 23.15 16.39 -40.09
CA LYS B 65 23.22 15.27 -39.15
C LYS B 65 22.17 15.41 -38.04
N LEU B 66 21.90 16.64 -37.62
CA LEU B 66 20.93 16.85 -36.54
C LEU B 66 19.52 16.48 -36.99
N MET B 67 19.11 16.90 -38.18
CA MET B 67 17.77 16.51 -38.62
C MET B 67 17.70 15.04 -39.02
N LEU B 68 18.82 14.46 -39.46
CA LEU B 68 18.87 13.02 -39.64
C LEU B 68 18.60 12.29 -38.33
N GLN B 69 19.20 12.77 -37.24
CA GLN B 69 18.94 12.16 -35.94
C GLN B 69 17.50 12.36 -35.50
N VAL B 70 16.89 13.49 -35.87
CA VAL B 70 15.48 13.70 -35.53
C VAL B 70 14.60 12.67 -36.25
N VAL B 71 14.80 12.49 -37.55
CA VAL B 71 13.97 11.52 -38.27
C VAL B 71 14.27 10.10 -37.80
N LYS B 72 15.50 9.86 -37.33
CA LYS B 72 15.83 8.55 -36.78
C LYS B 72 15.07 8.29 -35.48
N ILE B 73 15.00 9.29 -34.60
CA ILE B 73 14.17 9.18 -33.40
C ILE B 73 12.75 8.82 -33.79
N LEU B 74 12.21 9.53 -34.78
CA LEU B 74 10.83 9.31 -35.19
C LEU B 74 10.60 7.88 -35.67
N VAL B 75 11.46 7.40 -36.58
CA VAL B 75 11.22 6.07 -37.17
C VAL B 75 11.43 4.98 -36.14
N VAL B 76 12.41 5.14 -35.24
CA VAL B 76 12.62 4.13 -34.22
C VAL B 76 11.43 4.03 -33.28
N THR B 77 10.88 5.19 -32.87
CA THR B 77 9.73 5.13 -31.98
C THR B 77 8.51 4.53 -32.67
N VAL B 78 8.28 4.87 -33.93
CA VAL B 78 7.12 4.32 -34.63
C VAL B 78 7.26 2.81 -34.81
N GLN B 79 8.46 2.34 -35.15
CA GLN B 79 8.68 0.90 -35.27
C GLN B 79 8.43 0.19 -33.96
N LEU B 80 8.94 0.75 -32.85
CA LEU B 80 8.71 0.13 -31.55
C LEU B 80 7.23 0.03 -31.22
N ILE B 81 6.46 1.10 -31.51
CA ILE B 81 5.03 1.07 -31.19
C ILE B 81 4.31 0.02 -32.03
N LEU B 82 4.64 -0.05 -33.33
CA LEU B 82 4.01 -1.05 -34.20
C LEU B 82 4.30 -2.46 -33.72
N PHE B 83 5.53 -2.72 -33.28
CA PHE B 83 5.87 -4.04 -32.76
C PHE B 83 5.11 -4.34 -31.47
N GLY B 84 5.02 -3.35 -30.58
CA GLY B 84 4.42 -3.57 -29.28
C GLY B 84 2.94 -3.88 -29.35
N LEU B 85 2.23 -3.22 -30.27
CA LEU B 85 0.79 -3.47 -30.36
C LEU B 85 0.49 -4.92 -30.73
N SER B 86 1.21 -5.47 -31.72
CA SER B 86 0.98 -6.84 -32.13
C SER B 86 1.41 -7.83 -31.05
N ASN B 87 2.54 -7.57 -30.38
CA ASN B 87 2.94 -8.47 -29.30
C ASN B 87 1.90 -8.48 -28.19
N GLN B 88 1.34 -7.31 -27.86
CA GLN B 88 0.29 -7.23 -26.86
C GLN B 88 -0.91 -8.08 -27.26
N LEU B 89 -1.35 -7.94 -28.51
CA LEU B 89 -2.55 -8.63 -28.94
C LEU B 89 -2.36 -10.14 -29.02
N ALA B 90 -1.12 -10.61 -29.21
CA ALA B 90 -0.90 -12.06 -29.18
C ALA B 90 -0.71 -12.61 -27.76
N VAL B 91 -0.11 -11.80 -26.88
CA VAL B 91 0.06 -12.23 -25.50
C VAL B 91 -1.29 -12.39 -24.81
N THR B 92 -2.25 -11.52 -25.14
CA THR B 92 -3.57 -11.68 -24.53
C THR B 92 -4.22 -13.01 -24.93
N PHE B 93 -4.07 -13.41 -26.20
CA PHE B 93 -4.62 -14.67 -26.66
C PHE B 93 -3.98 -15.85 -25.93
N ARG B 94 -2.65 -15.83 -25.83
CA ARG B 94 -1.95 -16.92 -25.12
C ARG B 94 -2.42 -17.02 -23.67
N GLU B 95 -2.52 -15.88 -22.99
CA GLU B 95 -2.92 -15.88 -21.59
C GLU B 95 -4.34 -16.39 -21.41
N GLU B 96 -5.26 -15.97 -22.27
CA GLU B 96 -6.64 -16.39 -22.11
C GLU B 96 -6.81 -17.88 -22.39
N ASN B 97 -6.06 -18.41 -23.37
CA ASN B 97 -6.09 -19.86 -23.57
C ASN B 97 -5.52 -20.60 -22.39
N THR B 98 -4.49 -20.06 -21.73
CA THR B 98 -3.95 -20.75 -20.55
C THR B 98 -4.95 -20.73 -19.39
N ILE B 99 -5.66 -19.61 -19.21
CA ILE B 99 -6.68 -19.54 -18.17
C ILE B 99 -7.78 -20.57 -18.43
N ALA B 100 -8.22 -20.66 -19.69
CA ALA B 100 -9.22 -21.66 -20.05
C ALA B 100 -8.72 -23.08 -19.78
N PHE B 101 -7.43 -23.33 -20.08
CA PHE B 101 -6.87 -24.66 -19.82
C PHE B 101 -6.86 -24.99 -18.34
N ARG B 102 -6.51 -24.01 -17.49
CA ARG B 102 -6.50 -24.24 -16.06
C ARG B 102 -7.90 -24.56 -15.55
N HIS B 103 -8.88 -23.76 -15.95
CA HIS B 103 -10.26 -24.00 -15.50
C HIS B 103 -10.83 -25.30 -16.06
N LEU B 104 -10.35 -25.75 -17.21
CA LEU B 104 -10.87 -26.99 -17.79
C LEU B 104 -10.24 -28.23 -17.18
N PHE B 105 -8.93 -28.19 -16.89
CA PHE B 105 -8.21 -29.40 -16.53
C PHE B 105 -7.85 -29.54 -15.06
N LEU B 106 -7.82 -28.45 -14.31
CA LEU B 106 -7.51 -28.53 -12.89
C LEU B 106 -8.80 -28.67 -12.10
N LEU B 107 -8.87 -29.68 -11.23
CA LEU B 107 -10.09 -30.02 -10.51
C LEU B 107 -10.18 -29.18 -9.25
N GLY B 108 -11.27 -28.43 -9.12
CA GLY B 108 -11.44 -27.56 -7.97
C GLY B 108 -10.69 -26.25 -8.08
N TYR B 109 -10.30 -25.85 -9.28
CA TYR B 109 -9.53 -24.64 -9.46
C TYR B 109 -10.44 -23.42 -9.50
N SER B 110 -10.00 -22.35 -8.85
CA SER B 110 -10.72 -21.07 -8.86
C SER B 110 -9.72 -19.96 -9.11
N ASP B 111 -10.19 -18.90 -9.78
CA ASP B 111 -9.35 -17.75 -10.08
C ASP B 111 -8.68 -17.22 -8.82
N GLY B 112 -7.49 -16.68 -9.00
CA GLY B 112 -6.60 -16.53 -7.87
C GLY B 112 -6.07 -17.91 -7.52
N ALA B 113 -5.51 -18.02 -6.32
CA ALA B 113 -5.09 -19.31 -5.77
C ALA B 113 -4.23 -20.10 -6.76
N ASP B 114 -3.43 -19.38 -7.55
CA ASP B 114 -2.56 -20.05 -8.52
C ASP B 114 -1.37 -20.68 -7.82
N ASP B 115 -0.86 -20.03 -6.78
CA ASP B 115 -0.05 -20.71 -5.79
C ASP B 115 -0.98 -21.32 -4.76
N THR B 116 -0.42 -22.05 -3.80
CA THR B 116 -1.19 -22.70 -2.74
C THR B 116 -2.27 -23.64 -3.27
N PHE B 117 -2.16 -24.09 -4.52
CA PHE B 117 -3.04 -25.09 -5.08
C PHE B 117 -2.30 -26.42 -5.03
N ALA B 118 -2.74 -27.33 -4.17
CA ALA B 118 -1.99 -28.55 -3.91
C ALA B 118 -2.96 -29.67 -3.58
N ALA B 119 -2.40 -30.82 -3.24
CA ALA B 119 -3.15 -32.00 -2.83
C ALA B 119 -2.56 -32.52 -1.53
N TYR B 120 -3.43 -33.01 -0.65
CA TYR B 120 -3.01 -33.46 0.67
C TYR B 120 -3.46 -34.87 0.97
N THR B 121 -4.01 -35.59 -0.01
CA THR B 121 -4.58 -36.90 0.23
C THR B 121 -4.42 -37.72 -1.03
N ARG B 122 -4.25 -39.03 -0.86
CA ARG B 122 -4.06 -39.92 -1.99
C ARG B 122 -5.27 -39.90 -2.92
N GLU B 123 -6.47 -39.90 -2.36
CA GLU B 123 -7.67 -39.84 -3.19
C GLU B 123 -7.80 -38.49 -3.88
N GLN B 124 -7.37 -37.41 -3.21
CA GLN B 124 -7.34 -36.11 -3.84
C GLN B 124 -6.44 -36.11 -5.08
N LEU B 125 -5.24 -36.68 -4.95
CA LEU B 125 -4.32 -36.73 -6.08
C LEU B 125 -4.85 -37.61 -7.21
N TYR B 126 -5.40 -38.78 -6.86
CA TYR B 126 -5.98 -39.65 -7.87
C TYR B 126 -7.11 -38.96 -8.62
N GLN B 127 -7.98 -38.25 -7.89
CA GLN B 127 -9.10 -37.57 -8.53
C GLN B 127 -8.62 -36.45 -9.43
N ALA B 128 -7.58 -35.73 -9.01
CA ALA B 128 -7.03 -34.67 -9.86
C ALA B 128 -6.51 -35.25 -11.17
N ILE B 129 -5.73 -36.33 -11.09
CA ILE B 129 -5.15 -36.93 -12.29
C ILE B 129 -6.26 -37.46 -13.22
N PHE B 130 -7.22 -38.19 -12.65
CA PHE B 130 -8.28 -38.76 -13.48
C PHE B 130 -9.17 -37.68 -14.06
N HIS B 131 -9.39 -36.57 -13.35
CA HIS B 131 -10.15 -35.47 -13.91
C HIS B 131 -9.42 -34.83 -15.08
N ALA B 132 -8.11 -34.64 -14.96
CA ALA B 132 -7.34 -34.10 -16.08
C ALA B 132 -7.47 -34.98 -17.32
N VAL B 133 -7.31 -36.30 -17.14
CA VAL B 133 -7.35 -37.18 -18.30
C VAL B 133 -8.76 -37.26 -18.89
N ASP B 134 -9.78 -37.30 -18.04
CA ASP B 134 -11.16 -37.37 -18.54
C ASP B 134 -11.55 -36.09 -19.27
N GLN B 135 -11.10 -34.93 -18.79
CA GLN B 135 -11.38 -33.69 -19.49
C GLN B 135 -10.64 -33.63 -20.82
N TYR B 136 -9.42 -34.16 -20.87
CA TYR B 136 -8.72 -34.24 -22.15
C TYR B 136 -9.49 -35.11 -23.13
N LEU B 137 -10.07 -36.21 -22.66
CA LEU B 137 -10.82 -37.07 -23.57
C LEU B 137 -12.17 -36.47 -23.95
N ALA B 138 -12.75 -35.63 -23.11
CA ALA B 138 -14.07 -35.06 -23.35
C ALA B 138 -14.03 -33.67 -23.99
N LEU B 139 -12.85 -33.09 -24.18
CA LEU B 139 -12.69 -31.74 -24.73
C LEU B 139 -13.59 -31.37 -25.89
N PRO B 140 -13.71 -32.15 -26.98
CA PRO B 140 -14.49 -31.67 -28.13
C PRO B 140 -15.97 -31.50 -27.84
N ASP B 141 -16.52 -32.18 -26.83
CA ASP B 141 -17.92 -32.06 -26.51
C ASP B 141 -18.24 -30.97 -25.50
N VAL B 142 -17.25 -30.50 -24.75
CA VAL B 142 -17.50 -29.60 -23.64
C VAL B 142 -16.80 -28.25 -23.77
N SER B 143 -15.73 -28.13 -24.55
CA SER B 143 -14.97 -26.90 -24.56
C SER B 143 -15.67 -25.82 -25.39
N LEU B 144 -15.44 -24.57 -25.01
CA LEU B 144 -15.99 -23.44 -25.75
C LEU B 144 -15.09 -22.98 -26.88
N GLY B 145 -13.82 -23.38 -26.87
CA GLY B 145 -12.95 -23.15 -28.00
C GLY B 145 -12.94 -24.33 -28.95
N ARG B 146 -12.18 -24.18 -30.02
CA ARG B 146 -12.03 -25.24 -31.01
C ARG B 146 -10.57 -25.68 -31.03
N TYR B 147 -10.31 -26.89 -30.57
CA TYR B 147 -8.97 -27.45 -30.50
C TYR B 147 -8.92 -28.75 -31.30
N ALA B 148 -7.71 -29.18 -31.63
CA ALA B 148 -7.48 -30.40 -32.39
C ALA B 148 -6.38 -31.20 -31.72
N TYR B 149 -6.53 -32.52 -31.76
CA TYR B 149 -5.56 -33.40 -31.14
C TYR B 149 -4.32 -33.54 -32.01
N VAL B 150 -3.18 -33.76 -31.35
CA VAL B 150 -1.91 -33.96 -32.01
C VAL B 150 -1.41 -35.36 -31.68
N ARG B 151 -1.29 -36.20 -32.70
CA ARG B 151 -0.83 -37.57 -32.49
C ARG B 151 0.68 -37.58 -32.26
N GLY B 152 1.17 -38.72 -31.79
CA GLY B 152 2.54 -38.83 -31.30
C GLY B 152 3.62 -38.50 -32.31
N GLY B 153 4.42 -37.49 -32.00
CA GLY B 153 5.52 -37.10 -32.84
C GLY B 153 6.75 -36.63 -32.08
N GLY B 154 6.86 -37.00 -30.81
CA GLY B 154 7.96 -36.53 -29.99
C GLY B 154 8.49 -37.58 -29.05
N ASP B 155 9.17 -37.14 -27.98
CA ASP B 155 9.81 -38.06 -27.05
C ASP B 155 8.79 -38.71 -26.11
N PRO B 156 7.97 -37.95 -25.37
CA PRO B 156 7.04 -38.63 -24.46
C PRO B 156 5.96 -39.40 -25.19
N TRP B 157 5.44 -38.86 -26.28
CA TRP B 157 4.34 -39.46 -27.02
C TRP B 157 4.88 -40.49 -28.00
N THR B 158 4.50 -41.75 -27.82
CA THR B 158 4.83 -42.79 -28.79
C THR B 158 3.89 -42.64 -29.98
N ASN B 159 3.94 -43.59 -30.92
CA ASN B 159 3.13 -43.48 -32.12
C ASN B 159 1.65 -43.63 -31.78
N GLY B 160 0.83 -42.71 -32.28
CA GLY B 160 -0.60 -42.79 -32.14
C GLY B 160 -1.18 -42.21 -30.86
N SER B 161 -0.36 -41.80 -29.90
CA SER B 161 -0.83 -41.34 -28.61
C SER B 161 -0.79 -39.81 -28.56
N GLY B 162 -1.78 -39.22 -27.90
CA GLY B 162 -1.85 -37.78 -27.79
C GLY B 162 -1.55 -37.26 -26.40
N LEU B 163 -1.77 -38.10 -25.39
CA LEU B 163 -1.52 -37.75 -24.00
C LEU B 163 -0.65 -38.82 -23.36
N ALA B 164 0.33 -38.37 -22.57
CA ALA B 164 1.24 -39.27 -21.87
C ALA B 164 1.33 -38.82 -20.41
N LEU B 165 0.81 -39.64 -19.51
CA LEU B 165 0.96 -39.41 -18.07
C LEU B 165 2.09 -40.30 -17.55
N CYS B 166 3.17 -39.67 -17.10
CA CYS B 166 4.38 -40.36 -16.71
C CYS B 166 4.65 -40.07 -15.24
N GLN B 167 4.98 -41.11 -14.47
CA GLN B 167 5.37 -40.94 -13.08
C GLN B 167 6.83 -41.30 -12.90
N ARG B 168 7.52 -40.56 -12.06
CA ARG B 168 8.95 -40.73 -11.80
C ARG B 168 9.15 -41.09 -10.34
N TYR B 169 9.80 -42.22 -10.08
CA TYR B 169 10.09 -42.66 -8.73
C TYR B 169 11.54 -43.13 -8.65
N TYR B 170 11.93 -43.61 -7.48
CA TYR B 170 13.28 -44.10 -7.25
C TYR B 170 13.36 -45.59 -7.59
N HIS B 171 14.55 -46.04 -7.96
CA HIS B 171 14.74 -47.45 -8.30
C HIS B 171 14.64 -48.32 -7.06
N ARG B 172 15.26 -47.89 -5.96
CA ARG B 172 15.14 -48.57 -4.68
C ARG B 172 14.95 -47.54 -3.58
N GLY B 173 13.92 -47.73 -2.77
CA GLY B 173 13.68 -46.88 -1.62
C GLY B 173 12.96 -47.64 -0.52
N HIS B 174 13.53 -47.65 0.67
CA HIS B 174 12.98 -48.35 1.82
C HIS B 174 12.84 -47.40 2.99
N VAL B 175 12.26 -46.22 2.72
CA VAL B 175 12.04 -45.23 3.77
C VAL B 175 11.26 -45.86 4.90
N ASP B 176 11.77 -45.73 6.12
CA ASP B 176 11.08 -46.24 7.30
C ASP B 176 11.36 -45.26 8.42
N PRO B 177 10.46 -44.30 8.66
CA PRO B 177 10.69 -43.34 9.74
C PRO B 177 10.82 -44.00 11.10
N ALA B 178 10.16 -45.13 11.31
CA ALA B 178 10.40 -45.95 12.48
C ALA B 178 11.60 -46.84 12.25
N ASN B 179 12.37 -47.09 13.32
CA ASN B 179 13.64 -47.81 13.33
C ASN B 179 14.77 -46.97 12.75
N ASP B 180 14.47 -45.80 12.19
CA ASP B 180 15.46 -44.88 11.63
C ASP B 180 16.35 -45.57 10.59
N THR B 181 15.72 -45.91 9.47
CA THR B 181 16.42 -46.56 8.36
C THR B 181 15.81 -46.11 7.05
N PHE B 182 16.64 -45.76 6.08
CA PHE B 182 16.04 -45.43 4.79
C PHE B 182 16.53 -46.29 3.63
N ASP B 183 17.82 -46.57 3.53
CA ASP B 183 18.36 -47.48 2.52
C ASP B 183 17.98 -47.02 1.11
N ILE B 184 18.50 -45.86 0.72
CA ILE B 184 18.05 -45.17 -0.49
C ILE B 184 19.21 -45.01 -1.47
N ASP B 185 18.89 -45.18 -2.76
CA ASP B 185 19.82 -44.85 -3.85
C ASP B 185 19.09 -44.12 -4.95
N PRO B 186 19.29 -42.80 -5.08
CA PRO B 186 18.54 -42.03 -6.08
C PRO B 186 18.92 -42.35 -7.51
N MET B 187 17.99 -42.96 -8.24
CA MET B 187 18.13 -43.17 -9.68
C MET B 187 16.71 -43.17 -10.24
N VAL B 188 16.29 -42.02 -10.77
CA VAL B 188 14.88 -41.82 -11.12
C VAL B 188 14.50 -42.74 -12.27
N VAL B 189 13.50 -43.58 -12.03
CA VAL B 189 12.93 -44.44 -13.05
C VAL B 189 11.60 -43.84 -13.51
N THR B 190 11.34 -43.89 -14.80
CA THR B 190 10.14 -43.30 -15.39
C THR B 190 9.24 -44.41 -15.92
N ASP B 191 8.04 -44.50 -15.36
CA ASP B 191 7.00 -45.41 -15.84
C ASP B 191 5.86 -44.55 -16.36
N CYS B 192 5.52 -44.71 -17.64
CA CYS B 192 4.63 -43.77 -18.29
C CYS B 192 3.53 -44.52 -19.05
N ILE B 193 2.36 -43.90 -19.10
CA ILE B 193 1.19 -44.42 -19.79
C ILE B 193 0.86 -43.48 -20.95
N GLN B 194 0.38 -44.05 -22.04
CA GLN B 194 -0.01 -43.27 -23.23
C GLN B 194 -1.49 -43.48 -23.50
N VAL B 195 -2.21 -42.37 -23.64
CA VAL B 195 -3.66 -42.38 -23.89
C VAL B 195 -3.90 -41.84 -25.29
N ASP B 196 -4.59 -42.63 -26.12
CA ASP B 196 -4.84 -42.05 -27.43
C ASP B 196 -6.27 -41.57 -27.55
N PRO B 197 -6.48 -40.42 -28.18
CA PRO B 197 -7.82 -39.84 -28.24
C PRO B 197 -8.68 -40.53 -29.29
N PRO B 198 -10.00 -40.42 -29.18
CA PRO B 198 -10.89 -40.97 -30.21
C PRO B 198 -11.07 -39.98 -31.34
N GLU B 199 -11.90 -40.38 -32.31
CA GLU B 199 -12.17 -39.54 -33.47
C GLU B 199 -13.65 -39.20 -33.55
N ARG B 200 -13.93 -38.08 -34.22
CA ARG B 200 -15.30 -37.54 -34.40
C ARG B 200 -16.31 -38.60 -34.80
N SER B 216 -9.91 -46.26 -18.90
CA SER B 216 -9.42 -47.45 -19.58
C SER B 216 -7.90 -47.42 -19.69
N SER B 217 -7.26 -48.35 -18.97
CA SER B 217 -5.81 -48.56 -18.98
C SER B 217 -5.06 -47.41 -18.34
N TYR B 218 -5.77 -46.34 -17.98
CA TYR B 218 -5.21 -45.30 -17.12
C TYR B 218 -5.91 -45.23 -15.77
N LYS B 219 -7.07 -45.88 -15.63
CA LYS B 219 -7.71 -46.03 -14.34
C LYS B 219 -7.05 -47.11 -13.48
N ASN B 220 -6.17 -47.92 -14.07
CA ASN B 220 -5.41 -48.92 -13.33
C ASN B 220 -4.08 -48.38 -12.82
N LEU B 221 -3.96 -47.06 -12.72
CA LEU B 221 -2.72 -46.45 -12.27
C LEU B 221 -2.52 -46.67 -10.78
N THR B 222 -1.36 -47.21 -10.41
CA THR B 222 -0.89 -47.25 -9.03
C THR B 222 0.34 -46.36 -8.93
N LEU B 223 0.39 -45.54 -7.88
CA LEU B 223 1.18 -44.33 -7.93
C LEU B 223 2.44 -44.36 -7.07
N LYS B 224 2.62 -45.38 -6.22
CA LYS B 224 3.87 -45.60 -5.49
C LYS B 224 4.27 -44.37 -4.67
N PHE B 225 3.44 -44.08 -3.67
CA PHE B 225 3.51 -42.80 -2.98
C PHE B 225 4.75 -42.61 -2.13
N HIS B 226 5.37 -43.70 -1.68
CA HIS B 226 6.52 -43.55 -0.79
C HIS B 226 7.84 -43.36 -1.54
N LYS B 227 7.87 -43.59 -2.85
CA LYS B 227 9.04 -43.36 -3.67
C LYS B 227 8.84 -42.29 -4.73
N LEU B 228 7.67 -41.64 -4.77
CA LEU B 228 7.31 -40.79 -5.88
C LEU B 228 8.14 -39.51 -5.90
N VAL B 229 8.54 -39.08 -7.09
CA VAL B 229 9.22 -37.81 -7.29
C VAL B 229 8.28 -36.78 -7.90
N ASN B 230 7.65 -37.11 -9.02
CA ASN B 230 6.62 -36.25 -9.59
C ASN B 230 5.79 -37.06 -10.57
N VAL B 231 4.61 -36.53 -10.88
CA VAL B 231 3.73 -37.05 -11.92
C VAL B 231 3.45 -35.92 -12.90
N THR B 232 3.56 -36.21 -14.19
CA THR B 232 3.38 -35.20 -15.21
C THR B 232 2.40 -35.70 -16.26
N ILE B 233 1.79 -34.75 -16.96
CA ILE B 233 0.83 -35.03 -18.02
C ILE B 233 1.16 -34.10 -19.19
N HIS B 234 1.46 -34.69 -20.35
CA HIS B 234 1.86 -33.96 -21.54
C HIS B 234 0.86 -34.20 -22.65
N PHE B 235 0.39 -33.12 -23.28
CA PHE B 235 -0.43 -33.22 -24.47
C PHE B 235 -0.37 -31.90 -25.21
N ARG B 236 -0.79 -31.92 -26.48
CA ARG B 236 -0.75 -30.75 -27.34
C ARG B 236 -2.12 -30.51 -27.96
N LEU B 237 -2.40 -29.23 -28.25
CA LEU B 237 -3.68 -28.82 -28.78
C LEU B 237 -3.48 -27.73 -29.82
N LYS B 238 -4.05 -27.94 -31.01
CA LYS B 238 -3.94 -26.97 -32.09
C LYS B 238 -5.15 -26.05 -32.10
N THR B 239 -4.90 -24.74 -32.16
CA THR B 239 -5.94 -23.73 -32.21
C THR B 239 -5.73 -22.89 -33.47
N ILE B 240 -6.66 -21.99 -33.73
CA ILE B 240 -6.52 -20.99 -34.79
C ILE B 240 -6.93 -19.65 -34.22
N ASN B 241 -6.06 -18.65 -34.35
CA ASN B 241 -6.30 -17.33 -33.78
C ASN B 241 -7.23 -16.57 -34.72
N LEU B 242 -8.53 -16.74 -34.51
CA LEU B 242 -9.51 -16.00 -35.31
C LEU B 242 -9.57 -14.53 -34.92
N GLN B 243 -9.06 -14.16 -33.74
CA GLN B 243 -9.01 -12.77 -33.35
C GLN B 243 -8.19 -11.92 -34.31
N SER B 244 -7.32 -12.56 -35.11
CA SER B 244 -6.51 -11.85 -36.09
C SER B 244 -7.31 -11.59 -37.37
N LEU B 245 -8.50 -11.02 -37.18
CA LEU B 245 -9.30 -10.51 -38.29
C LEU B 245 -9.36 -8.99 -38.29
N ILE B 246 -8.74 -8.35 -37.30
CA ILE B 246 -8.53 -6.91 -37.36
C ILE B 246 -7.38 -6.59 -38.31
N ASN B 247 -6.22 -7.16 -38.05
CA ASN B 247 -5.09 -7.06 -38.96
C ASN B 247 -5.30 -7.84 -40.25
N ASN B 248 -6.32 -8.69 -40.31
CA ASN B 248 -6.55 -9.65 -41.38
C ASN B 248 -5.39 -10.61 -41.57
N GLU B 249 -4.45 -10.65 -40.62
CA GLU B 249 -3.34 -11.59 -40.64
C GLU B 249 -3.74 -12.83 -39.85
N ILE B 250 -4.87 -13.40 -40.26
CA ILE B 250 -5.54 -14.48 -39.54
C ILE B 250 -4.74 -15.77 -39.45
N PRO B 251 -3.94 -16.18 -40.46
CA PRO B 251 -3.34 -17.52 -40.36
C PRO B 251 -2.30 -17.63 -39.25
N ASP B 252 -2.71 -17.31 -38.02
CA ASP B 252 -1.93 -17.62 -36.83
C ASP B 252 -2.53 -18.90 -36.30
N CYS B 253 -1.77 -19.99 -36.36
CA CYS B 253 -2.34 -21.33 -36.25
C CYS B 253 -1.52 -22.06 -35.19
N TYR B 254 -1.85 -21.84 -33.92
CA TYR B 254 -0.95 -22.18 -32.83
C TYR B 254 -0.93 -23.68 -32.58
N THR B 255 -0.06 -24.09 -31.65
CA THR B 255 -0.02 -25.45 -31.12
C THR B 255 0.47 -25.34 -29.69
N PHE B 256 -0.46 -25.45 -28.74
CA PHE B 256 -0.11 -25.33 -27.33
C PHE B 256 0.40 -26.66 -26.80
N SER B 257 1.51 -26.61 -26.08
CA SER B 257 2.03 -27.78 -25.38
C SER B 257 1.74 -27.60 -23.89
N VAL B 258 0.83 -28.42 -23.37
CA VAL B 258 0.35 -28.27 -22.00
C VAL B 258 1.06 -29.28 -21.11
N LEU B 259 1.59 -28.81 -19.98
CA LEU B 259 2.27 -29.65 -19.02
C LEU B 259 1.63 -29.45 -17.65
N ILE B 260 1.05 -30.51 -17.11
CA ILE B 260 0.45 -30.50 -15.77
C ILE B 260 1.37 -31.29 -14.85
N THR B 261 1.94 -30.61 -13.85
CA THR B 261 2.94 -31.20 -12.97
C THR B 261 2.36 -31.41 -11.59
N PHE B 262 2.50 -32.63 -11.07
CA PHE B 262 2.20 -32.95 -9.68
C PHE B 262 3.55 -33.20 -9.01
N ASP B 263 4.02 -32.22 -8.25
CA ASP B 263 5.41 -32.13 -7.84
C ASP B 263 5.60 -32.56 -6.40
N ASN B 264 6.48 -33.52 -6.17
CA ASN B 264 6.73 -34.10 -4.85
C ASN B 264 8.22 -34.09 -4.53
N LYS B 265 8.87 -32.95 -4.72
CA LYS B 265 10.30 -32.86 -4.40
C LYS B 265 10.53 -32.84 -2.91
N ALA B 266 9.80 -32.00 -2.18
CA ALA B 266 10.07 -31.81 -0.76
C ALA B 266 9.69 -33.01 0.09
N HIS B 267 8.86 -33.91 -0.42
CA HIS B 267 8.37 -35.06 0.34
C HIS B 267 7.76 -34.61 1.67
N SER B 268 6.83 -33.66 1.58
CA SER B 268 6.24 -33.02 2.75
C SER B 268 4.83 -33.50 3.06
N GLY B 269 4.23 -34.33 2.20
CA GLY B 269 2.82 -34.61 2.29
C GLY B 269 1.95 -33.58 1.61
N ARG B 270 2.54 -32.59 0.96
CA ARG B 270 1.82 -31.55 0.23
C ARG B 270 2.37 -31.52 -1.19
N ILE B 271 1.52 -31.83 -2.15
CA ILE B 271 1.94 -31.93 -3.55
C ILE B 271 1.33 -30.80 -4.35
N PRO B 272 2.08 -29.73 -4.64
CA PRO B 272 1.52 -28.64 -5.44
C PRO B 272 1.27 -29.07 -6.88
N ILE B 273 0.23 -28.48 -7.47
CA ILE B 273 -0.24 -28.82 -8.81
C ILE B 273 -0.19 -27.57 -9.67
N SER B 274 0.37 -27.69 -10.87
CA SER B 274 0.56 -26.55 -11.74
C SER B 274 0.21 -26.92 -13.17
N LEU B 275 -0.05 -25.89 -13.98
CA LEU B 275 -0.31 -26.07 -15.40
C LEU B 275 0.43 -24.98 -16.16
N GLU B 276 1.45 -25.38 -16.92
CA GLU B 276 2.20 -24.47 -17.77
C GLU B 276 1.97 -24.83 -19.23
N THR B 277 2.04 -23.83 -20.10
CA THR B 277 1.82 -24.03 -21.52
C THR B 277 2.93 -23.35 -22.32
N GLN B 278 3.06 -23.76 -23.57
CA GLN B 278 4.03 -23.18 -24.50
C GLN B 278 3.42 -23.16 -25.89
N ALA B 279 3.33 -21.98 -26.48
CA ALA B 279 2.76 -21.83 -27.81
C ALA B 279 3.84 -21.94 -28.87
N HIS B 280 3.42 -22.33 -30.08
CA HIS B 280 4.32 -22.48 -31.22
C HIS B 280 3.57 -21.96 -32.44
N ILE B 281 3.76 -20.67 -32.74
CA ILE B 281 3.02 -20.05 -33.84
C ILE B 281 3.50 -20.61 -35.18
N GLN B 282 2.63 -20.56 -36.19
CA GLN B 282 2.92 -21.11 -37.52
C GLN B 282 2.10 -20.35 -38.57
N GLU B 283 2.16 -20.82 -39.82
CA GLU B 283 1.26 -20.36 -40.88
C GLU B 283 0.25 -21.44 -41.24
N CYS B 284 -1.03 -21.09 -41.19
CA CYS B 284 -2.11 -22.09 -41.19
C CYS B 284 -2.63 -22.34 -42.61
N LYS B 285 -1.69 -22.56 -43.53
CA LYS B 285 -1.94 -23.02 -44.90
C LYS B 285 -3.13 -22.33 -45.59
N HIS B 286 -3.22 -21.01 -45.47
CA HIS B 286 -4.26 -20.25 -46.18
C HIS B 286 -3.85 -18.79 -46.27
N PRO B 287 -2.83 -18.45 -47.07
CA PRO B 287 -2.32 -17.07 -47.08
C PRO B 287 -2.90 -16.21 -48.19
N SER B 288 -2.58 -14.91 -48.13
CA SER B 288 -2.80 -13.98 -49.25
C SER B 288 -4.28 -13.83 -49.60
N VAL B 289 -5.14 -13.80 -48.57
CA VAL B 289 -6.54 -13.46 -48.79
C VAL B 289 -6.78 -11.96 -48.64
N PHE B 290 -6.13 -11.34 -47.65
CA PHE B 290 -6.10 -9.90 -47.50
C PHE B 290 -4.68 -9.39 -47.40
N GLN B 291 -3.69 -10.27 -47.50
CA GLN B 291 -2.28 -10.02 -47.22
C GLN B 291 -1.60 -9.18 -48.30
N HIS B 292 -2.24 -9.02 -49.46
CA HIS B 292 -1.68 -8.26 -50.58
C HIS B 292 -1.42 -6.81 -50.24
N GLY B 293 -2.12 -6.25 -49.25
CA GLY B 293 -1.93 -4.85 -48.92
C GLY B 293 -1.02 -4.62 -47.73
N ASP B 294 -0.83 -5.67 -46.92
CA ASP B 294 -0.04 -5.57 -45.70
C ASP B 294 1.30 -6.29 -45.79
N ASN B 295 1.58 -6.97 -46.90
CA ASN B 295 2.86 -7.66 -47.04
C ASN B 295 4.01 -6.67 -47.10
N SER B 296 3.81 -5.54 -47.78
CA SER B 296 4.92 -4.64 -48.08
C SER B 296 5.22 -3.68 -46.94
N PHE B 297 4.21 -3.28 -46.18
CA PHE B 297 4.37 -2.14 -45.26
C PHE B 297 5.38 -2.45 -44.16
N ARG B 298 5.23 -3.59 -43.49
CA ARG B 298 6.09 -3.90 -42.35
C ARG B 298 7.53 -4.09 -42.78
N LEU B 299 7.77 -4.87 -43.85
CA LEU B 299 9.13 -5.11 -44.29
C LEU B 299 9.76 -3.84 -44.85
N LEU B 300 8.99 -3.00 -45.54
CA LEU B 300 9.52 -1.74 -46.03
C LEU B 300 9.89 -0.81 -44.89
N PHE B 301 9.06 -0.75 -43.84
CA PHE B 301 9.40 0.07 -42.69
C PHE B 301 10.64 -0.46 -41.99
N ASP B 302 10.79 -1.79 -41.92
CA ASP B 302 11.97 -2.35 -41.26
C ASP B 302 13.24 -2.05 -42.06
N VAL B 303 13.18 -2.11 -43.39
CA VAL B 303 14.39 -1.82 -44.16
C VAL B 303 14.68 -0.31 -44.13
N VAL B 304 13.64 0.52 -44.03
CA VAL B 304 13.87 1.95 -43.86
C VAL B 304 14.58 2.23 -42.55
N VAL B 305 14.15 1.58 -41.45
CA VAL B 305 14.83 1.75 -40.17
C VAL B 305 16.28 1.29 -40.28
N ILE B 306 16.51 0.14 -40.93
CA ILE B 306 17.87 -0.37 -41.06
C ILE B 306 18.76 0.61 -41.82
N LEU B 307 18.24 1.16 -42.93
CA LEU B 307 19.05 2.09 -43.72
C LEU B 307 19.32 3.38 -42.97
N THR B 308 18.31 3.94 -42.29
CA THR B 308 18.52 5.15 -41.52
C THR B 308 19.56 4.95 -40.42
N CYS B 309 19.47 3.83 -39.71
CA CYS B 309 20.43 3.60 -38.63
C CYS B 309 21.82 3.32 -39.16
N SER B 310 21.95 2.67 -40.32
CA SER B 310 23.28 2.46 -40.89
C SER B 310 23.90 3.77 -41.35
N LEU B 311 23.09 4.66 -41.94
CA LEU B 311 23.59 5.97 -42.32
C LEU B 311 24.05 6.76 -41.10
N SER B 312 23.24 6.76 -40.03
CA SER B 312 23.64 7.41 -38.79
C SER B 312 24.95 6.85 -38.25
N PHE B 313 25.10 5.52 -38.27
CA PHE B 313 26.33 4.91 -37.78
C PHE B 313 27.54 5.35 -38.59
N LEU B 314 27.40 5.39 -39.91
CA LEU B 314 28.53 5.77 -40.74
C LEU B 314 28.91 7.23 -40.52
N LEU B 315 27.92 8.12 -40.38
CA LEU B 315 28.24 9.52 -40.12
C LEU B 315 28.94 9.69 -38.77
N CYS B 316 28.44 9.02 -37.73
CA CYS B 316 29.09 9.14 -36.42
C CYS B 316 30.48 8.52 -36.42
N ALA B 317 30.71 7.47 -37.21
CA ALA B 317 32.05 6.90 -37.31
C ALA B 317 33.00 7.87 -38.01
N ARG B 318 32.54 8.52 -39.08
CA ARG B 318 33.34 9.57 -39.71
C ARG B 318 33.70 10.65 -38.69
N SER B 319 32.73 11.10 -37.90
CA SER B 319 33.00 12.17 -36.95
C SER B 319 33.98 11.73 -35.86
N LEU B 320 33.87 10.49 -35.39
CA LEU B 320 34.78 10.01 -34.36
C LEU B 320 36.19 9.87 -34.90
N LEU B 321 36.33 9.43 -36.16
CA LEU B 321 37.67 9.37 -36.75
C LEU B 321 38.25 10.76 -36.92
N ARG B 322 37.42 11.74 -37.32
CA ARG B 322 37.87 13.12 -37.39
C ARG B 322 38.40 13.60 -36.04
N GLY B 323 37.65 13.31 -34.97
CA GLY B 323 38.09 13.71 -33.64
C GLY B 323 39.41 13.05 -33.26
N PHE B 324 39.56 11.76 -33.58
CA PHE B 324 40.81 11.06 -33.29
C PHE B 324 41.99 11.70 -34.02
N LEU B 325 41.80 12.05 -35.28
CA LEU B 325 42.91 12.64 -36.04
C LEU B 325 43.26 14.02 -35.52
N LEU B 326 42.26 14.83 -35.16
CA LEU B 326 42.54 16.14 -34.57
C LEU B 326 43.28 15.98 -33.24
N GLN B 327 42.89 14.98 -32.45
CA GLN B 327 43.59 14.73 -31.20
C GLN B 327 45.05 14.39 -31.43
N ASN B 328 45.32 13.47 -32.36
CA ASN B 328 46.70 13.07 -32.61
C ASN B 328 47.52 14.19 -33.24
N GLU B 329 46.86 15.13 -33.91
CA GLU B 329 47.55 16.34 -34.35
C GLU B 329 47.91 17.22 -33.17
N PHE B 330 46.98 17.33 -32.20
CA PHE B 330 47.22 18.17 -31.03
C PHE B 330 48.38 17.65 -30.19
N VAL B 331 48.47 16.33 -29.99
CA VAL B 331 49.56 15.83 -29.15
C VAL B 331 50.90 16.08 -29.81
N GLY B 332 50.96 15.95 -31.14
CA GLY B 332 52.19 16.23 -31.84
C GLY B 332 52.61 17.69 -31.74
N PHE B 333 51.67 18.60 -32.00
CA PHE B 333 52.04 20.01 -31.96
C PHE B 333 52.33 20.47 -30.54
N MET B 334 51.77 19.79 -29.53
CA MET B 334 52.18 20.06 -28.15
C MET B 334 53.54 19.43 -27.84
N TRP B 335 53.90 18.37 -28.57
CA TRP B 335 55.26 17.86 -28.50
C TRP B 335 56.24 18.86 -29.09
N ARG B 336 55.77 19.69 -30.03
CA ARG B 336 56.65 20.68 -30.63
C ARG B 336 57.15 21.68 -29.59
N GLN B 337 56.23 22.35 -28.88
CA GLN B 337 56.65 23.27 -27.82
C GLN B 337 57.05 22.53 -26.55
N ARG B 338 56.45 21.36 -26.31
CA ARG B 338 56.88 20.48 -25.23
C ARG B 338 56.68 21.13 -23.86
N GLY B 339 55.43 21.46 -23.55
CA GLY B 339 55.12 22.20 -22.34
C GLY B 339 54.22 21.43 -21.39
N ARG B 340 52.98 21.89 -21.30
CA ARG B 340 52.03 21.51 -20.25
C ARG B 340 51.48 20.10 -20.45
N VAL B 341 52.33 19.10 -20.24
CA VAL B 341 51.97 17.71 -20.44
C VAL B 341 51.95 17.00 -19.09
N ILE B 342 50.95 16.12 -18.91
CA ILE B 342 50.78 15.28 -17.74
C ILE B 342 50.53 13.87 -18.27
N SER B 343 50.11 12.96 -17.39
CA SER B 343 49.73 11.61 -17.81
C SER B 343 48.64 11.61 -18.89
N LEU B 344 48.11 12.80 -19.22
CA LEU B 344 47.21 13.00 -20.36
C LEU B 344 45.92 12.18 -20.22
N TRP B 345 45.12 12.52 -19.22
CA TRP B 345 43.76 11.99 -19.15
C TRP B 345 42.79 12.84 -19.97
N GLU B 346 43.17 14.07 -20.30
CA GLU B 346 42.29 14.96 -21.05
C GLU B 346 42.37 14.70 -22.56
N ARG B 347 43.42 14.03 -23.04
CA ARG B 347 43.40 13.57 -24.42
C ARG B 347 42.23 12.66 -24.69
N LEU B 348 41.73 11.96 -23.67
CA LEU B 348 40.47 11.25 -23.77
C LEU B 348 39.28 12.20 -23.65
N GLU B 349 39.44 13.32 -22.94
CA GLU B 349 38.36 14.28 -22.87
C GLU B 349 38.15 14.99 -24.20
N PHE B 350 39.03 14.73 -25.17
CA PHE B 350 38.86 15.27 -26.52
C PHE B 350 37.66 14.64 -27.21
N VAL B 351 37.17 13.51 -26.71
CA VAL B 351 36.17 12.73 -27.42
C VAL B 351 34.76 13.23 -27.13
N ASN B 352 33.82 12.86 -28.00
CA ASN B 352 32.42 13.27 -27.87
C ASN B 352 31.55 12.09 -27.45
N GLY B 353 31.05 12.13 -26.21
CA GLY B 353 30.26 11.02 -25.68
C GLY B 353 28.94 10.80 -26.39
N TRP B 354 28.35 11.88 -26.93
CA TRP B 354 27.07 11.75 -27.60
C TRP B 354 27.17 10.87 -28.83
N TYR B 355 28.31 10.91 -29.53
CA TYR B 355 28.48 10.03 -30.69
C TYR B 355 28.63 8.59 -30.26
N ILE B 356 29.27 8.33 -29.12
CA ILE B 356 29.34 6.98 -28.58
C ILE B 356 27.93 6.47 -28.30
N LEU B 357 27.12 7.29 -27.63
CA LEU B 357 25.74 6.91 -27.34
C LEU B 357 24.97 6.61 -28.62
N LEU B 358 25.12 7.48 -29.62
CA LEU B 358 24.39 7.30 -30.88
C LEU B 358 24.82 6.02 -31.59
N VAL B 359 26.13 5.75 -31.63
CA VAL B 359 26.63 4.54 -32.30
C VAL B 359 26.08 3.30 -31.62
N THR B 360 26.14 3.26 -30.28
CA THR B 360 25.57 2.13 -29.56
C THR B 360 24.08 1.99 -29.88
N SER B 361 23.36 3.10 -29.95
CA SER B 361 21.92 3.02 -30.18
C SER B 361 21.60 2.49 -31.58
N ASP B 362 22.37 2.90 -32.60
CA ASP B 362 22.04 2.37 -33.93
C ASP B 362 22.48 0.93 -34.08
N VAL B 363 23.58 0.53 -33.42
CA VAL B 363 23.97 -0.88 -33.44
C VAL B 363 22.86 -1.74 -32.83
N LEU B 364 22.38 -1.34 -31.65
CA LEU B 364 21.28 -2.09 -31.02
C LEU B 364 20.04 -2.08 -31.89
N THR B 365 19.72 -0.94 -32.51
CA THR B 365 18.50 -0.86 -33.31
C THR B 365 18.56 -1.79 -34.51
N ILE B 366 19.68 -1.79 -35.24
CA ILE B 366 19.76 -2.64 -36.42
C ILE B 366 19.83 -4.11 -36.02
N SER B 367 20.54 -4.43 -34.94
CA SER B 367 20.62 -5.81 -34.50
C SER B 367 19.27 -6.33 -34.02
N GLY B 368 18.44 -5.46 -33.46
CA GLY B 368 17.10 -5.90 -33.06
C GLY B 368 16.10 -5.91 -34.20
N THR B 369 16.30 -5.05 -35.20
CA THR B 369 15.40 -5.04 -36.34
C THR B 369 15.63 -6.25 -37.24
N ILE B 370 16.88 -6.72 -37.34
CA ILE B 370 17.13 -7.96 -38.07
C ILE B 370 16.37 -9.12 -37.42
N MET B 371 16.43 -9.21 -36.10
CA MET B 371 15.73 -10.28 -35.40
C MET B 371 14.22 -10.11 -35.46
N LYS B 372 13.72 -8.88 -35.48
CA LYS B 372 12.29 -8.68 -35.64
C LYS B 372 11.82 -9.11 -37.03
N ILE B 373 12.61 -8.81 -38.05
CA ILE B 373 12.31 -9.30 -39.40
C ILE B 373 12.28 -10.81 -39.42
N GLY B 374 13.26 -11.45 -38.78
CA GLY B 374 13.26 -12.90 -38.69
C GLY B 374 12.04 -13.45 -37.96
N ILE B 375 11.65 -12.81 -36.86
CA ILE B 375 10.56 -13.31 -36.03
C ILE B 375 9.23 -13.23 -36.78
N GLU B 376 8.88 -12.03 -37.26
CA GLU B 376 7.52 -11.80 -37.72
C GLU B 376 7.14 -12.62 -38.95
N ALA B 377 8.10 -13.19 -39.66
CA ALA B 377 7.72 -14.05 -40.79
C ALA B 377 8.40 -15.41 -40.77
N LYS B 378 9.68 -15.47 -40.42
CA LYS B 378 10.46 -16.69 -40.54
C LYS B 378 10.38 -17.52 -39.25
N ASN B 379 11.29 -18.49 -39.11
CA ASN B 379 11.27 -19.45 -38.02
C ASN B 379 11.86 -18.92 -36.72
N LEU B 380 12.27 -17.65 -36.68
CA LEU B 380 12.78 -17.07 -35.44
C LEU B 380 11.64 -16.98 -34.43
N ALA B 381 11.82 -17.64 -33.28
CA ALA B 381 10.89 -17.50 -32.15
C ALA B 381 11.72 -17.24 -30.90
N SER B 382 12.11 -15.98 -30.73
CA SER B 382 12.75 -15.52 -29.49
C SER B 382 12.42 -14.03 -29.36
N TYR B 383 11.34 -13.73 -28.65
CA TYR B 383 10.88 -12.36 -28.53
C TYR B 383 11.58 -11.61 -27.41
N ASP B 384 12.12 -12.32 -26.42
CA ASP B 384 12.71 -11.66 -25.26
C ASP B 384 13.91 -10.80 -25.65
N VAL B 385 14.88 -11.40 -26.36
CA VAL B 385 16.09 -10.68 -26.74
C VAL B 385 15.76 -9.56 -27.71
N CYS B 386 14.86 -9.82 -28.67
CA CYS B 386 14.49 -8.79 -29.63
C CYS B 386 13.84 -7.59 -28.94
N SER B 387 12.93 -7.84 -28.00
CA SER B 387 12.28 -6.75 -27.30
C SER B 387 13.26 -6.00 -26.41
N ILE B 388 14.21 -6.71 -25.80
CA ILE B 388 15.21 -6.05 -24.96
C ILE B 388 16.07 -5.12 -25.82
N LEU B 389 16.52 -5.62 -26.97
CA LEU B 389 17.33 -4.80 -27.87
C LEU B 389 16.57 -3.56 -28.33
N LEU B 390 15.33 -3.76 -28.80
CA LEU B 390 14.56 -2.62 -29.31
C LEU B 390 14.24 -1.62 -28.21
N GLY B 391 13.90 -2.08 -27.01
CA GLY B 391 13.59 -1.17 -25.93
C GLY B 391 14.79 -0.39 -25.46
N THR B 392 15.95 -1.05 -25.36
CA THR B 392 17.16 -0.34 -24.97
C THR B 392 17.55 0.69 -26.03
N SER B 393 17.41 0.34 -27.31
CA SER B 393 17.75 1.30 -28.36
C SER B 393 16.82 2.50 -28.32
N THR B 394 15.52 2.27 -28.06
CA THR B 394 14.59 3.40 -27.97
C THR B 394 14.88 4.27 -26.75
N LEU B 395 15.21 3.64 -25.62
CA LEU B 395 15.60 4.42 -24.44
C LEU B 395 16.81 5.29 -24.73
N LEU B 396 17.82 4.75 -25.38
CA LEU B 396 19.03 5.54 -25.69
C LEU B 396 18.71 6.65 -26.68
N VAL B 397 17.89 6.35 -27.69
CA VAL B 397 17.51 7.35 -28.68
C VAL B 397 16.74 8.51 -28.03
N TRP B 398 15.92 8.22 -27.03
CA TRP B 398 15.19 9.30 -26.37
C TRP B 398 16.04 10.03 -25.34
N VAL B 399 17.05 9.38 -24.75
CA VAL B 399 17.98 10.09 -23.90
C VAL B 399 18.87 11.02 -24.74
N GLY B 400 19.08 10.69 -26.01
CA GLY B 400 19.93 11.52 -26.85
C GLY B 400 19.38 12.88 -27.23
N VAL B 401 18.23 13.29 -26.67
CA VAL B 401 17.69 14.62 -26.91
C VAL B 401 18.29 15.63 -25.93
N ILE B 402 18.74 15.15 -24.76
CA ILE B 402 19.46 16.01 -23.82
C ILE B 402 20.57 16.76 -24.53
N ARG B 403 21.15 16.17 -25.57
CA ARG B 403 22.17 16.86 -26.35
C ARG B 403 21.61 18.09 -27.05
N TYR B 404 20.41 17.97 -27.62
CA TYR B 404 19.77 19.12 -28.25
C TYR B 404 19.32 20.14 -27.22
N LEU B 405 19.19 19.74 -25.96
CA LEU B 405 18.85 20.71 -24.92
C LEU B 405 20.08 21.44 -24.38
N THR B 406 21.28 20.87 -24.49
CA THR B 406 22.46 21.51 -23.92
C THR B 406 23.00 22.62 -24.83
N PHE B 407 22.29 22.94 -25.90
CA PHE B 407 22.73 24.03 -26.77
C PHE B 407 22.27 25.38 -26.22
N PHE B 408 21.24 25.38 -25.38
CA PHE B 408 20.71 26.61 -24.80
C PHE B 408 21.17 26.77 -23.37
N HIS B 409 21.27 28.02 -22.92
CA HIS B 409 22.04 28.31 -21.71
C HIS B 409 21.36 27.79 -20.45
N ASN B 410 20.03 27.94 -20.35
CA ASN B 410 19.34 27.60 -19.11
C ASN B 410 19.23 26.09 -18.93
N TYR B 411 18.79 25.39 -19.99
CA TYR B 411 18.79 23.93 -19.95
C TYR B 411 20.19 23.39 -19.71
N ASN B 412 21.21 24.06 -20.24
CA ASN B 412 22.57 23.63 -20.01
C ASN B 412 22.98 23.80 -18.55
N ILE B 413 22.43 24.81 -17.87
CA ILE B 413 22.69 24.95 -16.44
C ILE B 413 22.08 23.79 -15.68
N LEU B 414 20.83 23.44 -16.02
CA LEU B 414 20.18 22.32 -15.34
C LEU B 414 20.88 20.99 -15.62
N ILE B 415 21.50 20.85 -16.79
CA ILE B 415 22.21 19.60 -17.09
C ILE B 415 23.60 19.59 -16.45
N ALA B 416 24.29 20.73 -16.43
CA ALA B 416 25.61 20.80 -15.85
C ALA B 416 25.57 20.62 -14.34
N THR B 417 24.46 21.01 -13.70
CA THR B 417 24.33 20.73 -12.27
C THR B 417 24.42 19.24 -11.98
N LEU B 418 23.66 18.44 -12.73
CA LEU B 418 23.70 16.99 -12.53
C LEU B 418 25.05 16.40 -12.92
N ARG B 419 25.64 16.90 -14.01
CA ARG B 419 26.94 16.41 -14.42
C ARG B 419 28.01 16.69 -13.39
N VAL B 420 27.90 17.82 -12.67
CA VAL B 420 28.85 18.13 -11.61
C VAL B 420 28.56 17.33 -10.35
N ALA B 421 27.29 17.07 -10.05
CA ALA B 421 26.95 16.35 -8.82
C ALA B 421 27.17 14.84 -8.91
N LEU B 422 27.28 14.29 -10.11
CA LEU B 422 27.35 12.83 -10.25
C LEU B 422 28.51 12.15 -9.51
N PRO B 423 29.75 12.65 -9.55
CA PRO B 423 30.84 11.93 -8.84
C PRO B 423 30.63 11.77 -7.34
N SER B 424 30.26 12.85 -6.65
CA SER B 424 29.98 12.74 -5.22
C SER B 424 28.86 11.76 -4.95
N VAL B 425 27.85 11.74 -5.83
CA VAL B 425 26.75 10.80 -5.69
C VAL B 425 27.26 9.37 -5.78
N MET B 426 28.18 9.10 -6.70
CA MET B 426 28.67 7.73 -6.85
C MET B 426 29.57 7.31 -5.69
N ARG B 427 30.36 8.24 -5.15
CA ARG B 427 31.18 7.87 -3.98
C ARG B 427 30.30 7.60 -2.76
N PHE B 428 29.31 8.45 -2.52
CA PHE B 428 28.36 8.17 -1.44
C PHE B 428 27.63 6.87 -1.70
N CYS B 429 27.37 6.53 -2.96
CA CYS B 429 26.75 5.25 -3.27
C CYS B 429 27.66 4.08 -2.93
N CYS B 430 28.98 4.25 -3.05
CA CYS B 430 29.89 3.21 -2.59
C CYS B 430 29.75 2.96 -1.08
N CYS B 431 29.82 4.05 -0.30
CA CYS B 431 29.70 3.90 1.16
C CYS B 431 28.36 3.27 1.54
N VAL B 432 27.27 3.78 0.96
CA VAL B 432 25.95 3.29 1.28
C VAL B 432 25.78 1.84 0.83
N ALA B 433 26.28 1.50 -0.37
CA ALA B 433 26.42 0.12 -0.81
C ALA B 433 26.93 -0.79 0.30
N VAL B 434 28.08 -0.45 0.90
CA VAL B 434 28.65 -1.41 1.85
C VAL B 434 27.76 -1.53 3.09
N ILE B 435 27.24 -0.40 3.59
CA ILE B 435 26.38 -0.50 4.78
C ILE B 435 25.11 -1.28 4.48
N TYR B 436 24.50 -1.01 3.33
CA TYR B 436 23.25 -1.65 2.94
C TYR B 436 23.44 -3.15 2.70
N LEU B 437 24.60 -3.54 2.19
CA LEU B 437 24.88 -4.96 1.99
C LEU B 437 25.05 -5.68 3.33
N GLY B 438 25.73 -5.05 4.29
CA GLY B 438 25.77 -5.61 5.62
C GLY B 438 24.37 -5.82 6.19
N TYR B 439 23.51 -4.82 6.05
CA TYR B 439 22.14 -4.95 6.56
C TYR B 439 21.38 -6.06 5.84
N CYS B 440 21.58 -6.21 4.53
CA CYS B 440 20.90 -7.26 3.79
C CYS B 440 21.31 -8.64 4.29
N PHE B 441 22.62 -8.85 4.48
CA PHE B 441 23.08 -10.14 4.99
C PHE B 441 22.50 -10.43 6.36
N CYS B 442 22.56 -9.45 7.28
CA CYS B 442 22.06 -9.69 8.63
C CYS B 442 20.55 -10.01 8.61
N GLY B 443 19.78 -9.22 7.86
CA GLY B 443 18.35 -9.44 7.82
C GLY B 443 17.97 -10.77 7.21
N TRP B 444 18.61 -11.14 6.11
CA TRP B 444 18.38 -12.45 5.51
C TRP B 444 18.62 -13.56 6.53
N ILE B 445 19.80 -13.57 7.15
CA ILE B 445 20.16 -14.69 8.01
C ILE B 445 19.25 -14.77 9.24
N VAL B 446 18.81 -13.63 9.77
CA VAL B 446 18.06 -13.69 11.01
C VAL B 446 16.56 -13.85 10.76
N LEU B 447 15.97 -13.05 9.88
CA LEU B 447 14.53 -13.07 9.69
C LEU B 447 14.08 -14.02 8.59
N GLY B 448 15.01 -14.70 7.91
CA GLY B 448 14.65 -15.70 6.93
C GLY B 448 13.76 -16.81 7.45
N PRO B 449 14.15 -17.49 8.53
CA PRO B 449 13.35 -18.63 9.01
C PRO B 449 11.92 -18.31 9.40
N TYR B 450 11.57 -17.05 9.62
CA TYR B 450 10.26 -16.72 10.16
C TYR B 450 9.35 -15.98 9.18
N HIS B 451 9.91 -15.21 8.25
CA HIS B 451 9.11 -14.37 7.37
C HIS B 451 9.49 -14.63 5.93
N VAL B 452 8.48 -14.74 5.07
CA VAL B 452 8.70 -15.15 3.69
C VAL B 452 9.23 -14.02 2.82
N LYS B 453 9.10 -12.76 3.26
CA LYS B 453 9.70 -11.65 2.53
C LYS B 453 11.22 -11.60 2.68
N PHE B 454 11.81 -12.44 3.53
CA PHE B 454 13.22 -12.40 3.84
C PHE B 454 13.90 -13.73 3.52
N ARG B 455 13.40 -14.45 2.52
CA ARG B 455 13.95 -15.77 2.21
C ARG B 455 15.14 -15.67 1.27
N SER B 456 15.00 -14.96 0.17
CA SER B 456 16.08 -14.79 -0.79
C SER B 456 16.82 -13.49 -0.52
N LEU B 457 18.07 -13.44 -0.97
CA LEU B 457 18.83 -12.21 -0.88
C LEU B 457 18.26 -11.14 -1.80
N SER B 458 17.76 -11.55 -2.97
CA SER B 458 17.09 -10.61 -3.86
C SER B 458 15.81 -10.08 -3.23
N MET B 459 15.07 -10.93 -2.52
CA MET B 459 13.84 -10.48 -1.89
C MET B 459 14.11 -9.55 -0.72
N VAL B 460 15.12 -9.85 0.10
CA VAL B 460 15.42 -8.93 1.19
C VAL B 460 15.96 -7.61 0.63
N SER B 461 16.70 -7.64 -0.47
CA SER B 461 17.17 -6.41 -1.08
C SER B 461 16.00 -5.57 -1.59
N GLU B 462 15.02 -6.21 -2.25
CA GLU B 462 13.85 -5.48 -2.73
C GLU B 462 13.03 -4.93 -1.57
N CYS B 463 12.89 -5.70 -0.50
CA CYS B 463 12.14 -5.23 0.66
C CYS B 463 12.81 -4.03 1.31
N LEU B 464 14.14 -4.06 1.45
CA LEU B 464 14.83 -2.93 2.06
C LEU B 464 14.81 -1.70 1.16
N PHE B 465 14.96 -1.90 -0.15
CA PHE B 465 14.90 -0.77 -1.07
C PHE B 465 13.51 -0.16 -1.10
N SER B 466 12.48 -0.97 -0.90
CA SER B 466 11.13 -0.42 -0.78
C SER B 466 10.94 0.29 0.56
N LEU B 467 11.57 -0.21 1.61
CA LEU B 467 11.43 0.40 2.93
C LEU B 467 12.07 1.78 2.99
N ILE B 468 13.23 1.96 2.35
CA ILE B 468 13.90 3.26 2.44
C ILE B 468 13.18 4.29 1.59
N ASN B 469 12.14 3.89 0.88
CA ASN B 469 11.33 4.80 0.08
C ASN B 469 9.89 4.86 0.55
N GLY B 470 9.56 4.24 1.67
CA GLY B 470 8.24 4.33 2.25
C GLY B 470 7.20 3.45 1.59
N ASP B 471 7.35 2.12 1.67
CA ASP B 471 6.40 1.21 1.04
C ASP B 471 6.40 -0.12 1.77
N ASP B 472 5.19 -0.65 2.00
CA ASP B 472 4.98 -1.93 2.70
C ASP B 472 5.64 -1.95 4.07
N MET B 473 5.76 -0.76 4.67
CA MET B 473 6.47 -0.62 5.93
C MET B 473 5.66 -1.18 7.09
N PHE B 474 4.38 -0.81 7.18
CA PHE B 474 3.55 -1.34 8.25
C PHE B 474 3.20 -2.81 8.02
N VAL B 475 3.08 -3.23 6.76
CA VAL B 475 2.86 -4.65 6.51
C VAL B 475 4.07 -5.46 6.98
N THR B 476 5.28 -4.95 6.74
CA THR B 476 6.46 -5.62 7.28
C THR B 476 6.42 -5.66 8.80
N PHE B 477 6.13 -4.53 9.43
CA PHE B 477 6.08 -4.48 10.89
C PHE B 477 5.07 -5.45 11.47
N ALA B 478 3.90 -5.57 10.84
CA ALA B 478 2.86 -6.46 11.34
C ALA B 478 3.24 -7.93 11.10
N ALA B 479 3.85 -8.22 9.96
CA ALA B 479 4.38 -9.57 9.73
C ALA B 479 5.35 -9.95 10.83
N MET B 480 6.19 -9.00 11.26
CA MET B 480 7.08 -9.29 12.39
C MET B 480 6.29 -9.47 13.68
N GLN B 481 5.29 -8.62 13.90
CA GLN B 481 4.46 -8.68 15.11
C GLN B 481 3.81 -10.04 15.27
N ALA B 482 3.53 -10.72 14.16
CA ALA B 482 2.79 -11.98 14.22
C ALA B 482 3.60 -13.15 14.80
N GLN B 483 4.82 -12.95 15.33
CA GLN B 483 5.58 -14.02 15.95
C GLN B 483 6.17 -13.62 17.30
N GLN B 484 5.58 -12.62 17.97
CA GLN B 484 6.06 -12.22 19.29
C GLN B 484 6.00 -13.38 20.27
N GLY B 485 4.89 -14.11 20.28
CA GLY B 485 4.75 -15.25 21.17
C GLY B 485 5.68 -16.38 20.83
N ARG B 486 5.86 -16.65 19.52
CA ARG B 486 6.82 -17.67 19.11
C ARG B 486 8.22 -17.34 19.62
N SER B 487 8.76 -16.19 19.21
CA SER B 487 10.12 -15.83 19.61
C SER B 487 10.16 -14.35 19.97
N SER B 488 10.03 -14.06 21.26
CA SER B 488 10.21 -12.69 21.75
C SER B 488 11.59 -12.14 21.40
N LEU B 489 12.62 -12.99 21.41
CA LEU B 489 13.97 -12.52 21.10
C LEU B 489 14.07 -12.07 19.65
N VAL B 490 13.56 -12.88 18.73
CA VAL B 490 13.59 -12.48 17.32
C VAL B 490 12.68 -11.29 17.08
N TRP B 491 11.58 -11.18 17.82
CA TRP B 491 10.71 -10.02 17.68
C TRP B 491 11.43 -8.74 18.09
N LEU B 492 12.14 -8.78 19.23
CA LEU B 492 12.87 -7.61 19.69
C LEU B 492 14.00 -7.26 18.73
N PHE B 493 14.70 -8.28 18.21
CA PHE B 493 15.74 -8.02 17.22
C PHE B 493 15.16 -7.38 15.97
N SER B 494 13.97 -7.83 15.53
CA SER B 494 13.37 -7.28 14.33
C SER B 494 12.94 -5.83 14.55
N GLN B 495 12.44 -5.51 15.75
CA GLN B 495 12.14 -4.12 16.07
C GLN B 495 13.38 -3.25 15.96
N LEU B 496 14.46 -3.63 16.67
CA LEU B 496 15.70 -2.85 16.60
C LEU B 496 16.19 -2.73 15.17
N TYR B 497 16.21 -3.85 14.44
CA TYR B 497 16.72 -3.89 13.08
C TYR B 497 15.95 -2.95 12.16
N LEU B 498 14.63 -3.07 12.13
CA LEU B 498 13.84 -2.28 11.21
C LEU B 498 13.89 -0.80 11.56
N TYR B 499 13.73 -0.46 12.85
CA TYR B 499 13.78 0.95 13.24
C TYR B 499 15.13 1.56 12.90
N SER B 500 16.22 0.90 13.29
CA SER B 500 17.56 1.40 13.01
C SER B 500 17.78 1.61 11.52
N PHE B 501 17.42 0.61 10.71
CA PHE B 501 17.68 0.71 9.28
C PHE B 501 16.88 1.84 8.64
N ILE B 502 15.58 1.87 8.87
CA ILE B 502 14.75 2.88 8.22
C ILE B 502 15.16 4.28 8.66
N SER B 503 15.47 4.45 9.95
CA SER B 503 15.84 5.76 10.45
C SER B 503 17.17 6.22 9.86
N LEU B 504 18.19 5.36 9.91
CA LEU B 504 19.49 5.73 9.38
C LEU B 504 19.44 6.02 7.89
N PHE B 505 18.59 5.32 7.15
CA PHE B 505 18.59 5.48 5.70
C PHE B 505 17.64 6.56 5.19
N ILE B 506 16.65 6.97 5.98
CA ILE B 506 15.75 8.03 5.57
C ILE B 506 16.17 9.39 6.13
N TYR B 507 16.64 9.43 7.37
CA TYR B 507 16.93 10.71 8.02
C TYR B 507 18.38 11.12 7.91
N MET B 508 19.25 10.31 7.30
CA MET B 508 20.66 10.66 7.21
C MET B 508 21.29 10.46 5.84
N VAL B 509 20.74 9.62 4.98
CA VAL B 509 21.34 9.33 3.68
C VAL B 509 20.68 10.12 2.56
N LEU B 510 19.34 10.10 2.50
CA LEU B 510 18.65 10.89 1.49
C LEU B 510 18.86 12.37 1.71
N SER B 511 18.97 12.79 2.98
CA SER B 511 19.28 14.18 3.28
C SER B 511 20.65 14.56 2.72
N LEU B 512 21.60 13.63 2.75
CA LEU B 512 22.91 13.93 2.20
C LEU B 512 22.90 13.93 0.67
N PHE B 513 22.08 13.10 0.04
CA PHE B 513 21.90 13.22 -1.41
C PHE B 513 21.35 14.61 -1.76
N ILE B 514 20.35 15.07 -1.02
CA ILE B 514 19.81 16.41 -1.24
C ILE B 514 20.89 17.47 -1.04
N ALA B 515 21.71 17.31 0.00
CA ALA B 515 22.77 18.28 0.26
C ALA B 515 23.79 18.32 -0.86
N LEU B 516 24.15 17.15 -1.41
CA LEU B 516 25.09 17.12 -2.53
C LEU B 516 24.52 17.83 -3.74
N ILE B 517 23.26 17.55 -4.09
CA ILE B 517 22.68 18.19 -5.27
C ILE B 517 22.55 19.69 -5.07
N THR B 518 22.21 20.12 -3.85
CA THR B 518 22.05 21.54 -3.60
C THR B 518 23.40 22.27 -3.64
N GLY B 519 24.45 21.65 -3.10
CA GLY B 519 25.77 22.23 -3.22
C GLY B 519 26.23 22.34 -4.67
N ALA B 520 25.94 21.31 -5.48
CA ALA B 520 26.29 21.39 -6.89
C ALA B 520 25.54 22.51 -7.59
N TYR B 521 24.24 22.67 -7.30
CA TYR B 521 23.47 23.74 -7.90
C TYR B 521 24.04 25.10 -7.52
N ASP B 522 24.40 25.27 -6.24
CA ASP B 522 24.96 26.54 -5.80
C ASP B 522 26.30 26.83 -6.47
N THR B 523 27.13 25.80 -6.64
CA THR B 523 28.40 26.00 -7.34
C THR B 523 28.17 26.38 -8.81
N ILE B 524 27.16 25.79 -9.45
CA ILE B 524 26.91 26.10 -10.86
C ILE B 524 26.38 27.51 -11.01
N LYS B 525 25.49 27.93 -10.11
CA LYS B 525 24.89 29.26 -10.22
C LYS B 525 25.78 30.37 -9.67
N HIS B 526 27.07 30.12 -9.51
CA HIS B 526 27.99 31.15 -9.03
C HIS B 526 29.35 31.03 -9.71
N ASP C 40 61.51 13.66 20.25
CA ASP C 40 61.47 12.59 21.24
C ASP C 40 60.23 11.72 21.01
N LEU C 41 59.19 11.95 21.80
CA LEU C 41 57.90 11.32 21.54
C LEU C 41 57.25 11.82 20.26
N ARG C 42 57.80 12.88 19.65
CA ARG C 42 57.18 13.45 18.46
C ARG C 42 57.14 12.45 17.32
N ARG C 43 58.25 11.77 17.06
CA ARG C 43 58.27 10.77 15.99
C ARG C 43 57.35 9.61 16.31
N ARG C 44 57.26 9.22 17.58
CA ARG C 44 56.40 8.11 17.97
C ARG C 44 54.94 8.43 17.71
N LEU C 45 54.49 9.61 18.15
CA LEU C 45 53.10 9.98 17.92
C LEU C 45 52.85 10.24 16.43
N LYS C 46 53.85 10.77 15.72
CA LYS C 46 53.75 10.89 14.27
C LYS C 46 53.43 9.54 13.64
N TYR C 47 54.21 8.52 13.96
CA TYR C 47 53.98 7.21 13.37
C TYR C 47 52.66 6.61 13.84
N PHE C 48 52.29 6.86 15.10
CA PHE C 48 51.05 6.31 15.62
C PHE C 48 49.83 6.88 14.92
N PHE C 49 49.87 8.17 14.57
CA PHE C 49 48.73 8.80 13.92
C PHE C 49 48.83 8.82 12.41
N MET C 50 49.96 8.39 11.83
CA MET C 50 50.07 8.28 10.38
C MET C 50 49.03 7.32 9.83
N SER C 51 48.61 7.59 8.60
CA SER C 51 47.76 6.67 7.86
C SER C 51 48.59 5.46 7.44
N PRO C 52 47.94 4.40 6.94
CA PRO C 52 48.73 3.22 6.53
C PRO C 52 49.68 3.50 5.38
N CYS C 53 49.27 4.33 4.41
CA CYS C 53 50.15 4.64 3.29
C CYS C 53 51.38 5.41 3.76
N ASP C 54 51.18 6.42 4.61
CA ASP C 54 52.31 7.18 5.12
C ASP C 54 53.18 6.35 6.05
N LYS C 55 52.57 5.44 6.81
CA LYS C 55 53.35 4.47 7.58
C LYS C 55 54.27 3.68 6.65
N PHE C 56 53.71 3.09 5.59
CA PHE C 56 54.51 2.35 4.64
C PHE C 56 55.62 3.20 4.06
N ARG C 57 55.33 4.48 3.78
CA ARG C 57 56.34 5.36 3.20
C ARG C 57 57.46 5.65 4.19
N ALA C 58 57.13 5.79 5.48
CA ALA C 58 58.10 6.25 6.47
C ALA C 58 58.93 5.09 7.00
N LYS C 59 58.27 4.05 7.52
CA LYS C 59 58.96 2.89 8.08
C LYS C 59 57.95 1.77 8.34
N GLY C 60 58.44 0.53 8.27
CA GLY C 60 57.61 -0.62 8.53
C GLY C 60 57.12 -1.26 7.25
N ARG C 61 56.76 -2.54 7.35
CA ARG C 61 56.40 -3.36 6.20
C ARG C 61 54.92 -3.14 5.83
N LYS C 62 54.38 -4.03 5.02
CA LYS C 62 53.15 -3.82 4.25
C LYS C 62 51.91 -3.90 5.13
N PRO C 63 50.71 -3.55 4.58
CA PRO C 63 49.48 -3.62 5.39
C PRO C 63 49.02 -5.04 5.71
N CYS C 64 49.78 -5.72 6.58
CA CYS C 64 49.45 -7.08 6.97
C CYS C 64 48.10 -7.16 7.68
N LYS C 65 47.88 -6.30 8.67
CA LYS C 65 46.61 -6.31 9.40
C LYS C 65 45.45 -5.98 8.47
N LEU C 66 45.67 -5.08 7.52
CA LEU C 66 44.59 -4.67 6.62
C LEU C 66 44.17 -5.82 5.70
N MET C 67 45.13 -6.54 5.13
CA MET C 67 44.72 -7.66 4.28
C MET C 67 44.22 -8.84 5.11
N LEU C 68 44.69 -8.98 6.36
CA LEU C 68 44.07 -9.95 7.25
C LEU C 68 42.60 -9.63 7.47
N GLN C 69 42.27 -8.36 7.66
CA GLN C 69 40.87 -8.00 7.82
C GLN C 69 40.08 -8.22 6.54
N VAL C 70 40.72 -8.06 5.38
CA VAL C 70 40.02 -8.35 4.12
C VAL C 70 39.66 -9.83 4.03
N VAL C 71 40.62 -10.71 4.29
CA VAL C 71 40.32 -12.13 4.20
C VAL C 71 39.34 -12.55 5.30
N LYS C 72 39.34 -11.83 6.43
CA LYS C 72 38.36 -12.11 7.47
C LYS C 72 36.95 -11.75 7.02
N ILE C 73 36.79 -10.59 6.37
CA ILE C 73 35.50 -10.24 5.76
C ILE C 73 35.05 -11.35 4.84
N LEU C 74 35.96 -11.83 3.98
CA LEU C 74 35.60 -12.85 3.00
C LEU C 74 35.11 -14.13 3.68
N VAL C 75 35.88 -14.63 4.65
CA VAL C 75 35.53 -15.92 5.25
C VAL C 75 34.26 -15.81 6.07
N VAL C 76 34.05 -14.69 6.75
CA VAL C 76 32.83 -14.52 7.53
C VAL C 76 31.61 -14.49 6.63
N THR C 77 31.69 -13.78 5.51
CA THR C 77 30.54 -13.73 4.61
C THR C 77 30.25 -15.09 3.99
N VAL C 78 31.30 -15.84 3.60
CA VAL C 78 31.08 -17.14 2.99
C VAL C 78 30.47 -18.11 4.00
N GLN C 79 30.93 -18.07 5.25
CA GLN C 79 30.36 -18.92 6.29
C GLN C 79 28.89 -18.60 6.52
N LEU C 80 28.55 -17.30 6.58
CA LEU C 80 27.16 -16.91 6.78
C LEU C 80 26.27 -17.42 5.65
N ILE C 81 26.75 -17.32 4.39
CA ILE C 81 25.94 -17.77 3.27
C ILE C 81 25.74 -19.27 3.31
N LEU C 82 26.81 -20.03 3.61
CA LEU C 82 26.68 -21.47 3.70
C LEU C 82 25.68 -21.88 4.78
N PHE C 83 25.70 -21.20 5.92
CA PHE C 83 24.74 -21.50 6.99
C PHE C 83 23.31 -21.18 6.55
N GLY C 84 23.14 -20.02 5.89
CA GLY C 84 21.80 -19.57 5.54
C GLY C 84 21.11 -20.46 4.53
N LEU C 85 21.86 -20.99 3.57
CA LEU C 85 21.24 -21.85 2.56
C LEU C 85 20.62 -23.10 3.19
N SER C 86 21.37 -23.76 4.08
CA SER C 86 20.85 -24.96 4.73
C SER C 86 19.68 -24.64 5.66
N ASN C 87 19.77 -23.56 6.41
CA ASN C 87 18.63 -23.19 7.27
C ASN C 87 17.39 -22.93 6.44
N GLN C 88 17.54 -22.25 5.30
CA GLN C 88 16.41 -22.02 4.40
C GLN C 88 15.79 -23.33 3.94
N LEU C 89 16.64 -24.28 3.51
CA LEU C 89 16.11 -25.51 2.95
C LEU C 89 15.46 -26.39 4.02
N ALA C 90 15.84 -26.25 5.29
CA ALA C 90 15.14 -27.00 6.33
C ALA C 90 13.86 -26.31 6.80
N VAL C 91 13.85 -24.97 6.80
CA VAL C 91 12.65 -24.24 7.20
C VAL C 91 11.52 -24.49 6.21
N THR C 92 11.85 -24.61 4.91
CA THR C 92 10.79 -24.89 3.95
C THR C 92 10.13 -26.25 4.23
N PHE C 93 10.93 -27.26 4.58
CA PHE C 93 10.39 -28.57 4.89
C PHE C 93 9.47 -28.51 6.12
N ARG C 94 9.92 -27.83 7.18
CA ARG C 94 9.09 -27.72 8.37
C ARG C 94 7.77 -27.02 8.06
N GLU C 95 7.82 -25.93 7.31
CA GLU C 95 6.61 -25.18 6.99
C GLU C 95 5.65 -26.01 6.15
N GLU C 96 6.15 -26.74 5.15
CA GLU C 96 5.27 -27.51 4.30
C GLU C 96 4.62 -28.66 5.06
N ASN C 97 5.37 -29.29 5.97
CA ASN C 97 4.75 -30.32 6.81
C ASN C 97 3.68 -29.72 7.71
N THR C 98 3.88 -28.50 8.21
CA THR C 98 2.85 -27.90 9.05
C THR C 98 1.59 -27.56 8.23
N ILE C 99 1.77 -27.08 7.01
CA ILE C 99 0.61 -26.81 6.14
C ILE C 99 -0.16 -28.11 5.88
N ALA C 100 0.56 -29.19 5.58
CA ALA C 100 -0.10 -30.47 5.38
C ALA C 100 -0.85 -30.92 6.63
N PHE C 101 -0.26 -30.70 7.80
CA PHE C 101 -0.93 -31.07 9.04
C PHE C 101 -2.22 -30.28 9.24
N ARG C 102 -2.19 -28.99 8.95
CA ARG C 102 -3.39 -28.18 9.09
C ARG C 102 -4.49 -28.67 8.15
N HIS C 103 -4.15 -28.88 6.88
CA HIS C 103 -5.16 -29.34 5.94
C HIS C 103 -5.65 -30.75 6.24
N LEU C 104 -4.84 -31.56 6.90
CA LEU C 104 -5.26 -32.93 7.21
C LEU C 104 -6.13 -32.98 8.47
N PHE C 105 -5.81 -32.19 9.49
CA PHE C 105 -6.44 -32.37 10.80
C PHE C 105 -7.48 -31.31 11.16
N LEU C 106 -7.45 -30.13 10.54
CA LEU C 106 -8.44 -29.11 10.84
C LEU C 106 -9.62 -29.25 9.88
N LEU C 107 -10.82 -29.33 10.43
CA LEU C 107 -12.02 -29.60 9.66
C LEU C 107 -12.56 -28.29 9.08
N GLY C 108 -12.69 -28.25 7.76
CA GLY C 108 -13.16 -27.04 7.10
C GLY C 108 -12.09 -25.99 6.92
N TYR C 109 -10.82 -26.36 7.00
CA TYR C 109 -9.74 -25.40 6.89
C TYR C 109 -9.42 -25.11 5.44
N SER C 110 -9.16 -23.84 5.14
CA SER C 110 -8.77 -23.40 3.82
C SER C 110 -7.60 -22.44 3.95
N ASP C 111 -6.73 -22.46 2.94
CA ASP C 111 -5.56 -21.59 2.93
C ASP C 111 -5.95 -20.14 3.16
N GLY C 112 -5.06 -19.39 3.79
CA GLY C 112 -5.49 -18.16 4.42
C GLY C 112 -6.27 -18.53 5.66
N ALA C 113 -7.01 -17.55 6.18
CA ALA C 113 -7.94 -17.78 7.29
C ALA C 113 -7.27 -18.52 8.45
N ASP C 114 -5.98 -18.25 8.65
CA ASP C 114 -5.26 -18.90 9.75
C ASP C 114 -5.65 -18.29 11.09
N ASP C 115 -5.89 -16.99 11.11
CA ASP C 115 -6.67 -16.37 12.16
C ASP C 115 -8.14 -16.48 11.77
N THR C 116 -9.03 -16.03 12.66
CA THR C 116 -10.48 -16.07 12.42
C THR C 116 -10.99 -17.47 12.12
N PHE C 117 -10.25 -18.51 12.48
CA PHE C 117 -10.72 -19.88 12.37
C PHE C 117 -11.16 -20.32 13.76
N ALA C 118 -12.47 -20.50 13.94
CA ALA C 118 -13.01 -20.72 15.27
C ALA C 118 -14.24 -21.61 15.17
N ALA C 119 -14.88 -21.83 16.30
CA ALA C 119 -16.11 -22.61 16.40
C ALA C 119 -17.13 -21.80 17.18
N TYR C 120 -18.39 -21.90 16.77
CA TYR C 120 -19.45 -21.11 17.38
C TYR C 120 -20.62 -21.96 17.87
N THR C 121 -20.48 -23.28 17.86
CA THR C 121 -21.57 -24.17 18.17
C THR C 121 -21.00 -25.45 18.80
N ARG C 122 -21.76 -26.03 19.72
CA ARG C 122 -21.30 -27.24 20.40
C ARG C 122 -21.07 -28.38 19.41
N GLU C 123 -21.96 -28.55 18.44
CA GLU C 123 -21.78 -29.60 17.44
C GLU C 123 -20.60 -29.29 16.54
N GLN C 124 -20.36 -28.02 16.25
CA GLN C 124 -19.18 -27.62 15.49
C GLN C 124 -17.90 -28.04 16.21
N LEU C 125 -17.82 -27.76 17.51
CA LEU C 125 -16.64 -28.13 18.29
C LEU C 125 -16.48 -29.64 18.38
N TYR C 126 -17.57 -30.36 18.64
CA TYR C 126 -17.51 -31.81 18.69
C TYR C 126 -17.03 -32.40 17.37
N GLN C 127 -17.54 -31.89 16.26
CA GLN C 127 -17.13 -32.40 14.95
C GLN C 127 -15.67 -32.09 14.66
N ALA C 128 -15.20 -30.92 15.07
CA ALA C 128 -13.78 -30.60 14.88
C ALA C 128 -12.89 -31.58 15.65
N ILE C 129 -13.23 -31.83 16.92
CA ILE C 129 -12.42 -32.73 17.74
C ILE C 129 -12.43 -34.14 17.16
N PHE C 130 -13.62 -34.64 16.82
CA PHE C 130 -13.72 -36.00 16.32
C PHE C 130 -13.06 -36.16 14.96
N HIS C 131 -13.11 -35.11 14.12
CA HIS C 131 -12.39 -35.15 12.84
C HIS C 131 -10.89 -35.22 13.07
N ALA C 132 -10.36 -34.43 14.00
CA ALA C 132 -8.93 -34.51 14.30
C ALA C 132 -8.53 -35.92 14.72
N VAL C 133 -9.29 -36.52 15.63
CA VAL C 133 -8.90 -37.84 16.13
C VAL C 133 -9.06 -38.90 15.03
N ASP C 134 -10.13 -38.82 14.24
CA ASP C 134 -10.32 -39.80 13.18
C ASP C 134 -9.25 -39.69 12.10
N GLN C 135 -8.82 -38.47 11.77
CA GLN C 135 -7.74 -38.32 10.80
C GLN C 135 -6.43 -38.84 11.37
N TYR C 136 -6.19 -38.63 12.67
CA TYR C 136 -5.00 -39.22 13.27
C TYR C 136 -5.01 -40.73 13.17
N LEU C 137 -6.19 -41.35 13.36
CA LEU C 137 -6.25 -42.80 13.27
C LEU C 137 -6.18 -43.30 11.83
N ALA C 138 -6.59 -42.48 10.86
CA ALA C 138 -6.63 -42.90 9.46
C ALA C 138 -5.40 -42.47 8.66
N LEU C 139 -4.48 -41.72 9.27
CA LEU C 139 -3.29 -41.19 8.60
C LEU C 139 -2.58 -42.14 7.65
N PRO C 140 -2.22 -43.38 8.03
CA PRO C 140 -1.42 -44.20 7.11
C PRO C 140 -2.13 -44.57 5.82
N ASP C 141 -3.46 -44.55 5.78
CA ASP C 141 -4.19 -44.91 4.58
C ASP C 141 -4.48 -43.72 3.68
N VAL C 142 -4.41 -42.50 4.19
CA VAL C 142 -4.87 -41.33 3.46
C VAL C 142 -3.78 -40.29 3.21
N SER C 143 -2.71 -40.26 4.01
CA SER C 143 -1.74 -39.19 3.88
C SER C 143 -0.83 -39.40 2.67
N LEU C 144 -0.37 -38.29 2.11
CA LEU C 144 0.58 -38.34 1.00
C LEU C 144 2.02 -38.40 1.44
N GLY C 145 2.31 -38.08 2.70
CA GLY C 145 3.63 -38.29 3.26
C GLY C 145 3.70 -39.62 3.97
N ARG C 146 4.89 -39.90 4.50
CA ARG C 146 5.13 -41.13 5.26
C ARG C 146 5.49 -40.75 6.69
N TYR C 147 4.59 -41.06 7.62
CA TYR C 147 4.79 -40.76 9.03
C TYR C 147 4.71 -42.05 9.83
N ALA C 148 5.21 -41.98 11.06
CA ALA C 148 5.22 -43.11 11.97
C ALA C 148 4.73 -42.67 13.34
N TYR C 149 4.01 -43.55 14.00
CA TYR C 149 3.45 -43.24 15.30
C TYR C 149 4.51 -43.34 16.39
N VAL C 150 4.35 -42.53 17.43
CA VAL C 150 5.25 -42.51 18.58
C VAL C 150 4.45 -42.91 19.80
N ARG C 151 4.81 -44.04 20.41
CA ARG C 151 4.11 -44.52 21.59
C ARG C 151 4.53 -43.70 22.81
N GLY C 152 3.76 -43.87 23.88
CA GLY C 152 3.87 -43.00 25.04
C GLY C 152 5.23 -42.97 25.72
N GLY C 153 5.85 -41.79 25.76
CA GLY C 153 7.13 -41.62 26.42
C GLY C 153 7.29 -40.30 27.12
N GLY C 154 6.18 -39.63 27.43
CA GLY C 154 6.25 -38.32 28.03
C GLY C 154 5.18 -38.08 29.09
N ASP C 155 4.89 -36.81 29.36
CA ASP C 155 3.95 -36.47 30.42
C ASP C 155 2.50 -36.69 30.00
N PRO C 156 2.02 -36.11 28.89
CA PRO C 156 0.61 -36.33 28.54
C PRO C 156 0.33 -37.76 28.13
N TRP C 157 1.23 -38.39 27.40
CA TRP C 157 1.03 -39.74 26.88
C TRP C 157 1.44 -40.76 27.93
N THR C 158 0.48 -41.57 28.37
CA THR C 158 0.79 -42.69 29.24
C THR C 158 1.39 -43.81 28.40
N ASN C 159 1.61 -44.98 29.01
CA ASN C 159 2.25 -46.08 28.29
C ASN C 159 1.33 -46.59 27.20
N GLY C 160 1.88 -46.74 25.99
CA GLY C 160 1.17 -47.33 24.88
C GLY C 160 0.28 -46.40 24.08
N SER C 161 0.11 -45.15 24.50
CA SER C 161 -0.80 -44.23 23.83
C SER C 161 -0.01 -43.26 22.96
N GLY C 162 -0.59 -42.91 21.81
CA GLY C 162 0.06 -42.00 20.89
C GLY C 162 -0.59 -40.64 20.84
N LEU C 163 -1.87 -40.56 21.16
CA LEU C 163 -2.63 -39.32 21.15
C LEU C 163 -3.33 -39.16 22.48
N ALA C 164 -3.31 -37.94 23.00
CA ALA C 164 -3.96 -37.61 24.27
C ALA C 164 -4.76 -36.34 24.06
N LEU C 165 -6.09 -36.45 24.14
CA LEU C 165 -6.97 -35.30 24.13
C LEU C 165 -7.39 -34.99 25.56
N CYS C 166 -6.98 -33.84 26.05
CA CYS C 166 -7.16 -33.45 27.44
C CYS C 166 -8.01 -32.17 27.48
N GLN C 167 -9.01 -32.15 28.36
CA GLN C 167 -9.81 -30.96 28.58
C GLN C 167 -9.55 -30.41 29.97
N ARG C 168 -9.51 -29.08 30.08
CA ARG C 168 -9.24 -28.38 31.32
C ARG C 168 -10.46 -27.54 31.70
N TYR C 169 -10.99 -27.76 32.90
CA TYR C 169 -12.13 -27.00 33.39
C TYR C 169 -11.87 -26.58 34.83
N TYR C 170 -12.85 -25.92 35.43
CA TYR C 170 -12.75 -25.47 36.81
C TYR C 170 -13.26 -26.55 37.76
N HIS C 171 -12.73 -26.54 38.99
CA HIS C 171 -13.16 -27.52 39.97
C HIS C 171 -14.59 -27.27 40.42
N ARG C 172 -14.94 -26.01 40.65
CA ARG C 172 -16.32 -25.63 40.98
C ARG C 172 -16.66 -24.37 40.21
N GLY C 173 -17.78 -24.41 39.49
CA GLY C 173 -18.29 -23.24 38.80
C GLY C 173 -19.78 -23.29 38.66
N HIS C 174 -20.47 -22.26 39.13
CA HIS C 174 -21.93 -22.17 39.11
C HIS C 174 -22.36 -20.88 38.42
N VAL C 175 -21.75 -20.62 37.26
CA VAL C 175 -22.10 -19.42 36.49
C VAL C 175 -23.59 -19.40 36.23
N ASP C 176 -24.23 -18.29 36.57
CA ASP C 176 -25.66 -18.12 36.31
C ASP C 176 -25.88 -16.66 35.95
N PRO C 177 -25.90 -16.34 34.66
CA PRO C 177 -26.12 -14.94 34.26
C PRO C 177 -27.43 -14.38 34.78
N ALA C 178 -28.45 -15.21 34.92
CA ALA C 178 -29.67 -14.82 35.59
C ALA C 178 -29.49 -14.98 37.10
N ASN C 179 -30.13 -14.08 37.86
CA ASN C 179 -30.02 -13.94 39.30
C ASN C 179 -28.69 -13.31 39.72
N ASP C 180 -27.77 -13.12 38.78
CA ASP C 180 -26.48 -12.48 39.03
C ASP C 180 -25.71 -13.19 40.14
N THR C 181 -25.29 -14.42 39.85
CA THR C 181 -24.53 -15.23 40.79
C THR C 181 -23.54 -16.09 40.04
N PHE C 182 -22.30 -16.16 40.50
CA PHE C 182 -21.40 -17.07 39.82
C PHE C 182 -20.79 -18.14 40.72
N ASP C 183 -20.36 -17.79 41.94
CA ASP C 183 -19.86 -18.77 42.90
C ASP C 183 -18.71 -19.60 42.32
N ILE C 184 -17.60 -18.93 42.05
CA ILE C 184 -16.51 -19.50 41.28
C ILE C 184 -15.23 -19.54 42.11
N ASP C 185 -14.47 -20.63 41.96
CA ASP C 185 -13.13 -20.74 42.52
C ASP C 185 -12.19 -21.35 41.48
N PRO C 186 -11.32 -20.56 40.86
CA PRO C 186 -10.45 -21.08 39.79
C PRO C 186 -9.40 -22.05 40.29
N MET C 187 -9.54 -23.32 39.91
CA MET C 187 -8.52 -24.33 40.14
C MET C 187 -8.65 -25.35 39.02
N VAL C 188 -7.81 -25.19 37.98
CA VAL C 188 -7.99 -25.93 36.74
C VAL C 188 -7.78 -27.42 36.98
N VAL C 189 -8.80 -28.21 36.67
CA VAL C 189 -8.71 -29.66 36.73
C VAL C 189 -8.56 -30.19 35.30
N THR C 190 -7.72 -31.20 35.13
CA THR C 190 -7.45 -31.77 33.81
C THR C 190 -7.99 -33.18 33.75
N ASP C 191 -8.93 -33.42 32.85
CA ASP C 191 -9.46 -34.74 32.55
C ASP C 191 -9.06 -35.08 31.12
N CYS C 192 -8.32 -36.17 30.95
CA CYS C 192 -7.68 -36.44 29.67
C CYS C 192 -7.95 -37.88 29.23
N ILE C 193 -8.04 -38.06 27.92
CA ILE C 193 -8.26 -39.35 27.29
C ILE C 193 -7.03 -39.70 26.47
N GLN C 194 -6.69 -40.98 26.43
CA GLN C 194 -5.55 -41.48 25.66
C GLN C 194 -6.03 -42.43 24.59
N VAL C 195 -5.62 -42.19 23.34
CA VAL C 195 -6.01 -43.00 22.19
C VAL C 195 -4.77 -43.72 21.68
N ASP C 196 -4.85 -45.04 21.59
CA ASP C 196 -3.65 -45.67 21.06
C ASP C 196 -3.87 -46.11 19.61
N PRO C 197 -2.86 -45.92 18.76
CA PRO C 197 -3.03 -46.21 17.33
C PRO C 197 -2.96 -47.70 17.05
N PRO C 198 -3.50 -48.15 15.93
CA PRO C 198 -3.37 -49.57 15.55
C PRO C 198 -2.06 -49.81 14.82
N GLU C 199 -1.87 -51.04 14.38
CA GLU C 199 -0.67 -51.43 13.66
C GLU C 199 -1.01 -51.95 12.27
N ARG C 200 -0.03 -51.84 11.37
CA ARG C 200 -0.14 -52.24 9.96
C ARG C 200 -0.80 -53.60 9.77
N SER C 216 -14.28 -44.85 19.48
CA SER C 216 -14.19 -45.79 20.58
C SER C 216 -13.51 -45.17 21.79
N SER C 217 -14.29 -44.97 22.86
CA SER C 217 -13.83 -44.45 24.15
C SER C 217 -13.40 -43.00 24.06
N TYR C 218 -13.38 -42.43 22.85
CA TYR C 218 -13.25 -40.99 22.68
C TYR C 218 -14.50 -40.38 22.08
N LYS C 219 -15.41 -41.18 21.54
CA LYS C 219 -16.72 -40.70 21.11
C LYS C 219 -17.67 -40.50 22.28
N ASN C 220 -17.31 -40.98 23.47
CA ASN C 220 -18.10 -40.75 24.67
C ASN C 220 -17.67 -39.50 25.41
N LEU C 221 -17.00 -38.58 24.74
CA LEU C 221 -16.52 -37.35 25.38
C LEU C 221 -17.68 -36.42 25.66
N THR C 222 -17.78 -35.98 26.91
CA THR C 222 -18.66 -34.88 27.31
C THR C 222 -17.78 -33.72 27.77
N LEU C 223 -18.11 -32.52 27.31
CA LEU C 223 -17.12 -31.46 27.23
C LEU C 223 -17.30 -30.36 28.26
N LYS C 224 -18.40 -30.33 29.00
CA LYS C 224 -18.56 -29.42 30.15
C LYS C 224 -18.36 -27.96 29.73
N PHE C 225 -19.30 -27.49 28.89
CA PHE C 225 -19.10 -26.23 28.18
C PHE C 225 -19.16 -25.00 29.08
N HIS C 226 -19.83 -25.07 30.22
CA HIS C 226 -19.96 -23.89 31.07
C HIS C 226 -18.78 -23.67 31.99
N LYS C 227 -17.91 -24.67 32.16
CA LYS C 227 -16.70 -24.55 32.97
C LYS C 227 -15.43 -24.69 32.16
N LEU C 228 -15.51 -24.85 30.85
CA LEU C 228 -14.37 -25.24 30.05
C LEU C 228 -13.35 -24.11 29.94
N VAL C 229 -12.07 -24.46 30.01
CA VAL C 229 -10.98 -23.52 29.80
C VAL C 229 -10.33 -23.72 28.44
N ASN C 230 -9.92 -24.94 28.13
CA ASN C 230 -9.45 -25.26 26.79
C ASN C 230 -9.46 -26.77 26.60
N VAL C 231 -9.42 -27.18 25.33
CA VAL C 231 -9.26 -28.58 24.94
C VAL C 231 -8.03 -28.66 24.04
N THR C 232 -7.18 -29.65 24.31
CA THR C 232 -5.94 -29.79 23.56
C THR C 232 -5.81 -31.23 23.06
N ILE C 233 -5.02 -31.39 22.00
CA ILE C 233 -4.74 -32.68 21.40
C ILE C 233 -3.25 -32.76 21.13
N HIS C 234 -2.58 -33.74 21.71
CA HIS C 234 -1.14 -33.90 21.60
C HIS C 234 -0.82 -35.23 20.94
N PHE C 235 0.03 -35.21 19.92
CA PHE C 235 0.55 -36.43 19.33
C PHE C 235 1.83 -36.09 18.58
N ARG C 236 2.60 -37.13 18.25
CA ARG C 236 3.89 -36.98 17.59
C ARG C 236 3.95 -37.85 16.35
N LEU C 237 4.73 -37.40 15.36
CA LEU C 237 4.84 -38.09 14.08
C LEU C 237 6.28 -38.02 13.59
N LYS C 238 6.84 -39.17 13.26
CA LYS C 238 8.22 -39.26 12.77
C LYS C 238 8.23 -39.26 11.25
N THR C 239 9.06 -38.39 10.68
CA THR C 239 9.23 -38.27 9.24
C THR C 239 10.70 -38.52 8.91
N ILE C 240 11.01 -38.56 7.62
CA ILE C 240 12.39 -38.60 7.14
C ILE C 240 12.51 -37.59 6.02
N ASN C 241 13.48 -36.69 6.12
CA ASN C 241 13.66 -35.63 5.13
C ASN C 241 14.41 -36.21 3.94
N LEU C 242 13.65 -36.76 2.99
CA LEU C 242 14.25 -37.27 1.76
C LEU C 242 14.72 -36.15 0.84
N GLN C 243 14.22 -34.93 1.03
CA GLN C 243 14.69 -33.80 0.24
C GLN C 243 16.18 -33.57 0.40
N SER C 244 16.78 -34.09 1.46
CA SER C 244 18.21 -33.95 1.70
C SER C 244 19.00 -35.00 0.90
N LEU C 245 18.69 -35.06 -0.39
CA LEU C 245 19.49 -35.84 -1.33
C LEU C 245 20.27 -34.95 -2.29
N ILE C 246 20.11 -33.63 -2.19
CA ILE C 246 21.00 -32.71 -2.87
C ILE C 246 22.34 -32.65 -2.14
N ASN C 247 22.29 -32.29 -0.85
CA ASN C 247 23.48 -32.32 -0.01
C ASN C 247 23.95 -33.74 0.28
N ASN C 248 23.14 -34.75 -0.03
CA ASN C 248 23.34 -36.14 0.35
C ASN C 248 23.43 -36.32 1.87
N GLU C 249 23.07 -35.30 2.63
CA GLU C 249 23.03 -35.37 4.09
C GLU C 249 21.61 -35.78 4.50
N ILE C 250 21.18 -36.91 3.94
CA ILE C 250 19.79 -37.37 4.04
C ILE C 250 19.35 -37.74 5.46
N PRO C 251 20.22 -38.30 6.34
CA PRO C 251 19.67 -38.77 7.62
C PRO C 251 19.18 -37.64 8.52
N ASP C 252 18.28 -36.81 8.01
CA ASP C 252 17.52 -35.87 8.81
C ASP C 252 16.19 -36.56 9.10
N CYS C 253 15.98 -36.92 10.35
CA CYS C 253 14.95 -37.89 10.69
C CYS C 253 14.09 -37.27 11.79
N TYR C 254 13.13 -36.44 11.39
CA TYR C 254 12.49 -35.53 12.32
C TYR C 254 11.50 -36.26 13.24
N THR C 255 10.94 -35.50 14.17
CA THR C 255 9.83 -35.96 15.01
C THR C 255 9.01 -34.72 15.34
N PHE C 256 7.87 -34.57 14.66
CA PHE C 256 7.01 -33.42 14.86
C PHE C 256 6.11 -33.64 16.07
N SER C 257 6.03 -32.64 16.93
CA SER C 257 5.10 -32.65 18.05
C SER C 257 3.95 -31.69 17.71
N VAL C 258 2.76 -32.24 17.46
CA VAL C 258 1.63 -31.46 16.99
C VAL C 258 0.71 -31.16 18.17
N LEU C 259 0.33 -29.90 18.31
CA LEU C 259 -0.58 -29.47 19.36
C LEU C 259 -1.75 -28.72 18.72
N ILE C 260 -2.96 -29.26 18.90
CA ILE C 260 -4.19 -28.64 18.41
C ILE C 260 -4.93 -28.10 19.61
N THR C 261 -5.10 -26.78 19.67
CA THR C 261 -5.68 -26.10 20.81
C THR C 261 -7.06 -25.57 20.48
N PHE C 262 -8.04 -25.90 21.31
CA PHE C 262 -9.38 -25.32 21.27
C PHE C 262 -9.48 -24.41 22.50
N ASP C 263 -9.34 -23.11 22.29
CA ASP C 263 -9.04 -22.17 23.37
C ASP C 263 -10.29 -21.38 23.76
N ASN C 264 -10.62 -21.43 25.05
CA ASN C 264 -11.82 -20.79 25.59
C ASN C 264 -11.47 -19.90 26.78
N LYS C 265 -10.46 -19.04 26.62
CA LYS C 265 -10.09 -18.15 27.72
C LYS C 265 -11.11 -17.03 27.90
N ALA C 266 -11.50 -16.38 26.80
CA ALA C 266 -12.36 -15.21 26.89
C ALA C 266 -13.78 -15.54 27.31
N HIS C 267 -14.20 -16.79 27.18
CA HIS C 267 -15.58 -17.20 27.47
C HIS C 267 -16.58 -16.33 26.71
N SER C 268 -16.37 -16.22 25.40
CA SER C 268 -17.15 -15.34 24.55
C SER C 268 -18.18 -16.05 23.70
N GLY C 269 -18.21 -17.39 23.72
CA GLY C 269 -18.98 -18.12 22.75
C GLY C 269 -18.27 -18.34 21.44
N ARG C 270 -17.02 -17.90 21.32
CA ARG C 270 -16.21 -18.09 20.13
C ARG C 270 -14.92 -18.76 20.55
N ILE C 271 -14.69 -19.97 20.05
CA ILE C 271 -13.53 -20.76 20.46
C ILE C 271 -12.57 -20.88 19.28
N PRO C 272 -11.49 -20.10 19.25
CA PRO C 272 -10.53 -20.21 18.15
C PRO C 272 -9.78 -21.54 18.20
N ILE C 273 -9.43 -22.04 17.01
CA ILE C 273 -8.79 -23.33 16.85
C ILE C 273 -7.46 -23.12 16.14
N SER C 274 -6.41 -23.75 16.66
CA SER C 274 -5.07 -23.54 16.14
C SER C 274 -4.34 -24.88 16.06
N LEU C 275 -3.28 -24.91 15.26
CA LEU C 275 -2.41 -26.07 15.15
C LEU C 275 -0.97 -25.58 15.10
N GLU C 276 -0.21 -25.87 16.14
CA GLU C 276 1.21 -25.55 16.21
C GLU C 276 2.02 -26.83 16.25
N THR C 277 3.23 -26.77 15.71
CA THR C 277 4.11 -27.92 15.65
C THR C 277 5.50 -27.55 16.14
N GLN C 278 6.29 -28.57 16.48
CA GLN C 278 7.66 -28.40 16.92
C GLN C 278 8.48 -29.57 16.41
N ALA C 279 9.51 -29.30 15.64
CA ALA C 279 10.36 -30.33 15.09
C ALA C 279 11.53 -30.62 16.02
N HIS C 280 12.06 -31.84 15.91
CA HIS C 280 13.19 -32.28 16.73
C HIS C 280 14.09 -33.11 15.82
N ILE C 281 15.07 -32.46 15.20
CA ILE C 281 15.94 -33.13 14.23
C ILE C 281 16.84 -34.14 14.96
N GLN C 282 17.28 -35.17 14.22
CA GLN C 282 18.10 -36.24 14.78
C GLN C 282 18.96 -36.85 13.68
N GLU C 283 19.67 -37.94 14.00
CA GLU C 283 20.36 -38.77 13.01
C GLU C 283 19.65 -40.10 12.86
N CYS C 284 19.30 -40.44 11.62
CA CYS C 284 18.35 -41.52 11.34
C CYS C 284 19.08 -42.83 11.07
N LYS C 285 20.02 -43.16 11.96
CA LYS C 285 20.71 -44.46 12.02
C LYS C 285 21.12 -45.03 10.66
N HIS C 286 21.70 -44.19 9.81
CA HIS C 286 22.22 -44.66 8.53
C HIS C 286 23.24 -43.67 7.97
N PRO C 287 24.41 -43.53 8.59
CA PRO C 287 25.35 -42.48 8.18
C PRO C 287 26.41 -42.95 7.20
N SER C 288 27.19 -42.00 6.69
CA SER C 288 28.42 -42.26 5.94
C SER C 288 28.18 -43.07 4.67
N VAL C 289 27.10 -42.76 3.96
CA VAL C 289 26.88 -43.33 2.64
C VAL C 289 27.47 -42.43 1.55
N PHE C 290 27.32 -41.11 1.71
CA PHE C 290 27.97 -40.12 0.87
C PHE C 290 28.74 -39.11 1.70
N GLN C 291 28.74 -39.27 3.02
CA GLN C 291 29.21 -38.30 4.00
C GLN C 291 30.73 -38.21 4.05
N HIS C 292 31.43 -39.17 3.44
CA HIS C 292 32.90 -39.20 3.45
C HIS C 292 33.52 -37.97 2.79
N GLY C 293 32.80 -37.30 1.90
CA GLY C 293 33.37 -36.15 1.21
C GLY C 293 32.95 -34.83 1.80
N ASP C 294 31.87 -34.83 2.57
CA ASP C 294 31.31 -33.61 3.15
C ASP C 294 31.53 -33.50 4.65
N ASN C 295 32.11 -34.54 5.28
CA ASN C 295 32.35 -34.46 6.72
C ASN C 295 33.38 -33.39 7.06
N SER C 296 34.41 -33.25 6.23
CA SER C 296 35.55 -32.41 6.58
C SER C 296 35.33 -30.95 6.24
N PHE C 297 34.56 -30.65 5.20
CA PHE C 297 34.54 -29.29 4.64
C PHE C 297 33.95 -28.30 5.64
N ARG C 298 32.78 -28.61 6.20
CA ARG C 298 32.10 -27.66 7.07
C ARG C 298 32.89 -27.41 8.36
N LEU C 299 33.37 -28.47 8.99
CA LEU C 299 34.12 -28.31 10.23
C LEU C 299 35.46 -27.63 9.99
N LEU C 300 36.11 -27.92 8.86
CA LEU C 300 37.36 -27.25 8.55
C LEU C 300 37.13 -25.77 8.30
N PHE C 301 36.06 -25.41 7.58
CA PHE C 301 35.78 -24.00 7.37
C PHE C 301 35.45 -23.30 8.68
N ASP C 302 34.75 -23.99 9.59
CA ASP C 302 34.42 -23.38 10.87
C ASP C 302 35.68 -23.14 11.71
N VAL C 303 36.61 -24.09 11.70
CA VAL C 303 37.82 -23.88 12.49
C VAL C 303 38.72 -22.84 11.83
N VAL C 304 38.68 -22.71 10.49
CA VAL C 304 39.39 -21.64 9.82
C VAL C 304 38.84 -20.28 10.25
N VAL C 305 37.52 -20.15 10.28
CA VAL C 305 36.91 -18.90 10.72
C VAL C 305 37.31 -18.60 12.17
N ILE C 306 37.29 -19.61 13.03
CA ILE C 306 37.65 -19.40 14.43
C ILE C 306 39.08 -18.91 14.55
N LEU C 307 40.01 -19.55 13.81
CA LEU C 307 41.41 -19.16 13.90
C LEU C 307 41.64 -17.76 13.35
N THR C 308 41.02 -17.43 12.22
CA THR C 308 41.18 -16.08 11.66
C THR C 308 40.65 -15.02 12.61
N CYS C 309 39.49 -15.26 13.22
CA CYS C 309 38.93 -14.26 14.12
C CYS C 309 39.74 -14.14 15.40
N SER C 310 40.31 -15.25 15.89
CA SER C 310 41.14 -15.16 17.08
C SER C 310 42.43 -14.40 16.80
N LEU C 311 43.03 -14.62 15.62
CA LEU C 311 44.20 -13.85 15.24
C LEU C 311 43.88 -12.36 15.14
N SER C 312 42.76 -12.03 14.50
CA SER C 312 42.34 -10.63 14.42
C SER C 312 42.16 -10.03 15.81
N PHE C 313 41.52 -10.78 16.72
CA PHE C 313 41.31 -10.26 18.07
C PHE C 313 42.62 -10.00 18.78
N LEU C 314 43.59 -10.91 18.65
CA LEU C 314 44.87 -10.72 19.32
C LEU C 314 45.63 -9.52 18.76
N LEU C 315 45.60 -9.34 17.43
CA LEU C 315 46.26 -8.18 16.85
C LEU C 315 45.63 -6.88 17.31
N CYS C 316 44.29 -6.81 17.31
CA CYS C 316 43.63 -5.59 17.76
C CYS C 316 43.85 -5.33 19.25
N ALA C 317 43.97 -6.39 20.06
CA ALA C 317 44.28 -6.20 21.47
C ALA C 317 45.69 -5.65 21.66
N ARG C 318 46.65 -6.17 20.90
CA ARG C 318 47.99 -5.60 20.91
C ARG C 318 47.96 -4.11 20.57
N SER C 319 47.21 -3.76 19.52
CA SER C 319 47.17 -2.36 19.09
C SER C 319 46.51 -1.47 20.15
N LEU C 320 45.44 -1.96 20.79
CA LEU C 320 44.79 -1.14 21.81
C LEU C 320 45.68 -0.96 23.03
N LEU C 321 46.43 -1.99 23.40
CA LEU C 321 47.37 -1.83 24.51
C LEU C 321 48.47 -0.84 24.14
N ARG C 322 48.96 -0.88 22.91
CA ARG C 322 49.92 0.10 22.44
C ARG C 322 49.37 1.52 22.59
N GLY C 323 48.13 1.72 22.15
CA GLY C 323 47.51 3.03 22.27
C GLY C 323 47.38 3.48 23.72
N PHE C 324 47.01 2.56 24.61
CA PHE C 324 46.91 2.89 26.03
C PHE C 324 48.25 3.32 26.59
N LEU C 325 49.33 2.61 26.24
CA LEU C 325 50.64 2.96 26.77
C LEU C 325 51.12 4.30 26.23
N LEU C 326 50.88 4.56 24.94
CA LEU C 326 51.25 5.87 24.40
C LEU C 326 50.46 6.99 25.07
N GLN C 327 49.18 6.74 25.36
CA GLN C 327 48.38 7.73 26.07
C GLN C 327 48.95 8.02 27.45
N ASN C 328 49.27 6.97 28.21
CA ASN C 328 49.78 7.18 29.56
C ASN C 328 51.17 7.81 29.54
N GLU C 329 51.92 7.64 28.45
CA GLU C 329 53.16 8.38 28.30
C GLU C 329 52.88 9.86 28.05
N PHE C 330 51.85 10.15 27.25
CA PHE C 330 51.52 11.53 26.94
C PHE C 330 51.07 12.30 28.17
N VAL C 331 50.25 11.67 29.03
CA VAL C 331 49.77 12.41 30.21
C VAL C 331 50.94 12.72 31.14
N GLY C 332 51.89 11.79 31.26
CA GLY C 332 53.05 12.06 32.09
C GLY C 332 53.92 13.19 31.55
N PHE C 333 54.21 13.14 30.25
CA PHE C 333 55.08 14.18 29.70
C PHE C 333 54.37 15.53 29.66
N MET C 334 53.04 15.53 29.63
CA MET C 334 52.31 16.78 29.79
C MET C 334 52.27 17.22 31.25
N TRP C 335 52.40 16.27 32.18
CA TRP C 335 52.62 16.62 33.58
C TRP C 335 53.98 17.27 33.77
N ARG C 336 54.93 16.93 32.90
CA ARG C 336 56.27 17.53 33.00
C ARG C 336 56.21 19.04 32.81
N GLN C 337 55.66 19.51 31.69
CA GLN C 337 55.52 20.94 31.46
C GLN C 337 54.34 21.52 32.22
N ARG C 338 53.30 20.71 32.45
CA ARG C 338 52.19 21.08 33.32
C ARG C 338 51.43 22.29 32.76
N GLY C 339 50.89 22.13 31.56
CA GLY C 339 50.23 23.24 30.88
C GLY C 339 48.76 23.01 30.62
N ARG C 340 48.46 22.78 29.34
CA ARG C 340 47.09 22.83 28.80
C ARG C 340 46.27 21.59 29.20
N VAL C 341 45.92 21.51 30.48
CA VAL C 341 45.19 20.38 31.02
C VAL C 341 43.79 20.83 31.43
N ILE C 342 42.81 19.98 31.16
CA ILE C 342 41.41 20.17 31.51
C ILE C 342 40.96 18.85 32.15
N SER C 343 39.65 18.70 32.37
CA SER C 343 39.10 17.43 32.86
C SER C 343 39.48 16.24 31.98
N LEU C 344 40.14 16.50 30.85
CA LEU C 344 40.76 15.47 30.01
C LEU C 344 39.71 14.49 29.47
N TRP C 345 38.83 14.99 28.62
CA TRP C 345 37.95 14.12 27.84
C TRP C 345 38.64 13.65 26.55
N GLU C 346 39.69 14.34 26.13
CA GLU C 346 40.38 13.98 24.89
C GLU C 346 41.40 12.87 25.10
N ARG C 347 41.82 12.62 26.35
CA ARG C 347 42.61 11.43 26.62
C ARG C 347 41.87 10.16 26.21
N LEU C 348 40.53 10.20 26.23
CA LEU C 348 39.74 9.14 25.64
C LEU C 348 39.67 9.26 24.12
N GLU C 349 39.80 10.47 23.58
CA GLU C 349 39.83 10.61 22.14
C GLU C 349 41.13 10.07 21.56
N PHE C 350 42.06 9.67 22.41
CA PHE C 350 43.29 9.03 21.96
C PHE C 350 43.02 7.64 21.36
N VAL C 351 41.84 7.08 21.64
CA VAL C 351 41.56 5.68 21.31
C VAL C 351 41.07 5.56 19.87
N ASN C 352 41.14 4.33 19.34
CA ASN C 352 40.71 4.04 17.97
C ASN C 352 39.42 3.22 17.97
N GLY C 353 38.32 3.84 17.56
CA GLY C 353 37.02 3.17 17.58
C GLY C 353 36.93 1.98 16.64
N TRP C 354 37.66 2.01 15.53
CA TRP C 354 37.60 0.91 14.58
C TRP C 354 38.09 -0.39 15.19
N TYR C 355 39.09 -0.32 16.08
CA TYR C 355 39.56 -1.52 16.73
C TYR C 355 38.53 -2.06 17.72
N ILE C 356 37.79 -1.17 18.39
CA ILE C 356 36.69 -1.60 19.25
C ILE C 356 35.65 -2.35 18.43
N LEU C 357 35.28 -1.78 17.29
CA LEU C 357 34.31 -2.43 16.40
C LEU C 357 34.82 -3.80 15.96
N LEU C 358 36.09 -3.88 15.57
CA LEU C 358 36.64 -5.14 15.10
C LEU C 358 36.67 -6.19 16.20
N VAL C 359 37.07 -5.79 17.42
CA VAL C 359 37.13 -6.73 18.53
C VAL C 359 35.74 -7.27 18.83
N THR C 360 34.74 -6.39 18.90
CA THR C 360 33.37 -6.85 19.11
C THR C 360 32.94 -7.81 18.01
N SER C 361 33.31 -7.51 16.76
CA SER C 361 32.87 -8.36 15.66
C SER C 361 33.52 -9.74 15.71
N ASP C 362 34.80 -9.83 16.08
CA ASP C 362 35.39 -11.17 16.14
C ASP C 362 34.91 -11.95 17.36
N VAL C 363 34.63 -11.26 18.48
CA VAL C 363 34.05 -11.94 19.63
C VAL C 363 32.71 -12.55 19.24
N LEU C 364 31.83 -11.75 18.63
CA LEU C 364 30.54 -12.28 18.19
C LEU C 364 30.71 -13.40 17.18
N THR C 365 31.65 -13.27 16.25
CA THR C 365 31.81 -14.30 15.22
C THR C 365 32.25 -15.62 15.83
N ILE C 366 33.23 -15.60 16.73
CA ILE C 366 33.70 -16.86 17.30
C ILE C 366 32.65 -17.45 18.23
N SER C 367 31.95 -16.60 18.99
CA SER C 367 30.91 -17.11 19.88
C SER C 367 29.75 -17.72 19.11
N GLY C 368 29.45 -17.20 17.92
CA GLY C 368 28.40 -17.79 17.11
C GLY C 368 28.86 -19.00 16.31
N THR C 369 30.15 -19.05 15.96
CA THR C 369 30.65 -20.21 15.23
C THR C 369 30.78 -21.42 16.13
N ILE C 370 31.08 -21.21 17.42
CA ILE C 370 31.08 -22.33 18.37
C ILE C 370 29.68 -22.94 18.44
N MET C 371 28.66 -22.09 18.55
CA MET C 371 27.29 -22.60 18.62
C MET C 371 26.83 -23.21 17.30
N LYS C 372 27.31 -22.70 16.17
CA LYS C 372 26.97 -23.33 14.89
C LYS C 372 27.59 -24.71 14.79
N ILE C 373 28.84 -24.86 15.24
CA ILE C 373 29.47 -26.17 15.30
C ILE C 373 28.65 -27.11 16.17
N GLY C 374 28.24 -26.63 17.34
CA GLY C 374 27.39 -27.45 18.19
C GLY C 374 26.08 -27.84 17.54
N ILE C 375 25.44 -26.90 16.85
CA ILE C 375 24.13 -27.15 16.27
C ILE C 375 24.21 -28.19 15.16
N GLU C 376 25.07 -27.93 14.16
CA GLU C 376 25.00 -28.71 12.93
C GLU C 376 25.34 -30.18 13.11
N ALA C 377 25.96 -30.57 14.23
CA ALA C 377 26.18 -32.00 14.43
C ALA C 377 25.72 -32.51 15.79
N LYS C 378 25.93 -31.74 16.86
CA LYS C 378 25.67 -32.21 18.21
C LYS C 378 24.24 -31.90 18.64
N ASN C 379 23.98 -31.98 19.94
CA ASN C 379 22.64 -31.84 20.51
C ASN C 379 22.19 -30.39 20.66
N LEU C 380 22.98 -29.43 20.23
CA LEU C 380 22.56 -28.03 20.29
C LEU C 380 21.39 -27.81 19.32
N ALA C 381 20.25 -27.38 19.86
CA ALA C 381 19.11 -26.97 19.04
C ALA C 381 18.65 -25.60 19.55
N SER C 382 19.34 -24.55 19.11
CA SER C 382 18.91 -23.18 19.35
C SER C 382 19.47 -22.34 18.20
N TYR C 383 18.67 -22.18 17.15
CA TYR C 383 19.12 -21.48 15.96
C TYR C 383 18.95 -19.97 16.07
N ASP C 384 18.06 -19.50 16.93
CA ASP C 384 17.76 -18.07 17.01
C ASP C 384 18.98 -17.29 17.47
N VAL C 385 19.57 -17.67 18.60
CA VAL C 385 20.72 -16.95 19.13
C VAL C 385 21.92 -17.06 18.21
N CYS C 386 22.14 -18.25 17.65
CA CYS C 386 23.27 -18.44 16.73
C CYS C 386 23.13 -17.55 15.50
N SER C 387 21.93 -17.49 14.92
CA SER C 387 21.72 -16.66 13.74
C SER C 387 21.84 -15.18 14.09
N ILE C 388 21.38 -14.78 15.27
CA ILE C 388 21.50 -13.37 15.67
C ILE C 388 22.97 -13.00 15.81
N LEU C 389 23.76 -13.86 16.47
CA LEU C 389 25.18 -13.60 16.63
C LEU C 389 25.88 -13.50 15.29
N LEU C 390 25.64 -14.47 14.40
CA LEU C 390 26.32 -14.48 13.11
C LEU C 390 25.91 -13.29 12.25
N GLY C 391 24.63 -12.93 12.26
CA GLY C 391 24.18 -11.80 11.47
C GLY C 391 24.71 -10.48 11.97
N THR C 392 24.74 -10.30 13.29
CA THR C 392 25.31 -9.07 13.84
C THR C 392 26.80 -8.97 13.54
N SER C 393 27.52 -10.09 13.64
CA SER C 393 28.94 -10.07 13.34
C SER C 393 29.19 -9.73 11.86
N THR C 394 28.36 -10.27 10.97
CA THR C 394 28.53 -9.94 9.55
C THR C 394 28.19 -8.49 9.27
N LEU C 395 27.14 -7.96 9.91
CA LEU C 395 26.81 -6.56 9.76
C LEU C 395 27.98 -5.67 10.19
N LEU C 396 28.58 -5.97 11.34
CA LEU C 396 29.70 -5.17 11.82
C LEU C 396 30.91 -5.30 10.91
N VAL C 397 31.19 -6.52 10.43
CA VAL C 397 32.31 -6.73 9.53
C VAL C 397 32.14 -5.95 8.23
N TRP C 398 30.90 -5.83 7.74
CA TRP C 398 30.70 -5.07 6.51
C TRP C 398 30.64 -3.57 6.75
N VAL C 399 30.25 -3.13 7.95
CA VAL C 399 30.37 -1.71 8.29
C VAL C 399 31.83 -1.30 8.45
N GLY C 400 32.70 -2.25 8.80
CA GLY C 400 34.10 -1.93 8.99
C GLY C 400 34.89 -1.60 7.73
N VAL C 401 34.23 -1.51 6.57
CA VAL C 401 34.90 -1.10 5.35
C VAL C 401 34.94 0.43 5.22
N ILE C 402 33.99 1.11 5.87
CA ILE C 402 34.02 2.57 5.93
C ILE C 402 35.39 3.05 6.37
N ARG C 403 36.09 2.26 7.20
CA ARG C 403 37.44 2.63 7.61
C ARG C 403 38.39 2.65 6.42
N TYR C 404 38.28 1.67 5.53
CA TYR C 404 39.12 1.67 4.34
C TYR C 404 38.71 2.75 3.36
N LEU C 405 37.50 3.29 3.49
CA LEU C 405 37.11 4.41 2.64
C LEU C 405 37.57 5.75 3.19
N THR C 406 37.82 5.87 4.50
CA THR C 406 38.21 7.16 5.06
C THR C 406 39.67 7.47 4.84
N PHE C 407 40.38 6.64 4.07
CA PHE C 407 41.78 6.93 3.77
C PHE C 407 41.90 7.89 2.59
N PHE C 408 40.85 7.99 1.78
CA PHE C 408 40.88 8.86 0.63
C PHE C 408 40.06 10.12 0.90
N HIS C 409 40.43 11.22 0.24
CA HIS C 409 39.97 12.53 0.68
C HIS C 409 38.48 12.75 0.44
N ASN C 410 37.97 12.31 -0.72
CA ASN C 410 36.58 12.61 -1.06
C ASN C 410 35.61 11.76 -0.26
N TYR C 411 35.85 10.45 -0.19
CA TYR C 411 35.06 9.60 0.67
C TYR C 411 35.14 10.06 2.12
N ASN C 412 36.29 10.57 2.53
CA ASN C 412 36.43 11.08 3.89
C ASN C 412 35.58 12.32 4.11
N ILE C 413 35.40 13.14 3.08
CA ILE C 413 34.50 14.29 3.19
C ILE C 413 33.07 13.81 3.40
N LEU C 414 32.65 12.81 2.61
CA LEU C 414 31.28 12.30 2.76
C LEU C 414 31.07 11.63 4.11
N ILE C 415 32.11 11.04 4.69
CA ILE C 415 31.96 10.41 6.01
C ILE C 415 32.01 11.46 7.13
N ALA C 416 32.89 12.45 6.99
CA ALA C 416 33.00 13.48 8.02
C ALA C 416 31.75 14.35 8.08
N THR C 417 31.04 14.51 6.97
CA THR C 417 29.77 15.23 7.03
C THR C 417 28.80 14.56 7.99
N LEU C 418 28.64 13.24 7.87
CA LEU C 418 27.74 12.52 8.75
C LEU C 418 28.25 12.52 10.18
N ARG C 419 29.57 12.35 10.36
CA ARG C 419 30.12 12.37 11.71
C ARG C 419 29.92 13.71 12.40
N VAL C 420 29.93 14.80 11.63
CA VAL C 420 29.68 16.12 12.21
C VAL C 420 28.20 16.35 12.45
N ALA C 421 27.33 15.80 11.60
CA ALA C 421 25.89 16.04 11.74
C ALA C 421 25.25 15.17 12.82
N LEU C 422 25.90 14.09 13.24
CA LEU C 422 25.25 13.15 14.16
C LEU C 422 24.79 13.75 15.50
N PRO C 423 25.58 14.59 16.20
CA PRO C 423 25.10 15.10 17.50
C PRO C 423 23.81 15.91 17.42
N SER C 424 23.70 16.85 16.48
CA SER C 424 22.46 17.61 16.33
C SER C 424 21.31 16.68 16.01
N VAL C 425 21.55 15.65 15.22
CA VAL C 425 20.52 14.67 14.89
C VAL C 425 20.02 13.99 16.15
N MET C 426 20.94 13.62 17.05
CA MET C 426 20.51 12.92 18.26
C MET C 426 19.78 13.83 19.23
N ARG C 427 20.17 15.10 19.32
CA ARG C 427 19.43 16.03 20.19
C ARG C 427 18.02 16.28 19.65
N PHE C 428 17.90 16.50 18.35
CA PHE C 428 16.58 16.62 17.76
C PHE C 428 15.78 15.34 17.95
N CYS C 429 16.45 14.19 17.94
CA CYS C 429 15.76 12.93 18.20
C CYS C 429 15.24 12.86 19.63
N CYS C 430 15.94 13.47 20.59
CA CYS C 430 15.40 13.56 21.94
C CYS C 430 14.08 14.34 21.96
N CYS C 431 14.10 15.54 21.38
CA CYS C 431 12.88 16.36 21.37
C CYS C 431 11.73 15.63 20.66
N VAL C 432 12.02 15.07 19.49
CA VAL C 432 10.97 14.40 18.72
C VAL C 432 10.50 13.15 19.46
N ALA C 433 11.42 12.37 20.06
CA ALA C 433 11.06 11.31 20.99
C ALA C 433 9.95 11.74 21.94
N VAL C 434 10.13 12.84 22.67
CA VAL C 434 9.13 13.14 23.70
C VAL C 434 7.78 13.50 23.05
N ILE C 435 7.80 14.28 21.97
CA ILE C 435 6.52 14.63 21.34
C ILE C 435 5.82 13.38 20.78
N TYR C 436 6.59 12.50 20.12
CA TYR C 436 6.06 11.31 19.51
C TYR C 436 5.52 10.34 20.55
N LEU C 437 6.16 10.28 21.72
CA LEU C 437 5.65 9.42 22.79
C LEU C 437 4.35 9.94 23.35
N GLY C 438 4.23 11.26 23.51
CA GLY C 438 2.94 11.82 23.89
C GLY C 438 1.85 11.45 22.90
N TYR C 439 2.14 11.56 21.60
CA TYR C 439 1.16 11.22 20.59
C TYR C 439 0.80 9.74 20.63
N CYS C 440 1.79 8.86 20.87
CA CYS C 440 1.51 7.43 20.96
C CYS C 440 0.57 7.13 22.11
N PHE C 441 0.83 7.71 23.29
CA PHE C 441 -0.05 7.47 24.43
C PHE C 441 -1.46 7.95 24.14
N CYS C 442 -1.61 9.17 23.61
CA CYS C 442 -2.95 9.68 23.34
C CYS C 442 -3.69 8.82 22.32
N GLY C 443 -3.01 8.44 21.23
CA GLY C 443 -3.67 7.65 20.21
C GLY C 443 -4.07 6.27 20.70
N TRP C 444 -3.17 5.61 21.44
CA TRP C 444 -3.52 4.33 22.03
C TRP C 444 -4.77 4.44 22.88
N ILE C 445 -4.78 5.36 23.84
CA ILE C 445 -5.89 5.42 24.79
C ILE C 445 -7.20 5.77 24.11
N VAL C 446 -7.16 6.62 23.08
CA VAL C 446 -8.43 7.07 22.51
C VAL C 446 -8.92 6.13 21.42
N LEU C 447 -8.07 5.78 20.45
CA LEU C 447 -8.50 4.99 19.31
C LEU C 447 -8.36 3.49 19.53
N GLY C 448 -7.84 3.04 20.67
CA GLY C 448 -7.78 1.63 20.97
C GLY C 448 -9.10 0.90 20.92
N PRO C 449 -10.13 1.38 21.63
CA PRO C 449 -11.40 0.65 21.68
C PRO C 449 -12.09 0.47 20.34
N TYR C 450 -11.73 1.22 19.31
CA TYR C 450 -12.47 1.19 18.06
C TYR C 450 -11.71 0.58 16.89
N HIS C 451 -10.38 0.68 16.87
CA HIS C 451 -9.59 0.25 15.73
C HIS C 451 -8.50 -0.70 16.20
N VAL C 452 -8.30 -1.78 15.44
CA VAL C 452 -7.40 -2.84 15.88
C VAL C 452 -5.94 -2.50 15.62
N LYS C 453 -5.65 -1.51 14.76
CA LYS C 453 -4.28 -1.05 14.59
C LYS C 453 -3.77 -0.24 15.77
N PHE C 454 -4.62 0.07 16.75
CA PHE C 454 -4.28 0.93 17.86
C PHE C 454 -4.46 0.23 19.20
N ARG C 455 -4.30 -1.09 19.23
CA ARG C 455 -4.55 -1.85 20.45
C ARG C 455 -3.33 -1.87 21.36
N SER C 456 -2.17 -2.24 20.82
CA SER C 456 -0.95 -2.28 21.58
C SER C 456 -0.15 -0.99 21.40
N LEU C 457 0.70 -0.71 22.38
CA LEU C 457 1.58 0.44 22.25
C LEU C 457 2.62 0.22 21.15
N SER C 458 3.07 -1.02 21.00
CA SER C 458 3.98 -1.34 19.90
C SER C 458 3.28 -1.17 18.55
N MET C 459 2.01 -1.55 18.48
CA MET C 459 1.29 -1.42 17.21
C MET C 459 1.01 0.04 16.87
N VAL C 460 0.64 0.86 17.87
CA VAL C 460 0.43 2.26 17.56
C VAL C 460 1.76 2.93 17.20
N SER C 461 2.85 2.50 17.82
CA SER C 461 4.16 3.06 17.45
C SER C 461 4.53 2.70 16.02
N GLU C 462 4.30 1.45 15.61
CA GLU C 462 4.58 1.05 14.24
C GLU C 462 3.68 1.78 13.25
N CYS C 463 2.41 1.96 13.60
CA CYS C 463 1.49 2.67 12.72
C CYS C 463 1.91 4.13 12.54
N LEU C 464 2.31 4.80 13.62
CA LEU C 464 2.72 6.18 13.51
C LEU C 464 4.04 6.32 12.76
N PHE C 465 4.98 5.41 13.00
CA PHE C 465 6.25 5.45 12.28
C PHE C 465 6.05 5.17 10.80
N SER C 466 5.06 4.36 10.44
CA SER C 466 4.73 4.17 9.04
C SER C 466 4.03 5.39 8.46
N LEU C 467 3.22 6.08 9.27
CA LEU C 467 2.50 7.26 8.80
C LEU C 467 3.44 8.41 8.48
N ILE C 468 4.47 8.62 9.31
CA ILE C 468 5.36 9.75 9.07
C ILE C 468 6.26 9.50 7.87
N ASN C 469 6.16 8.31 7.28
CA ASN C 469 6.93 7.98 6.09
C ASN C 469 6.05 7.67 4.89
N GLY C 470 4.74 7.89 5.01
CA GLY C 470 3.83 7.73 3.89
C GLY C 470 3.46 6.30 3.57
N ASP C 471 2.75 5.63 4.49
CA ASP C 471 2.36 4.24 4.28
C ASP C 471 1.10 3.92 5.06
N ASP C 472 0.18 3.21 4.41
CA ASP C 472 -1.11 2.80 5.00
C ASP C 472 -1.89 4.00 5.55
N MET C 473 -1.66 5.16 4.94
CA MET C 473 -2.26 6.40 5.42
C MET C 473 -3.74 6.46 5.10
N PHE C 474 -4.11 6.17 3.86
CA PHE C 474 -5.53 6.19 3.51
C PHE C 474 -6.27 5.00 4.09
N VAL C 475 -5.60 3.85 4.24
CA VAL C 475 -6.24 2.73 4.93
C VAL C 475 -6.55 3.10 6.37
N THR C 476 -5.63 3.78 7.05
CA THR C 476 -5.91 4.27 8.39
C THR C 476 -7.09 5.23 8.39
N PHE C 477 -7.09 6.20 7.47
CA PHE C 477 -8.17 7.18 7.41
C PHE C 477 -9.52 6.51 7.17
N ALA C 478 -9.57 5.50 6.30
CA ALA C 478 -10.83 4.83 6.01
C ALA C 478 -11.28 3.96 7.17
N ALA C 479 -10.33 3.30 7.85
CA ALA C 479 -10.68 2.57 9.07
C ALA C 479 -11.32 3.51 10.09
N MET C 480 -10.81 4.74 10.20
CA MET C 480 -11.46 5.71 11.08
C MET C 480 -12.83 6.11 10.55
N GLN C 481 -12.94 6.32 9.23
CA GLN C 481 -14.21 6.71 8.61
C GLN C 481 -15.30 5.70 8.90
N ALA C 482 -14.95 4.43 9.08
CA ALA C 482 -15.95 3.37 9.24
C ALA C 482 -16.70 3.42 10.59
N GLN C 483 -16.49 4.43 11.43
CA GLN C 483 -17.24 4.55 12.69
C GLN C 483 -17.80 5.94 12.92
N GLN C 484 -18.01 6.72 11.86
CA GLN C 484 -18.59 8.05 12.00
C GLN C 484 -19.97 7.97 12.65
N GLY C 485 -20.80 7.03 12.19
CA GLY C 485 -22.13 6.89 12.75
C GLY C 485 -22.10 6.39 14.19
N ARG C 486 -21.20 5.44 14.49
CA ARG C 486 -21.05 4.98 15.86
C ARG C 486 -20.70 6.14 16.79
N SER C 487 -19.58 6.82 16.55
CA SER C 487 -19.15 7.91 17.42
C SER C 487 -18.62 9.06 16.56
N SER C 488 -19.48 10.03 16.28
CA SER C 488 -19.05 11.25 15.61
C SER C 488 -17.96 11.97 16.39
N LEU C 489 -18.02 11.92 17.72
CA LEU C 489 -17.01 12.61 18.53
C LEU C 489 -15.63 11.97 18.35
N VAL C 490 -15.56 10.64 18.42
CA VAL C 490 -14.29 9.96 18.21
C VAL C 490 -13.83 10.11 16.76
N TRP C 491 -14.76 10.18 15.81
CA TRP C 491 -14.38 10.39 14.42
C TRP C 491 -13.73 11.76 14.24
N LEU C 492 -14.32 12.80 14.83
CA LEU C 492 -13.76 14.14 14.73
C LEU C 492 -12.41 14.22 15.43
N PHE C 493 -12.28 13.58 16.59
CA PHE C 493 -11.00 13.55 17.27
C PHE C 493 -9.95 12.83 16.42
N SER C 494 -10.34 11.75 15.74
CA SER C 494 -9.37 11.03 14.92
C SER C 494 -8.94 11.85 13.71
N GLN C 495 -9.86 12.61 13.13
CA GLN C 495 -9.49 13.53 12.05
C GLN C 495 -8.45 14.54 12.54
N LEU C 496 -8.76 15.25 13.62
CA LEU C 496 -7.81 16.23 14.16
C LEU C 496 -6.48 15.58 14.48
N TYR C 497 -6.51 14.43 15.16
CA TYR C 497 -5.32 13.73 15.60
C TYR C 497 -4.42 13.35 14.42
N LEU C 498 -4.99 12.67 13.43
CA LEU C 498 -4.19 12.18 12.31
C LEU C 498 -3.65 13.33 11.48
N TYR C 499 -4.49 14.32 11.15
CA TYR C 499 -4.03 15.44 10.35
C TYR C 499 -2.91 16.19 11.07
N SER C 500 -3.13 16.54 12.34
CA SER C 500 -2.13 17.26 13.12
C SER C 500 -0.81 16.49 13.16
N PHE C 501 -0.86 15.19 13.48
CA PHE C 501 0.36 14.43 13.63
C PHE C 501 1.13 14.34 12.31
N ILE C 502 0.45 13.91 11.23
CA ILE C 502 1.14 13.73 9.97
C ILE C 502 1.72 15.05 9.47
N SER C 503 0.96 16.14 9.63
CA SER C 503 1.44 17.42 9.13
C SER C 503 2.64 17.90 9.93
N LEU C 504 2.55 17.88 11.27
CA LEU C 504 3.65 18.33 12.09
C LEU C 504 4.91 17.49 11.87
N PHE C 505 4.76 16.20 11.61
CA PHE C 505 5.93 15.35 11.51
C PHE C 505 6.51 15.24 10.11
N ILE C 506 5.75 15.57 9.06
CA ILE C 506 6.27 15.53 7.71
C ILE C 506 6.74 16.90 7.24
N TYR C 507 6.01 17.96 7.58
CA TYR C 507 6.32 19.28 7.07
C TYR C 507 7.19 20.11 7.98
N MET C 508 7.56 19.61 9.16
CA MET C 508 8.36 20.39 10.09
C MET C 508 9.54 19.64 10.70
N VAL C 509 9.53 18.32 10.76
CA VAL C 509 10.58 17.56 11.43
C VAL C 509 11.57 17.00 10.42
N LEU C 510 11.08 16.35 9.37
CA LEU C 510 11.99 15.85 8.33
C LEU C 510 12.69 16.99 7.62
N SER C 511 12.00 18.12 7.45
CA SER C 511 12.64 19.29 6.88
C SER C 511 13.79 19.77 7.76
N LEU C 512 13.66 19.64 9.07
CA LEU C 512 14.75 20.06 9.95
C LEU C 512 15.89 19.04 9.93
N PHE C 513 15.60 17.75 9.77
CA PHE C 513 16.67 16.79 9.55
C PHE C 513 17.46 17.14 8.30
N ILE C 514 16.76 17.47 7.21
CA ILE C 514 17.42 17.89 5.98
C ILE C 514 18.26 19.15 6.21
N ALA C 515 17.71 20.10 6.96
CA ALA C 515 18.45 21.33 7.24
C ALA C 515 19.73 21.07 8.03
N LEU C 516 19.66 20.17 9.02
CA LEU C 516 20.84 19.83 9.79
C LEU C 516 21.92 19.21 8.91
N ILE C 517 21.53 18.24 8.07
CA ILE C 517 22.52 17.57 7.22
C ILE C 517 23.12 18.56 6.22
N THR C 518 22.30 19.47 5.69
CA THR C 518 22.80 20.44 4.72
C THR C 518 23.74 21.43 5.36
N GLY C 519 23.42 21.90 6.58
CA GLY C 519 24.34 22.75 7.30
C GLY C 519 25.67 22.07 7.59
N ALA C 520 25.62 20.79 7.97
CA ALA C 520 26.86 20.06 8.21
C ALA C 520 27.69 19.93 6.94
N TYR C 521 27.03 19.63 5.81
CA TYR C 521 27.75 19.54 4.55
C TYR C 521 28.41 20.87 4.19
N ASP C 522 27.68 21.97 4.37
CA ASP C 522 28.26 23.29 4.07
C ASP C 522 29.43 23.62 4.98
N THR C 523 29.34 23.25 6.26
CA THR C 523 30.47 23.47 7.16
C THR C 523 31.68 22.64 6.75
N ILE C 524 31.45 21.41 6.29
CA ILE C 524 32.57 20.55 5.91
C ILE C 524 33.23 21.06 4.64
N LYS C 525 32.44 21.52 3.67
CA LYS C 525 32.98 21.97 2.40
C LYS C 525 33.50 23.40 2.45
N HIS C 526 33.76 23.95 3.63
CA HIS C 526 34.32 25.29 3.75
C HIS C 526 35.29 25.38 4.91
N ASP D 40 16.49 49.25 41.05
CA ASP D 40 15.16 49.24 41.66
C ASP D 40 14.39 48.01 41.19
N LEU D 41 13.49 48.21 40.22
CA LEU D 41 12.85 47.08 39.56
C LEU D 41 13.81 46.24 38.73
N ARG D 42 15.04 46.72 38.53
CA ARG D 42 16.00 46.01 37.70
C ARG D 42 16.31 44.62 38.25
N ARG D 43 16.59 44.54 39.55
CA ARG D 43 16.87 43.24 40.16
C ARG D 43 15.65 42.34 40.13
N ARG D 44 14.46 42.91 40.30
CA ARG D 44 13.24 42.11 40.27
C ARG D 44 13.02 41.48 38.90
N LEU D 45 13.13 42.28 37.85
CA LEU D 45 12.96 41.73 36.51
C LEU D 45 14.10 40.79 36.14
N LYS D 46 15.31 41.08 36.62
CA LYS D 46 16.43 40.16 36.46
C LYS D 46 16.07 38.79 37.01
N TYR D 47 15.59 38.73 38.26
CA TYR D 47 15.25 37.44 38.85
C TYR D 47 14.05 36.81 38.15
N PHE D 48 13.09 37.62 37.72
CA PHE D 48 11.91 37.08 37.06
C PHE D 48 12.27 36.41 35.72
N PHE D 49 13.22 36.98 34.99
CA PHE D 49 13.59 36.42 33.70
C PHE D 49 14.77 35.47 33.76
N MET D 50 15.43 35.35 34.91
CA MET D 50 16.50 34.37 35.06
C MET D 50 16.01 32.95 34.80
N SER D 51 16.91 32.12 34.30
CA SER D 51 16.64 30.69 34.17
C SER D 51 16.63 30.06 35.55
N PRO D 52 16.19 28.80 35.67
CA PRO D 52 16.20 28.17 37.01
C PRO D 52 17.58 28.01 37.59
N CYS D 53 18.58 27.68 36.77
CA CYS D 53 19.94 27.52 37.29
C CYS D 53 20.50 28.85 37.81
N ASP D 54 20.30 29.92 37.05
CA ASP D 54 20.77 31.23 37.50
C ASP D 54 19.98 31.73 38.70
N LYS D 55 18.69 31.41 38.75
CA LYS D 55 17.91 31.68 39.96
C LYS D 55 18.55 31.01 41.17
N PHE D 56 18.81 29.71 41.07
CA PHE D 56 19.45 28.99 42.15
C PHE D 56 20.79 29.61 42.53
N ARG D 57 21.56 30.06 41.53
CA ARG D 57 22.85 30.67 41.81
C ARG D 57 22.71 32.00 42.53
N ALA D 58 21.69 32.78 42.19
CA ALA D 58 21.57 34.15 42.70
C ALA D 58 20.88 34.18 44.07
N LYS D 59 19.69 33.60 44.16
CA LYS D 59 18.93 33.57 45.40
C LYS D 59 17.75 32.63 45.27
N GLY D 60 17.34 32.05 46.40
CA GLY D 60 16.20 31.15 46.43
C GLY D 60 16.64 29.70 46.42
N ARG D 61 15.74 28.84 46.90
CA ARG D 61 16.03 27.42 47.09
C ARG D 61 15.84 26.65 45.77
N LYS D 62 15.75 25.33 45.87
CA LYS D 62 15.96 24.41 44.76
C LYS D 62 14.75 24.38 43.81
N PRO D 63 14.87 23.70 42.64
CA PRO D 63 13.74 23.63 41.71
C PRO D 63 12.57 22.78 42.19
N CYS D 64 11.86 23.29 43.19
CA CYS D 64 10.72 22.58 43.75
C CYS D 64 9.61 22.39 42.73
N LYS D 65 9.23 23.47 42.04
CA LYS D 65 8.17 23.38 41.04
C LYS D 65 8.58 22.45 39.89
N LEU D 66 9.86 22.46 39.53
CA LEU D 66 10.32 21.62 38.42
C LEU D 66 10.23 20.14 38.77
N MET D 67 10.67 19.75 39.97
CA MET D 67 10.55 18.34 40.31
C MET D 67 9.11 17.94 40.62
N LEU D 68 8.28 18.89 41.08
CA LEU D 68 6.86 18.62 41.17
C LEU D 68 6.27 18.31 39.80
N GLN D 69 6.68 19.05 38.78
CA GLN D 69 6.19 18.76 37.43
C GLN D 69 6.72 17.41 36.93
N VAL D 70 7.92 17.02 37.34
CA VAL D 70 8.44 15.71 36.95
C VAL D 70 7.58 14.60 37.55
N VAL D 71 7.31 14.67 38.86
CA VAL D 71 6.50 13.62 39.46
C VAL D 71 5.07 13.66 38.93
N LYS D 72 4.59 14.83 38.50
CA LYS D 72 3.27 14.91 37.88
C LYS D 72 3.25 14.20 36.54
N ILE D 73 4.28 14.40 35.71
CA ILE D 73 4.42 13.64 34.47
C ILE D 73 4.34 12.15 34.77
N LEU D 74 5.09 11.71 35.78
CA LEU D 74 5.14 10.28 36.10
C LEU D 74 3.77 9.74 36.48
N VAL D 75 3.07 10.42 37.40
CA VAL D 75 1.81 9.89 37.90
C VAL D 75 0.75 9.92 36.80
N VAL D 76 0.75 10.96 35.98
CA VAL D 76 -0.24 11.02 34.90
C VAL D 76 -0.03 9.90 33.90
N THR D 77 1.22 9.62 33.53
CA THR D 77 1.47 8.54 32.58
C THR D 77 1.09 7.19 33.17
N VAL D 78 1.41 6.95 34.44
CA VAL D 78 1.09 5.66 35.04
C VAL D 78 -0.42 5.48 35.13
N GLN D 79 -1.15 6.54 35.50
CA GLN D 79 -2.61 6.44 35.56
C GLN D 79 -3.19 6.13 34.18
N LEU D 80 -2.70 6.81 33.13
CA LEU D 80 -3.19 6.54 31.79
C LEU D 80 -2.95 5.10 31.39
N ILE D 81 -1.77 4.55 31.70
CA ILE D 81 -1.49 3.18 31.32
C ILE D 81 -2.40 2.20 32.05
N LEU D 82 -2.59 2.42 33.36
CA LEU D 82 -3.49 1.55 34.12
C LEU D 82 -4.90 1.57 33.58
N PHE D 83 -5.38 2.75 33.18
CA PHE D 83 -6.73 2.83 32.60
C PHE D 83 -6.80 2.11 31.25
N GLY D 84 -5.76 2.28 30.43
CA GLY D 84 -5.79 1.73 29.09
C GLY D 84 -5.78 0.22 29.06
N LEU D 85 -5.03 -0.40 29.97
CA LEU D 85 -4.98 -1.87 29.98
C LEU D 85 -6.36 -2.48 30.25
N SER D 86 -7.08 -1.95 31.23
CA SER D 86 -8.41 -2.49 31.54
C SER D 86 -9.40 -2.20 30.43
N ASN D 87 -9.35 -1.00 29.85
CA ASN D 87 -10.25 -0.73 28.73
C ASN D 87 -9.99 -1.68 27.57
N GLN D 88 -8.72 -1.96 27.27
CA GLN D 88 -8.37 -2.91 26.23
C GLN D 88 -8.97 -4.28 26.52
N LEU D 89 -8.81 -4.76 27.76
CA LEU D 89 -9.25 -6.10 28.08
C LEU D 89 -10.77 -6.23 28.08
N ALA D 90 -11.50 -5.13 28.30
CA ALA D 90 -12.95 -5.21 28.20
C ALA D 90 -13.45 -5.05 26.76
N VAL D 91 -12.75 -4.25 25.96
CA VAL D 91 -13.14 -4.08 24.56
C VAL D 91 -12.97 -5.39 23.80
N THR D 92 -11.95 -6.17 24.13
CA THR D 92 -11.80 -7.46 23.44
C THR D 92 -12.97 -8.39 23.73
N PHE D 93 -13.45 -8.40 24.98
CA PHE D 93 -14.60 -9.23 25.33
C PHE D 93 -15.84 -8.80 24.56
N ARG D 94 -16.11 -7.49 24.53
CA ARG D 94 -17.27 -7.00 23.80
C ARG D 94 -17.20 -7.37 22.32
N GLU D 95 -16.03 -7.19 21.71
CA GLU D 95 -15.89 -7.50 20.29
C GLU D 95 -16.07 -8.98 20.01
N GLU D 96 -15.51 -9.84 20.84
CA GLU D 96 -15.62 -11.28 20.58
C GLU D 96 -17.06 -11.75 20.77
N ASN D 97 -17.77 -11.19 21.74
CA ASN D 97 -19.19 -11.54 21.86
C ASN D 97 -19.99 -11.07 20.66
N THR D 98 -19.64 -9.90 20.08
CA THR D 98 -20.36 -9.45 18.90
C THR D 98 -20.07 -10.35 17.70
N ILE D 99 -18.82 -10.80 17.54
CA ILE D 99 -18.50 -11.72 16.46
C ILE D 99 -19.28 -13.01 16.61
N ALA D 100 -19.34 -13.55 17.83
CA ALA D 100 -20.13 -14.75 18.07
C ALA D 100 -21.60 -14.53 17.74
N PHE D 101 -22.14 -13.35 18.08
CA PHE D 101 -23.53 -13.06 17.78
C PHE D 101 -23.78 -13.03 16.28
N ARG D 102 -22.86 -12.43 15.53
CA ARG D 102 -23.01 -12.38 14.07
C ARG D 102 -23.01 -13.79 13.49
N HIS D 103 -22.04 -14.61 13.88
CA HIS D 103 -21.96 -15.96 13.34
C HIS D 103 -23.13 -16.83 13.79
N LEU D 104 -23.74 -16.52 14.94
CA LEU D 104 -24.86 -17.32 15.41
C LEU D 104 -26.18 -16.92 14.76
N PHE D 105 -26.40 -15.62 14.54
CA PHE D 105 -27.72 -15.15 14.15
C PHE D 105 -27.85 -14.73 12.69
N LEU D 106 -26.76 -14.42 12.00
CA LEU D 106 -26.83 -14.05 10.60
C LEU D 106 -26.65 -15.30 9.73
N LEU D 107 -27.59 -15.52 8.81
CA LEU D 107 -27.62 -16.73 8.01
C LEU D 107 -26.73 -16.57 6.79
N GLY D 108 -25.75 -17.47 6.66
CA GLY D 108 -24.81 -17.38 5.56
C GLY D 108 -23.70 -16.39 5.78
N TYR D 109 -23.45 -16.01 7.03
CA TYR D 109 -22.43 -15.00 7.33
C TYR D 109 -21.05 -15.64 7.39
N SER D 110 -20.07 -14.96 6.84
CA SER D 110 -18.67 -15.40 6.88
C SER D 110 -17.81 -14.21 7.25
N ASP D 111 -16.71 -14.49 7.95
CA ASP D 111 -15.79 -13.45 8.37
C ASP D 111 -15.34 -12.61 7.19
N GLY D 112 -15.07 -11.34 7.46
CA GLY D 112 -15.06 -10.38 6.38
C GLY D 112 -16.50 -10.13 5.98
N ALA D 113 -16.67 -9.52 4.80
CA ALA D 113 -17.99 -9.35 4.20
C ALA D 113 -18.99 -8.73 5.19
N ASP D 114 -18.48 -7.84 6.05
CA ASP D 114 -19.37 -7.19 7.02
C ASP D 114 -20.20 -6.12 6.35
N ASP D 115 -19.62 -5.42 5.38
CA ASP D 115 -20.40 -4.71 4.39
C ASP D 115 -20.76 -5.69 3.27
N THR D 116 -21.53 -5.23 2.29
CA THR D 116 -21.96 -6.05 1.16
C THR D 116 -22.67 -7.34 1.58
N PHE D 117 -23.19 -7.39 2.80
CA PHE D 117 -24.02 -8.50 3.25
C PHE D 117 -25.47 -8.05 3.16
N ALA D 118 -26.23 -8.61 2.22
CA ALA D 118 -27.55 -8.11 1.93
C ALA D 118 -28.43 -9.27 1.48
N ALA D 119 -29.66 -8.94 1.10
CA ALA D 119 -30.63 -9.89 0.58
C ALA D 119 -31.20 -9.35 -0.72
N TYR D 120 -31.45 -10.24 -1.67
CA TYR D 120 -31.91 -9.84 -3.00
C TYR D 120 -33.18 -10.55 -3.41
N THR D 121 -33.81 -11.30 -2.51
CA THR D 121 -34.97 -12.11 -2.85
C THR D 121 -35.86 -12.20 -1.63
N ARG D 122 -37.17 -12.29 -1.88
CA ARG D 122 -38.14 -12.36 -0.79
C ARG D 122 -37.91 -13.60 0.08
N GLU D 123 -37.62 -14.74 -0.55
CA GLU D 123 -37.35 -15.95 0.22
C GLU D 123 -36.05 -15.83 0.99
N GLN D 124 -35.06 -15.15 0.41
CA GLN D 124 -33.82 -14.88 1.11
C GLN D 124 -34.07 -14.09 2.40
N LEU D 125 -34.86 -13.03 2.29
CA LEU D 125 -35.17 -12.21 3.46
C LEU D 125 -35.97 -12.98 4.51
N TYR D 126 -36.98 -13.74 4.06
CA TYR D 126 -37.76 -14.55 4.98
C TYR D 126 -36.88 -15.56 5.71
N GLN D 127 -35.98 -16.22 4.99
CA GLN D 127 -35.11 -17.21 5.61
C GLN D 127 -34.16 -16.56 6.60
N ALA D 128 -33.64 -15.37 6.29
CA ALA D 128 -32.78 -14.68 7.23
C ALA D 128 -33.52 -14.36 8.52
N ILE D 129 -34.74 -13.82 8.41
CA ILE D 129 -35.50 -13.46 9.60
C ILE D 129 -35.82 -14.70 10.44
N PHE D 130 -36.30 -15.75 9.78
CA PHE D 130 -36.68 -16.95 10.51
C PHE D 130 -35.47 -17.65 11.13
N HIS D 131 -34.31 -17.58 10.47
CA HIS D 131 -33.10 -18.13 11.05
C HIS D 131 -32.70 -17.36 12.30
N ALA D 132 -32.78 -16.03 12.26
CA ALA D 132 -32.46 -15.24 13.44
C ALA D 132 -33.36 -15.63 14.62
N VAL D 133 -34.67 -15.73 14.37
CA VAL D 133 -35.58 -16.03 15.47
C VAL D 133 -35.39 -17.46 15.98
N ASP D 134 -35.17 -18.42 15.07
CA ASP D 134 -34.98 -19.79 15.50
C ASP D 134 -33.68 -19.96 16.29
N GLN D 135 -32.62 -19.25 15.90
CA GLN D 135 -31.38 -19.31 16.66
C GLN D 135 -31.55 -18.67 18.03
N TYR D 136 -32.33 -17.58 18.11
CA TYR D 136 -32.61 -16.99 19.41
C TYR D 136 -33.35 -17.99 20.31
N LEU D 137 -34.28 -18.75 19.74
CA LEU D 137 -35.01 -19.72 20.55
C LEU D 137 -34.16 -20.94 20.91
N ALA D 138 -33.17 -21.28 20.08
CA ALA D 138 -32.35 -22.46 20.30
C ALA D 138 -31.04 -22.17 21.02
N LEU D 139 -30.73 -20.91 21.31
CA LEU D 139 -29.47 -20.51 21.94
C LEU D 139 -28.98 -21.39 23.08
N PRO D 140 -29.77 -21.73 24.11
CA PRO D 140 -29.20 -22.47 25.24
C PRO D 140 -28.70 -23.86 24.89
N ASP D 141 -29.20 -24.47 23.81
CA ASP D 141 -28.77 -25.81 23.44
C ASP D 141 -27.59 -25.82 22.48
N VAL D 142 -27.30 -24.71 21.81
CA VAL D 142 -26.31 -24.71 20.74
C VAL D 142 -25.15 -23.75 20.99
N SER D 143 -25.31 -22.73 21.84
CA SER D 143 -24.26 -21.73 21.97
C SER D 143 -23.11 -22.25 22.81
N LEU D 144 -21.90 -21.74 22.52
CA LEU D 144 -20.72 -22.09 23.30
C LEU D 144 -20.51 -21.18 24.50
N GLY D 145 -21.18 -20.02 24.54
CA GLY D 145 -21.18 -19.19 25.72
C GLY D 145 -22.39 -19.49 26.59
N ARG D 146 -22.46 -18.77 27.71
CA ARG D 146 -23.59 -18.91 28.64
C ARG D 146 -24.32 -17.58 28.71
N TYR D 147 -25.53 -17.55 28.18
CA TYR D 147 -26.36 -16.36 28.16
C TYR D 147 -27.67 -16.63 28.87
N ALA D 148 -28.35 -15.55 29.23
CA ALA D 148 -29.63 -15.63 29.91
C ALA D 148 -30.62 -14.68 29.27
N TYR D 149 -31.87 -15.09 29.22
CA TYR D 149 -32.91 -14.29 28.59
C TYR D 149 -33.35 -13.17 29.51
N VAL D 150 -33.77 -12.06 28.90
CA VAL D 150 -34.27 -10.89 29.61
C VAL D 150 -35.72 -10.69 29.21
N ARG D 151 -36.62 -10.81 30.18
CA ARG D 151 -38.04 -10.62 29.92
C ARG D 151 -38.36 -9.13 29.75
N GLY D 152 -39.55 -8.87 29.25
CA GLY D 152 -39.93 -7.52 28.83
C GLY D 152 -39.88 -6.46 29.89
N GLY D 153 -39.04 -5.44 29.69
CA GLY D 153 -38.93 -4.34 30.62
C GLY D 153 -38.70 -3.00 29.96
N GLY D 154 -39.02 -2.89 28.67
CA GLY D 154 -38.74 -1.68 27.93
C GLY D 154 -39.84 -1.30 26.95
N ASP D 155 -39.49 -0.49 25.95
CA ASP D 155 -40.48 0.00 24.99
C ASP D 155 -40.85 -1.06 23.96
N PRO D 156 -39.90 -1.66 23.23
CA PRO D 156 -40.33 -2.66 22.23
C PRO D 156 -40.90 -3.92 22.86
N TRP D 157 -40.30 -4.38 23.97
CA TRP D 157 -40.71 -5.63 24.60
C TRP D 157 -41.88 -5.36 25.54
N THR D 158 -43.02 -5.98 25.27
CA THR D 158 -44.14 -5.96 26.19
C THR D 158 -43.86 -6.91 27.34
N ASN D 159 -44.84 -7.12 28.21
CA ASN D 159 -44.63 -7.96 29.37
C ASN D 159 -44.45 -9.41 28.96
N GLY D 160 -43.39 -10.05 29.47
CA GLY D 160 -43.16 -11.46 29.25
C GLY D 160 -42.42 -11.83 27.99
N SER D 161 -42.15 -10.88 27.10
CA SER D 161 -41.52 -11.16 25.81
C SER D 161 -40.04 -10.80 25.86
N GLY D 162 -39.22 -11.61 25.19
CA GLY D 162 -37.79 -11.37 25.16
C GLY D 162 -37.29 -10.87 23.83
N LEU D 163 -38.00 -11.20 22.76
CA LEU D 163 -37.64 -10.80 21.41
C LEU D 163 -38.84 -10.14 20.74
N ALA D 164 -38.58 -9.04 20.04
CA ALA D 164 -39.61 -8.29 19.33
C ALA D 164 -39.12 -8.03 17.91
N LEU D 165 -39.76 -8.64 16.93
CA LEU D 165 -39.49 -8.35 15.52
C LEU D 165 -40.57 -7.41 15.00
N CYS D 166 -40.17 -6.19 14.65
CA CYS D 166 -41.07 -5.13 14.28
C CYS D 166 -40.78 -4.72 12.84
N GLN D 167 -41.81 -4.57 12.03
CA GLN D 167 -41.67 -4.06 10.67
C GLN D 167 -42.32 -2.69 10.55
N ARG D 168 -41.69 -1.81 9.78
CA ARG D 168 -42.14 -0.44 9.59
C ARG D 168 -42.46 -0.22 8.12
N TYR D 169 -43.69 0.19 7.82
CA TYR D 169 -44.12 0.46 6.46
C TYR D 169 -44.87 1.78 6.43
N TYR D 170 -45.37 2.14 5.25
CA TYR D 170 -46.13 3.37 5.07
C TYR D 170 -47.61 3.12 5.31
N HIS D 171 -48.31 4.17 5.72
CA HIS D 171 -49.74 4.04 5.97
C HIS D 171 -50.51 3.84 4.68
N ARG D 172 -50.17 4.60 3.64
CA ARG D 172 -50.75 4.43 2.32
C ARG D 172 -49.64 4.52 1.28
N GLY D 173 -49.57 3.52 0.41
CA GLY D 173 -48.64 3.55 -0.70
C GLY D 173 -49.16 2.76 -1.88
N HIS D 174 -49.24 3.38 -3.04
CA HIS D 174 -49.75 2.76 -4.26
C HIS D 174 -48.73 2.90 -5.38
N VAL D 175 -47.48 2.57 -5.06
CA VAL D 175 -46.42 2.62 -6.05
C VAL D 175 -46.79 1.79 -7.26
N ASP D 176 -46.72 2.39 -8.44
CA ASP D 176 -47.01 1.69 -9.68
C ASP D 176 -46.06 2.24 -10.74
N PRO D 177 -44.93 1.56 -10.95
CA PRO D 177 -43.97 2.06 -11.96
C PRO D 177 -44.58 2.14 -13.34
N ALA D 178 -45.54 1.27 -13.66
CA ALA D 178 -46.32 1.42 -14.87
C ALA D 178 -47.47 2.39 -14.63
N ASN D 179 -47.82 3.15 -15.67
CA ASN D 179 -48.78 4.24 -15.67
C ASN D 179 -48.23 5.48 -14.98
N ASP D 180 -47.06 5.40 -14.36
CA ASP D 180 -46.40 6.52 -13.70
C ASP D 180 -47.31 7.18 -12.65
N THR D 181 -47.56 6.42 -11.58
CA THR D 181 -48.40 6.90 -10.50
C THR D 181 -47.89 6.32 -9.19
N PHE D 182 -47.78 7.15 -8.15
CA PHE D 182 -47.39 6.55 -6.88
C PHE D 182 -48.39 6.78 -5.76
N ASP D 183 -48.94 7.98 -5.61
CA ASP D 183 -49.99 8.25 -4.63
C ASP D 183 -49.53 7.88 -3.21
N ILE D 184 -48.54 8.61 -2.73
CA ILE D 184 -47.83 8.24 -1.50
C ILE D 184 -47.96 9.34 -0.45
N ASP D 185 -48.13 8.91 0.81
CA ASP D 185 -48.06 9.82 1.95
C ASP D 185 -47.23 9.19 3.06
N PRO D 186 -46.00 9.65 3.28
CA PRO D 186 -45.14 9.01 4.29
C PRO D 186 -45.60 9.22 5.71
N MET D 187 -46.04 8.14 6.35
CA MET D 187 -46.34 8.15 7.78
C MET D 187 -46.08 6.74 8.28
N VAL D 188 -44.90 6.52 8.85
CA VAL D 188 -44.42 5.18 9.14
C VAL D 188 -45.30 4.54 10.21
N VAL D 189 -45.90 3.40 9.86
CA VAL D 189 -46.67 2.60 10.81
C VAL D 189 -45.82 1.41 11.23
N THR D 190 -45.88 1.06 12.51
CA THR D 190 -45.09 -0.04 13.06
C THR D 190 -46.00 -1.17 13.48
N ASP D 191 -45.82 -2.33 12.86
CA ASP D 191 -46.50 -3.56 13.23
C ASP D 191 -45.45 -4.53 13.74
N CYS D 192 -45.60 -4.97 14.99
CA CYS D 192 -44.53 -5.70 15.65
C CYS D 192 -45.07 -6.97 16.30
N ILE D 193 -44.21 -7.99 16.34
CA ILE D 193 -44.52 -9.28 16.94
C ILE D 193 -43.59 -9.47 18.12
N GLN D 194 -44.10 -10.13 19.17
CA GLN D 194 -43.32 -10.42 20.36
C GLN D 194 -43.22 -11.92 20.55
N VAL D 195 -42.00 -12.42 20.73
CA VAL D 195 -41.72 -13.84 20.90
C VAL D 195 -41.21 -14.06 22.32
N ASP D 196 -41.88 -14.94 23.05
CA ASP D 196 -41.32 -15.14 24.39
C ASP D 196 -40.56 -16.46 24.47
N PRO D 197 -39.42 -16.46 25.16
CA PRO D 197 -38.57 -17.66 25.18
C PRO D 197 -39.11 -18.70 26.15
N PRO D 198 -38.73 -19.96 25.97
CA PRO D 198 -39.13 -21.00 26.92
C PRO D 198 -38.19 -21.04 28.11
N GLU D 199 -38.45 -22.00 29.00
CA GLU D 199 -37.64 -22.17 30.20
C GLU D 199 -37.00 -23.55 30.23
N ARG D 200 -35.87 -23.64 30.94
CA ARG D 200 -35.08 -24.85 31.08
C ARG D 200 -35.91 -26.10 31.37
N SER D 216 -43.93 -20.44 15.37
CA SER D 216 -45.23 -20.25 16.00
C SER D 216 -45.54 -18.77 16.18
N SER D 217 -46.55 -18.29 15.45
CA SER D 217 -47.05 -16.92 15.52
C SER D 217 -46.05 -15.91 14.98
N TYR D 218 -44.84 -16.35 14.66
CA TYR D 218 -43.90 -15.54 13.90
C TYR D 218 -43.62 -16.13 12.52
N LYS D 219 -44.00 -17.39 12.28
CA LYS D 219 -43.95 -17.95 10.95
C LYS D 219 -45.09 -17.49 10.07
N ASN D 220 -46.10 -16.84 10.64
CA ASN D 220 -47.20 -16.26 9.88
C ASN D 220 -46.92 -14.81 9.48
N LEU D 221 -45.65 -14.41 9.46
CA LEU D 221 -45.30 -13.04 9.11
C LEU D 221 -45.49 -12.80 7.63
N THR D 222 -46.24 -11.76 7.29
CA THR D 222 -46.31 -11.22 5.93
C THR D 222 -45.69 -9.83 5.94
N LEU D 223 -44.85 -9.56 4.96
CA LEU D 223 -43.84 -8.52 5.12
C LEU D 223 -44.08 -7.26 4.31
N LYS D 224 -45.07 -7.24 3.41
CA LYS D 224 -45.52 -6.01 2.74
C LYS D 224 -44.36 -5.32 2.02
N PHE D 225 -43.86 -6.01 1.00
CA PHE D 225 -42.57 -5.64 0.40
C PHE D 225 -42.62 -4.32 -0.38
N HIS D 226 -43.78 -3.91 -0.87
CA HIS D 226 -43.84 -2.70 -1.69
C HIS D 226 -43.96 -1.43 -0.86
N LYS D 227 -44.26 -1.53 0.44
CA LYS D 227 -44.32 -0.38 1.32
C LYS D 227 -43.29 -0.43 2.44
N LEU D 228 -42.42 -1.44 2.45
CA LEU D 228 -41.56 -1.68 3.60
C LEU D 228 -40.49 -0.61 3.74
N VAL D 229 -40.22 -0.21 4.97
CA VAL D 229 -39.12 0.70 5.29
C VAL D 229 -37.95 -0.03 5.91
N ASN D 230 -38.20 -0.79 6.98
CA ASN D 230 -37.17 -1.65 7.55
C ASN D 230 -37.84 -2.69 8.43
N VAL D 231 -37.08 -3.75 8.71
CA VAL D 231 -37.46 -4.79 9.67
C VAL D 231 -36.35 -4.88 10.70
N THR D 232 -36.72 -4.92 11.98
CA THR D 232 -35.75 -4.95 13.05
C THR D 232 -36.08 -6.07 14.02
N ILE D 233 -35.06 -6.51 14.74
CA ILE D 233 -35.17 -7.58 15.73
C ILE D 233 -34.41 -7.14 16.97
N HIS D 234 -35.11 -7.04 18.10
CA HIS D 234 -34.52 -6.57 19.35
C HIS D 234 -34.62 -7.67 20.40
N PHE D 235 -33.50 -7.94 21.07
CA PHE D 235 -33.48 -8.83 22.22
C PHE D 235 -32.24 -8.54 23.03
N ARG D 236 -32.23 -9.04 24.27
CA ARG D 236 -31.14 -8.81 25.21
C ARG D 236 -30.65 -10.14 25.77
N LEU D 237 -29.36 -10.17 26.13
CA LEU D 237 -28.72 -11.38 26.62
C LEU D 237 -27.74 -11.02 27.73
N LYS D 238 -27.88 -11.69 28.88
CA LYS D 238 -27.01 -11.44 30.02
C LYS D 238 -25.86 -12.43 30.02
N THR D 239 -24.64 -11.92 30.17
CA THR D 239 -23.44 -12.73 30.23
C THR D 239 -22.73 -12.43 31.55
N ILE D 240 -21.66 -13.17 31.82
CA ILE D 240 -20.78 -12.89 32.95
C ILE D 240 -19.35 -12.98 32.44
N ASN D 241 -18.57 -11.94 32.68
CA ASN D 241 -17.19 -11.86 32.18
C ASN D 241 -16.31 -12.67 33.11
N LEU D 242 -16.19 -13.96 32.84
CA LEU D 242 -15.30 -14.81 33.63
C LEU D 242 -13.83 -14.55 33.33
N GLN D 243 -13.52 -13.90 32.19
CA GLN D 243 -12.15 -13.54 31.89
C GLN D 243 -11.55 -12.62 32.95
N SER D 244 -12.39 -11.96 33.74
CA SER D 244 -11.91 -11.07 34.81
C SER D 244 -11.55 -11.88 36.06
N LEU D 245 -10.74 -12.91 35.85
CA LEU D 245 -10.13 -13.66 36.94
C LEU D 245 -8.64 -13.41 37.03
N ILE D 246 -8.09 -12.61 36.12
CA ILE D 246 -6.73 -12.11 36.28
C ILE D 246 -6.70 -10.98 37.31
N ASN D 247 -7.50 -9.94 37.07
CA ASN D 247 -7.68 -8.88 38.04
C ASN D 247 -8.46 -9.32 39.27
N ASN D 248 -9.08 -10.49 39.22
CA ASN D 248 -10.02 -10.99 40.22
C ASN D 248 -11.22 -10.07 40.40
N GLU D 249 -11.40 -9.11 39.50
CA GLU D 249 -12.55 -8.21 39.52
C GLU D 249 -13.64 -8.81 38.63
N ILE D 250 -13.98 -10.05 38.96
CA ILE D 250 -14.85 -10.89 38.13
C ILE D 250 -16.28 -10.37 38.01
N PRO D 251 -16.91 -9.73 39.03
CA PRO D 251 -18.33 -9.42 38.87
C PRO D 251 -18.61 -8.37 37.82
N ASP D 252 -18.13 -8.61 36.60
CA ASP D 252 -18.55 -7.84 35.42
C ASP D 252 -19.65 -8.67 34.77
N CYS D 253 -20.87 -8.15 34.82
CA CYS D 253 -22.06 -8.97 34.59
C CYS D 253 -22.89 -8.26 33.53
N TYR D 254 -22.53 -8.46 32.26
CA TYR D 254 -23.01 -7.57 31.20
C TYR D 254 -24.47 -7.86 30.86
N THR D 255 -24.99 -7.02 29.95
CA THR D 255 -26.31 -7.24 29.34
C THR D 255 -26.23 -6.65 27.94
N PHE D 256 -26.10 -7.52 26.95
CA PHE D 256 -25.98 -7.08 25.56
C PHE D 256 -27.36 -6.82 24.99
N SER D 257 -27.51 -5.68 24.32
CA SER D 257 -28.73 -5.36 23.58
C SER D 257 -28.42 -5.52 22.10
N VAL D 258 -29.00 -6.54 21.46
CA VAL D 258 -28.69 -6.90 20.08
C VAL D 258 -29.78 -6.36 19.18
N LEU D 259 -29.37 -5.67 18.12
CA LEU D 259 -30.29 -5.12 17.13
C LEU D 259 -29.88 -5.62 15.75
N ILE D 260 -30.78 -6.37 15.11
CA ILE D 260 -30.57 -6.86 13.75
C ILE D 260 -31.49 -6.07 12.83
N THR D 261 -30.90 -5.32 11.91
CA THR D 261 -31.64 -4.42 11.04
C THR D 261 -31.65 -4.94 9.61
N PHE D 262 -32.84 -5.02 9.03
CA PHE D 262 -33.03 -5.30 7.61
C PHE D 262 -33.52 -3.98 6.99
N ASP D 263 -32.62 -3.27 6.32
CA ASP D 263 -32.81 -1.86 6.00
C ASP D 263 -33.19 -1.69 4.53
N ASN D 264 -34.32 -1.01 4.30
CA ASN D 264 -34.86 -0.80 2.96
C ASN D 264 -35.15 0.67 2.70
N LYS D 265 -34.18 1.54 3.01
CA LYS D 265 -34.37 2.97 2.77
C LYS D 265 -34.33 3.30 1.29
N ALA D 266 -33.32 2.79 0.58
CA ALA D 266 -33.11 3.18 -0.81
C ALA D 266 -34.17 2.62 -1.75
N HIS D 267 -34.90 1.59 -1.34
CA HIS D 267 -35.87 0.92 -2.20
C HIS D 267 -35.24 0.50 -3.52
N SER D 268 -34.13 -0.21 -3.42
CA SER D 268 -33.32 -0.58 -4.58
C SER D 268 -33.48 -2.05 -4.97
N GLY D 269 -34.21 -2.85 -4.21
CA GLY D 269 -34.17 -4.28 -4.38
C GLY D 269 -33.02 -4.96 -3.69
N ARG D 270 -32.21 -4.21 -2.96
CA ARG D 270 -31.08 -4.75 -2.20
C ARG D 270 -31.24 -4.30 -0.76
N ILE D 271 -31.40 -5.26 0.15
CA ILE D 271 -31.67 -4.95 1.55
C ILE D 271 -30.47 -5.36 2.40
N PRO D 272 -29.60 -4.43 2.79
CA PRO D 272 -28.47 -4.79 3.62
C PRO D 272 -28.90 -5.23 5.01
N ILE D 273 -28.14 -6.16 5.59
CA ILE D 273 -28.44 -6.76 6.88
C ILE D 273 -27.27 -6.50 7.82
N SER D 274 -27.56 -6.07 9.03
CA SER D 274 -26.53 -5.69 9.99
C SER D 274 -26.89 -6.21 11.36
N LEU D 275 -25.88 -6.29 12.23
CA LEU D 275 -26.07 -6.68 13.62
C LEU D 275 -25.19 -5.77 14.48
N GLU D 276 -25.84 -4.92 15.27
CA GLU D 276 -25.14 -4.05 16.21
C GLU D 276 -25.53 -4.43 17.63
N THR D 277 -24.61 -4.20 18.56
CA THR D 277 -24.83 -4.55 19.96
C THR D 277 -24.44 -3.38 20.84
N GLN D 278 -24.93 -3.41 22.08
CA GLN D 278 -24.61 -2.40 23.09
C GLN D 278 -24.53 -3.08 24.44
N ALA D 279 -23.39 -2.97 25.09
CA ALA D 279 -23.19 -3.58 26.40
C ALA D 279 -23.57 -2.61 27.51
N HIS D 280 -23.92 -3.17 28.67
CA HIS D 280 -24.32 -2.40 29.84
C HIS D 280 -23.72 -3.09 31.06
N ILE D 281 -22.51 -2.67 31.45
CA ILE D 281 -21.80 -3.33 32.55
C ILE D 281 -22.52 -3.05 33.87
N GLN D 282 -22.35 -3.96 34.84
CA GLN D 282 -23.00 -3.87 36.14
C GLN D 282 -22.15 -4.58 37.19
N GLU D 283 -22.68 -4.70 38.41
CA GLU D 283 -22.09 -5.55 39.45
C GLU D 283 -22.97 -6.78 39.68
N CYS D 284 -22.35 -7.95 39.60
CA CYS D 284 -23.09 -9.21 39.48
C CYS D 284 -23.29 -9.86 40.85
N LYS D 285 -23.76 -9.05 41.82
CA LYS D 285 -24.22 -9.47 43.13
C LYS D 285 -23.34 -10.53 43.80
N HIS D 286 -22.02 -10.34 43.76
CA HIS D 286 -21.10 -11.24 44.46
C HIS D 286 -19.75 -10.54 44.67
N PRO D 287 -19.69 -9.52 45.53
CA PRO D 287 -18.45 -8.75 45.66
C PRO D 287 -17.53 -9.21 46.78
N SER D 288 -16.33 -8.62 46.83
CA SER D 288 -15.43 -8.72 47.98
C SER D 288 -15.00 -10.15 48.26
N VAL D 289 -14.73 -10.92 47.21
CA VAL D 289 -14.12 -12.24 47.36
C VAL D 289 -12.60 -12.15 47.29
N PHE D 290 -12.08 -11.32 46.39
CA PHE D 290 -10.67 -10.98 46.31
C PHE D 290 -10.46 -9.48 46.33
N GLN D 291 -11.53 -8.70 46.43
CA GLN D 291 -11.57 -7.27 46.22
C GLN D 291 -10.95 -6.49 47.39
N HIS D 292 -10.71 -7.16 48.53
CA HIS D 292 -10.16 -6.51 49.71
C HIS D 292 -8.77 -5.94 49.48
N GLY D 293 -8.03 -6.44 48.50
CA GLY D 293 -6.69 -5.95 48.26
C GLY D 293 -6.60 -4.95 47.14
N ASP D 294 -7.61 -4.92 46.27
CA ASP D 294 -7.62 -4.05 45.11
C ASP D 294 -8.61 -2.90 45.21
N ASN D 295 -9.40 -2.84 46.30
CA ASN D 295 -10.34 -1.74 46.45
C ASN D 295 -9.61 -0.42 46.64
N SER D 296 -8.51 -0.42 47.38
CA SER D 296 -7.88 0.84 47.79
C SER D 296 -6.94 1.39 46.73
N PHE D 297 -6.29 0.54 45.94
CA PHE D 297 -5.18 0.98 45.10
C PHE D 297 -5.63 1.97 44.03
N ARG D 298 -6.69 1.62 43.30
CA ARG D 298 -7.10 2.47 42.18
C ARG D 298 -7.63 3.82 42.67
N LEU D 299 -8.48 3.82 43.69
CA LEU D 299 -9.02 5.08 44.19
C LEU D 299 -7.95 5.93 44.86
N LEU D 300 -7.00 5.29 45.56
CA LEU D 300 -5.91 6.05 46.15
C LEU D 300 -5.02 6.68 45.08
N PHE D 301 -4.74 5.94 44.01
CA PHE D 301 -3.94 6.52 42.93
C PHE D 301 -4.69 7.66 42.26
N ASP D 302 -6.02 7.53 42.11
CA ASP D 302 -6.78 8.60 41.49
C ASP D 302 -6.79 9.86 42.36
N VAL D 303 -6.91 9.71 43.68
CA VAL D 303 -6.91 10.90 44.52
C VAL D 303 -5.50 11.49 44.61
N VAL D 304 -4.46 10.66 44.51
CA VAL D 304 -3.10 11.19 44.44
C VAL D 304 -2.91 12.04 43.17
N VAL D 305 -3.41 11.54 42.03
CA VAL D 305 -3.33 12.33 40.80
C VAL D 305 -4.09 13.63 40.94
N ILE D 306 -5.28 13.59 41.54
CA ILE D 306 -6.07 14.80 41.71
C ILE D 306 -5.33 15.82 42.57
N LEU D 307 -4.74 15.36 43.68
CA LEU D 307 -4.06 16.29 44.57
C LEU D 307 -2.81 16.87 43.92
N THR D 308 -2.02 16.04 43.22
CA THR D 308 -0.84 16.55 42.54
C THR D 308 -1.21 17.58 41.48
N CYS D 309 -2.24 17.31 40.70
CA CYS D 309 -2.62 18.26 39.66
C CYS D 309 -3.21 19.55 40.24
N SER D 310 -3.92 19.45 41.36
CA SER D 310 -4.44 20.67 41.98
C SER D 310 -3.31 21.52 42.55
N LEU D 311 -2.31 20.88 43.16
CA LEU D 311 -1.15 21.60 43.64
C LEU D 311 -0.42 22.30 42.49
N SER D 312 -0.20 21.57 41.39
CA SER D 312 0.42 22.17 40.21
C SER D 312 -0.37 23.37 39.72
N PHE D 313 -1.70 23.24 39.66
CA PHE D 313 -2.53 24.35 39.18
C PHE D 313 -2.40 25.56 40.08
N LEU D 314 -2.40 25.36 41.41
CA LEU D 314 -2.30 26.50 42.31
C LEU D 314 -0.94 27.18 42.20
N LEU D 315 0.14 26.40 42.07
CA LEU D 315 1.45 27.02 41.90
C LEU D 315 1.54 27.82 40.61
N CYS D 316 1.04 27.26 39.50
CA CYS D 316 1.09 28.01 38.24
C CYS D 316 0.19 29.24 38.27
N ALA D 317 -0.92 29.19 39.01
CA ALA D 317 -1.76 30.38 39.14
C ALA D 317 -1.06 31.46 39.94
N ARG D 318 -0.37 31.08 41.02
CA ARG D 318 0.46 32.04 41.75
C ARG D 318 1.48 32.68 40.84
N SER D 319 2.17 31.88 40.02
CA SER D 319 3.20 32.41 39.14
C SER D 319 2.61 33.35 38.09
N LEU D 320 1.45 33.01 37.53
CA LEU D 320 0.85 33.87 36.52
C LEU D 320 0.38 35.19 37.12
N LEU D 321 -0.14 35.16 38.35
CA LEU D 321 -0.51 36.40 39.02
C LEU D 321 0.73 37.25 39.29
N ARG D 322 1.83 36.62 39.72
CA ARG D 322 3.09 37.33 39.89
C ARG D 322 3.50 38.03 38.60
N GLY D 323 3.44 37.31 37.48
CA GLY D 323 3.79 37.92 36.20
C GLY D 323 2.89 39.08 35.84
N PHE D 324 1.59 38.95 36.09
CA PHE D 324 0.66 40.04 35.82
C PHE D 324 1.00 41.28 36.64
N LEU D 325 1.32 41.09 37.93
CA LEU D 325 1.63 42.24 38.77
C LEU D 325 2.93 42.91 38.35
N LEU D 326 3.94 42.11 38.00
CA LEU D 326 5.18 42.70 37.51
C LEU D 326 4.95 43.46 36.21
N GLN D 327 4.10 42.93 35.33
CA GLN D 327 3.77 43.64 34.10
C GLN D 327 3.12 44.99 34.40
N ASN D 328 2.11 45.01 35.28
CA ASN D 328 1.42 46.25 35.57
C ASN D 328 2.31 47.24 36.30
N GLU D 329 3.34 46.75 37.00
CA GLU D 329 4.34 47.65 37.55
C GLU D 329 5.19 48.25 36.44
N PHE D 330 5.53 47.43 35.43
CA PHE D 330 6.37 47.91 34.33
C PHE D 330 5.66 48.99 33.52
N VAL D 331 4.36 48.82 33.24
CA VAL D 331 3.68 49.82 32.43
C VAL D 331 3.61 51.14 33.18
N GLY D 332 3.41 51.09 34.50
CA GLY D 332 3.39 52.32 35.28
C GLY D 332 4.73 53.03 35.29
N PHE D 333 5.81 52.28 35.55
CA PHE D 333 7.11 52.93 35.62
C PHE D 333 7.57 53.40 34.24
N MET D 334 7.07 52.77 33.17
CA MET D 334 7.31 53.32 31.84
C MET D 334 6.44 54.53 31.56
N TRP D 335 5.28 54.62 32.22
CA TRP D 335 4.50 55.86 32.21
C TRP D 335 5.25 56.98 32.90
N ARG D 336 6.10 56.64 33.87
CA ARG D 336 6.87 57.66 34.57
C ARG D 336 7.79 58.41 33.62
N GLN D 337 8.66 57.71 32.90
CA GLN D 337 9.53 58.37 31.93
C GLN D 337 8.79 58.69 30.64
N ARG D 338 7.78 57.88 30.29
CA ARG D 338 6.88 58.19 29.19
C ARG D 338 7.64 58.21 27.85
N GLY D 339 8.23 57.07 27.50
CA GLY D 339 9.08 57.01 26.31
C GLY D 339 8.56 56.02 25.28
N ARG D 340 9.28 54.90 25.16
CA ARG D 340 9.16 53.98 24.04
C ARG D 340 7.89 53.12 24.12
N VAL D 341 6.74 53.77 23.89
CA VAL D 341 5.45 53.11 23.99
C VAL D 341 4.83 53.02 22.60
N ILE D 342 4.19 51.89 22.32
CA ILE D 342 3.46 51.62 21.09
C ILE D 342 2.12 51.04 21.51
N SER D 343 1.35 50.50 20.56
CA SER D 343 0.10 49.83 20.88
C SER D 343 0.28 48.70 21.90
N LEU D 344 1.52 48.41 22.27
CA LEU D 344 1.85 47.49 23.37
C LEU D 344 1.33 46.08 23.13
N TRP D 345 1.88 45.42 22.11
CA TRP D 345 1.66 44.00 21.94
C TRP D 345 2.65 43.16 22.75
N GLU D 346 3.75 43.78 23.19
CA GLU D 346 4.76 43.05 23.95
C GLU D 346 4.43 42.98 25.42
N ARG D 347 3.53 43.83 25.91
CA ARG D 347 3.01 43.65 27.27
C ARG D 347 2.35 42.29 27.43
N LEU D 348 1.83 41.73 26.33
CA LEU D 348 1.39 40.34 26.34
C LEU D 348 2.56 39.38 26.21
N GLU D 349 3.67 39.82 25.58
CA GLU D 349 4.84 38.95 25.51
C GLU D 349 5.50 38.82 26.87
N PHE D 350 5.03 39.57 27.87
CA PHE D 350 5.52 39.43 29.23
C PHE D 350 5.13 38.08 29.84
N VAL D 351 4.15 37.40 29.23
CA VAL D 351 3.55 36.22 29.84
C VAL D 351 4.36 34.96 29.52
N ASN D 352 4.15 33.90 30.31
CA ASN D 352 4.85 32.64 30.14
C ASN D 352 3.90 31.57 29.60
N GLY D 353 4.11 31.17 28.34
CA GLY D 353 3.22 30.21 27.71
C GLY D 353 3.25 28.82 28.33
N TRP D 354 4.40 28.44 28.91
CA TRP D 354 4.51 27.11 29.51
C TRP D 354 3.56 26.96 30.68
N TYR D 355 3.33 28.03 31.44
CA TYR D 355 2.38 27.95 32.55
C TYR D 355 0.95 27.83 32.05
N ILE D 356 0.63 28.47 30.92
CA ILE D 356 -0.68 28.29 30.30
C ILE D 356 -0.88 26.82 29.91
N LEU D 357 0.13 26.24 29.26
CA LEU D 357 0.06 24.84 28.87
C LEU D 357 -0.12 23.94 30.10
N LEU D 358 0.64 24.21 31.16
CA LEU D 358 0.55 23.38 32.36
C LEU D 358 -0.82 23.49 33.02
N VAL D 359 -1.36 24.71 33.11
CA VAL D 359 -2.67 24.91 33.71
C VAL D 359 -3.74 24.16 32.94
N THR D 360 -3.72 24.29 31.61
CA THR D 360 -4.67 23.54 30.78
C THR D 360 -4.52 22.05 31.01
N SER D 361 -3.28 21.56 31.12
CA SER D 361 -3.07 20.13 31.27
C SER D 361 -3.58 19.62 32.62
N ASP D 362 -3.40 20.38 33.70
CA ASP D 362 -3.91 19.88 34.98
C ASP D 362 -5.43 20.00 35.06
N VAL D 363 -6.01 21.03 34.44
CA VAL D 363 -7.48 21.11 34.38
C VAL D 363 -8.04 19.90 33.66
N LEU D 364 -7.50 19.58 32.49
CA LEU D 364 -7.96 18.40 31.76
C LEU D 364 -7.73 17.13 32.57
N THR D 365 -6.59 17.01 33.24
CA THR D 365 -6.30 15.79 33.98
C THR D 365 -7.27 15.57 35.12
N ILE D 366 -7.55 16.62 35.90
CA ILE D 366 -8.45 16.46 37.04
C ILE D 366 -9.89 16.24 36.56
N SER D 367 -10.29 16.95 35.49
CA SER D 367 -11.64 16.77 34.96
C SER D 367 -11.84 15.36 34.40
N GLY D 368 -10.79 14.76 33.83
CA GLY D 368 -10.91 13.39 33.35
C GLY D 368 -10.77 12.36 34.44
N THR D 369 -10.02 12.67 35.50
CA THR D 369 -9.88 11.71 36.59
C THR D 369 -11.16 11.63 37.42
N ILE D 370 -11.88 12.74 37.54
CA ILE D 370 -13.18 12.69 38.21
C ILE D 370 -14.12 11.75 37.46
N MET D 371 -14.16 11.87 36.13
CA MET D 371 -15.02 11.01 35.34
C MET D 371 -14.54 9.56 35.34
N LYS D 372 -13.23 9.33 35.41
CA LYS D 372 -12.73 7.96 35.51
C LYS D 372 -13.14 7.33 36.84
N ILE D 373 -13.07 8.11 37.92
CA ILE D 373 -13.55 7.63 39.21
C ILE D 373 -15.02 7.27 39.13
N GLY D 374 -15.81 8.15 38.50
CA GLY D 374 -17.23 7.85 38.33
C GLY D 374 -17.47 6.59 37.51
N ILE D 375 -16.70 6.42 36.44
CA ILE D 375 -16.92 5.29 35.52
C ILE D 375 -16.60 3.97 36.21
N GLU D 376 -15.38 3.84 36.74
CA GLU D 376 -14.89 2.53 37.14
C GLU D 376 -15.67 1.92 38.30
N ALA D 377 -16.46 2.70 39.04
CA ALA D 377 -17.28 2.08 40.07
C ALA D 377 -18.76 2.46 40.01
N LYS D 378 -19.07 3.72 39.72
CA LYS D 378 -20.43 4.22 39.80
C LYS D 378 -21.16 4.05 38.47
N ASN D 379 -22.29 4.74 38.31
CA ASN D 379 -23.17 4.60 37.16
C ASN D 379 -22.70 5.36 35.93
N LEU D 380 -21.55 6.02 35.99
CA LEU D 380 -21.03 6.71 34.81
C LEU D 380 -20.65 5.69 33.75
N ALA D 381 -21.27 5.80 32.57
CA ALA D 381 -20.90 4.99 31.41
C ALA D 381 -20.74 5.94 30.22
N SER D 382 -19.58 6.59 30.15
CA SER D 382 -19.21 7.38 28.97
C SER D 382 -17.68 7.38 28.93
N TYR D 383 -17.12 6.43 28.17
CA TYR D 383 -15.68 6.27 28.11
C TYR D 383 -15.04 7.16 27.08
N ASP D 384 -15.80 7.63 26.09
CA ASP D 384 -15.22 8.40 24.99
C ASP D 384 -14.66 9.72 25.50
N VAL D 385 -15.48 10.50 26.21
CA VAL D 385 -15.05 11.81 26.70
C VAL D 385 -13.94 11.66 27.72
N CYS D 386 -14.04 10.67 28.61
CA CYS D 386 -13.01 10.46 29.62
C CYS D 386 -11.68 10.13 28.97
N SER D 387 -11.69 9.23 27.97
CA SER D 387 -10.45 8.87 27.30
C SER D 387 -9.87 10.04 26.51
N ILE D 388 -10.74 10.87 25.91
CA ILE D 388 -10.24 12.02 25.18
C ILE D 388 -9.57 13.00 26.13
N LEU D 389 -10.20 13.27 27.27
CA LEU D 389 -9.63 14.17 28.26
C LEU D 389 -8.28 13.66 28.76
N LEU D 390 -8.23 12.37 29.14
CA LEU D 390 -6.99 11.83 29.69
C LEU D 390 -5.88 11.80 28.63
N GLY D 391 -6.22 11.44 27.39
CA GLY D 391 -5.20 11.39 26.36
C GLY D 391 -4.67 12.76 26.00
N THR D 392 -5.55 13.76 25.91
CA THR D 392 -5.09 15.11 25.64
C THR D 392 -4.22 15.64 26.77
N SER D 393 -4.60 15.35 28.02
CA SER D 393 -3.79 15.81 29.13
C SER D 393 -2.42 15.15 29.13
N THR D 394 -2.35 13.86 28.79
CA THR D 394 -1.05 13.19 28.72
C THR D 394 -0.20 13.73 27.57
N LEU D 395 -0.82 14.00 26.43
CA LEU D 395 -0.10 14.60 25.32
C LEU D 395 0.50 15.95 25.72
N LEU D 396 -0.28 16.79 26.39
CA LEU D 396 0.23 18.10 26.81
C LEU D 396 1.33 17.95 27.85
N VAL D 397 1.16 17.03 28.80
CA VAL D 397 2.16 16.81 29.83
C VAL D 397 3.48 16.34 29.22
N TRP D 398 3.42 15.54 28.16
CA TRP D 398 4.66 15.10 27.53
C TRP D 398 5.26 16.14 26.58
N VAL D 399 4.43 17.02 26.02
CA VAL D 399 4.98 18.14 25.26
C VAL D 399 5.65 19.15 26.18
N GLY D 400 5.23 19.20 27.45
CA GLY D 400 5.81 20.15 28.38
C GLY D 400 7.24 19.87 28.81
N VAL D 401 7.90 18.86 28.23
CA VAL D 401 9.31 18.60 28.51
C VAL D 401 10.22 19.45 27.63
N ILE D 402 9.72 19.87 26.47
CA ILE D 402 10.45 20.80 25.61
C ILE D 402 10.92 22.00 26.43
N ARG D 403 10.16 22.38 27.46
CA ARG D 403 10.59 23.47 28.32
C ARG D 403 11.87 23.13 29.07
N TYR D 404 11.98 21.90 29.57
CA TYR D 404 13.21 21.48 30.24
C TYR D 404 14.35 21.32 29.25
N LEU D 405 14.05 21.18 27.96
CA LEU D 405 15.11 21.13 26.98
C LEU D 405 15.60 22.50 26.54
N THR D 406 14.78 23.55 26.68
CA THR D 406 15.18 24.87 26.21
C THR D 406 16.10 25.57 27.21
N PHE D 407 16.52 24.88 28.26
CA PHE D 407 17.45 25.48 29.21
C PHE D 407 18.89 25.33 28.73
N PHE D 408 19.14 24.39 27.83
CA PHE D 408 20.49 24.16 27.32
C PHE D 408 20.62 24.73 25.91
N HIS D 409 21.84 25.13 25.55
CA HIS D 409 22.02 26.00 24.40
C HIS D 409 21.72 25.30 23.08
N ASN D 410 22.15 24.05 22.92
CA ASN D 410 22.03 23.38 21.63
C ASN D 410 20.58 22.97 21.36
N TYR D 411 19.94 22.34 22.35
CA TYR D 411 18.52 22.03 22.22
C TYR D 411 17.71 23.30 22.01
N ASN D 412 18.13 24.40 22.64
CA ASN D 412 17.43 25.66 22.45
C ASN D 412 17.58 26.18 21.02
N ILE D 413 18.72 25.90 20.38
CA ILE D 413 18.88 26.27 18.98
C ILE D 413 17.90 25.47 18.12
N LEU D 414 17.81 24.17 18.37
CA LEU D 414 16.88 23.35 17.58
C LEU D 414 15.42 23.74 17.81
N ILE D 415 15.09 24.24 19.01
CA ILE D 415 13.71 24.66 19.27
C ILE D 415 13.44 26.05 18.69
N ALA D 416 14.42 26.96 18.80
CA ALA D 416 14.24 28.30 18.27
C ALA D 416 14.15 28.32 16.76
N THR D 417 14.78 27.35 16.08
CA THR D 417 14.61 27.26 14.64
C THR D 417 13.15 27.05 14.26
N LEU D 418 12.49 26.10 14.92
CA LEU D 418 11.08 25.85 14.63
C LEU D 418 10.21 27.02 15.06
N ARG D 419 10.52 27.64 16.20
CA ARG D 419 9.73 28.78 16.65
C ARG D 419 9.84 29.95 15.69
N VAL D 420 11.00 30.11 15.03
CA VAL D 420 11.16 31.18 14.04
C VAL D 420 10.50 30.81 12.72
N ALA D 421 10.52 29.52 12.35
CA ALA D 421 9.96 29.12 11.07
C ALA D 421 8.44 29.02 11.07
N LEU D 422 7.81 28.93 12.24
CA LEU D 422 6.36 28.70 12.29
C LEU D 422 5.50 29.73 11.57
N PRO D 423 5.73 31.05 11.69
CA PRO D 423 4.83 32.00 11.00
C PRO D 423 4.79 31.87 9.49
N SER D 424 5.95 31.76 8.84
CA SER D 424 5.99 31.56 7.40
C SER D 424 5.27 30.27 7.02
N VAL D 425 5.42 29.23 7.84
CA VAL D 425 4.74 27.98 7.58
C VAL D 425 3.23 28.17 7.61
N MET D 426 2.72 28.96 8.56
CA MET D 426 1.28 29.14 8.65
C MET D 426 0.73 30.01 7.51
N ARG D 427 1.50 31.00 7.07
CA ARG D 427 1.04 31.80 5.92
C ARG D 427 1.02 30.97 4.64
N PHE D 428 2.07 30.19 4.41
CA PHE D 428 2.05 29.28 3.28
C PHE D 428 0.91 28.27 3.40
N CYS D 429 0.58 27.87 4.64
CA CYS D 429 -0.56 26.98 4.84
C CYS D 429 -1.87 27.65 4.46
N CYS D 430 -1.99 28.96 4.66
CA CYS D 430 -3.18 29.66 4.18
C CYS D 430 -3.31 29.57 2.66
N CYS D 431 -2.23 29.92 1.95
CA CYS D 431 -2.27 29.85 0.49
C CYS D 431 -2.58 28.44 -0.01
N VAL D 432 -1.89 27.45 0.55
CA VAL D 432 -2.08 26.08 0.13
C VAL D 432 -3.47 25.59 0.49
N ALA D 433 -3.97 25.93 1.69
CA ALA D 433 -5.38 25.75 2.05
C ALA D 433 -6.31 26.12 0.91
N VAL D 434 -6.19 27.36 0.40
CA VAL D 434 -7.21 27.77 -0.59
C VAL D 434 -7.07 26.97 -1.88
N ILE D 435 -5.84 26.71 -2.34
CA ILE D 435 -5.69 25.94 -3.58
C ILE D 435 -6.21 24.50 -3.39
N TYR D 436 -5.87 23.90 -2.25
CA TYR D 436 -6.25 22.52 -1.96
C TYR D 436 -7.76 22.38 -1.81
N LEU D 437 -8.42 23.40 -1.27
CA LEU D 437 -9.87 23.37 -1.14
C LEU D 437 -10.54 23.47 -2.50
N GLY D 438 -10.02 24.33 -3.39
CA GLY D 438 -10.51 24.33 -4.75
C GLY D 438 -10.41 22.96 -5.40
N TYR D 439 -9.25 22.31 -5.23
CA TYR D 439 -9.06 20.99 -5.82
C TYR D 439 -10.02 19.96 -5.23
N CYS D 440 -10.27 20.04 -3.92
CA CYS D 440 -11.20 19.12 -3.28
C CYS D 440 -12.60 19.27 -3.84
N PHE D 441 -13.07 20.51 -3.98
CA PHE D 441 -14.40 20.73 -4.54
C PHE D 441 -14.50 20.19 -5.96
N CYS D 442 -13.52 20.50 -6.80
CA CYS D 442 -13.57 20.04 -8.19
C CYS D 442 -13.56 18.51 -8.27
N GLY D 443 -12.66 17.88 -7.51
CA GLY D 443 -12.58 16.43 -7.56
C GLY D 443 -13.83 15.75 -7.05
N TRP D 444 -14.38 16.23 -5.94
CA TRP D 444 -15.64 15.70 -5.44
C TRP D 444 -16.72 15.76 -6.51
N ILE D 445 -16.96 16.95 -7.07
CA ILE D 445 -18.08 17.13 -7.98
C ILE D 445 -17.90 16.30 -9.25
N VAL D 446 -16.67 16.14 -9.73
CA VAL D 446 -16.51 15.47 -11.02
C VAL D 446 -16.37 13.96 -10.85
N LEU D 447 -15.50 13.49 -9.96
CA LEU D 447 -15.23 12.07 -9.84
C LEU D 447 -16.13 11.36 -8.83
N GLY D 448 -17.02 12.09 -8.14
CA GLY D 448 -17.96 11.47 -7.24
C GLY D 448 -18.84 10.40 -7.87
N PRO D 449 -19.52 10.71 -8.98
CA PRO D 449 -20.46 9.72 -9.56
C PRO D 449 -19.82 8.42 -10.00
N TYR D 450 -18.50 8.35 -10.16
CA TYR D 450 -17.87 7.17 -10.74
C TYR D 450 -17.02 6.38 -9.77
N HIS D 451 -16.43 7.02 -8.78
CA HIS D 451 -15.48 6.36 -7.89
C HIS D 451 -15.90 6.59 -6.44
N VAL D 452 -15.82 5.53 -5.65
CA VAL D 452 -16.34 5.57 -4.28
C VAL D 452 -15.39 6.26 -3.31
N LYS D 453 -14.12 6.42 -3.68
CA LYS D 453 -13.19 7.20 -2.86
C LYS D 453 -13.45 8.70 -2.93
N PHE D 454 -14.35 9.15 -3.79
CA PHE D 454 -14.59 10.57 -4.03
C PHE D 454 -16.05 10.93 -3.76
N ARG D 455 -16.71 10.23 -2.84
CA ARG D 455 -18.12 10.47 -2.57
C ARG D 455 -18.33 11.61 -1.58
N SER D 456 -17.66 11.55 -0.44
CA SER D 456 -17.77 12.57 0.58
C SER D 456 -16.63 13.58 0.43
N LEU D 457 -16.87 14.78 0.95
CA LEU D 457 -15.82 15.78 0.96
C LEU D 457 -14.71 15.39 1.93
N SER D 458 -15.07 14.74 3.03
CA SER D 458 -14.04 14.24 3.94
C SER D 458 -13.22 13.13 3.28
N MET D 459 -13.87 12.28 2.48
CA MET D 459 -13.13 11.20 1.83
C MET D 459 -12.22 11.73 0.73
N VAL D 460 -12.68 12.71 -0.05
CA VAL D 460 -11.81 13.27 -1.06
C VAL D 460 -10.65 14.02 -0.40
N SER D 461 -10.90 14.67 0.74
CA SER D 461 -9.82 15.35 1.44
C SER D 461 -8.78 14.35 1.95
N GLU D 462 -9.24 13.23 2.51
CA GLU D 462 -8.30 12.20 2.98
C GLU D 462 -7.53 11.58 1.82
N CYS D 463 -8.21 11.35 0.69
CA CYS D 463 -7.53 10.79 -0.48
C CYS D 463 -6.46 11.74 -1.01
N LEU D 464 -6.76 13.03 -1.08
CA LEU D 464 -5.79 13.98 -1.60
C LEU D 464 -4.62 14.16 -0.62
N PHE D 465 -4.92 14.19 0.68
CA PHE D 465 -3.84 14.30 1.66
C PHE D 465 -2.95 13.07 1.68
N SER D 466 -3.52 11.90 1.36
CA SER D 466 -2.69 10.71 1.21
C SER D 466 -1.89 10.75 -0.09
N LEU D 467 -2.46 11.34 -1.14
CA LEU D 467 -1.77 11.41 -2.42
C LEU D 467 -0.55 12.32 -2.36
N ILE D 468 -0.65 13.45 -1.65
CA ILE D 468 0.48 14.38 -1.63
C ILE D 468 1.60 13.84 -0.76
N ASN D 469 1.38 12.68 -0.13
CA ASN D 469 2.41 12.05 0.68
C ASN D 469 2.80 10.67 0.16
N GLY D 470 2.31 10.29 -1.02
CA GLY D 470 2.70 9.05 -1.66
C GLY D 470 2.03 7.82 -1.10
N ASP D 471 0.71 7.70 -1.27
CA ASP D 471 -0.01 6.55 -0.74
C ASP D 471 -1.28 6.31 -1.56
N ASP D 472 -1.53 5.04 -1.87
CA ASP D 472 -2.70 4.61 -2.66
C ASP D 472 -2.79 5.34 -4.00
N MET D 473 -1.63 5.73 -4.52
CA MET D 473 -1.57 6.54 -5.73
C MET D 473 -1.90 5.70 -6.96
N PHE D 474 -1.25 4.54 -7.09
CA PHE D 474 -1.55 3.68 -8.24
C PHE D 474 -2.90 3.02 -8.11
N VAL D 475 -3.36 2.74 -6.90
CA VAL D 475 -4.72 2.22 -6.73
C VAL D 475 -5.74 3.25 -7.20
N THR D 476 -5.52 4.53 -6.86
CA THR D 476 -6.38 5.58 -7.38
C THR D 476 -6.34 5.63 -8.90
N PHE D 477 -5.14 5.61 -9.48
CA PHE D 477 -5.01 5.67 -10.93
C PHE D 477 -5.72 4.51 -11.62
N ALA D 478 -5.61 3.31 -11.05
CA ALA D 478 -6.25 2.14 -11.66
C ALA D 478 -7.76 2.19 -11.50
N ALA D 479 -8.25 2.65 -10.34
CA ALA D 479 -9.68 2.87 -10.17
C ALA D 479 -10.21 3.82 -11.24
N MET D 480 -9.44 4.86 -11.57
CA MET D 480 -9.84 5.74 -12.67
C MET D 480 -9.79 5.02 -14.02
N GLN D 481 -8.72 4.23 -14.23
CA GLN D 481 -8.56 3.48 -15.47
C GLN D 481 -9.75 2.58 -15.75
N ALA D 482 -10.40 2.09 -14.71
CA ALA D 482 -11.49 1.12 -14.87
C ALA D 482 -12.77 1.69 -15.50
N GLN D 483 -12.79 2.95 -15.94
CA GLN D 483 -13.97 3.52 -16.59
C GLN D 483 -13.63 4.26 -17.88
N GLN D 484 -12.50 3.93 -18.51
CA GLN D 484 -12.15 4.57 -19.77
C GLN D 484 -13.22 4.34 -20.84
N GLY D 485 -13.69 3.09 -20.94
CA GLY D 485 -14.73 2.79 -21.92
C GLY D 485 -16.06 3.44 -21.59
N ARG D 486 -16.42 3.48 -20.30
CA ARG D 486 -17.64 4.17 -19.90
C ARG D 486 -17.58 5.65 -20.31
N SER D 487 -16.60 6.38 -19.82
CA SER D 487 -16.51 7.82 -20.12
C SER D 487 -15.05 8.17 -20.39
N SER D 488 -14.67 8.19 -21.67
CA SER D 488 -13.35 8.68 -22.05
C SER D 488 -13.12 10.12 -21.60
N LEU D 489 -14.16 10.94 -21.61
CA LEU D 489 -14.01 12.34 -21.21
C LEU D 489 -13.66 12.44 -19.73
N VAL D 490 -14.38 11.72 -18.88
CA VAL D 490 -14.08 11.74 -17.45
C VAL D 490 -12.74 11.09 -17.18
N TRP D 491 -12.36 10.09 -17.97
CA TRP D 491 -11.05 9.47 -17.80
C TRP D 491 -9.93 10.46 -18.10
N LEU D 492 -10.06 11.22 -19.19
CA LEU D 492 -9.05 12.20 -19.54
C LEU D 492 -9.00 13.32 -18.51
N PHE D 493 -10.16 13.76 -18.03
CA PHE D 493 -10.17 14.76 -16.97
C PHE D 493 -9.49 14.24 -15.71
N SER D 494 -9.71 12.97 -15.37
CA SER D 494 -9.10 12.41 -14.17
C SER D 494 -7.58 12.32 -14.32
N GLN D 495 -7.11 11.97 -15.51
CA GLN D 495 -5.67 11.98 -15.77
C GLN D 495 -5.09 13.37 -15.54
N LEU D 496 -5.65 14.38 -16.21
CA LEU D 496 -5.15 15.74 -16.04
C LEU D 496 -5.21 16.17 -14.58
N TYR D 497 -6.34 15.90 -13.92
CA TYR D 497 -6.56 16.31 -12.53
C TYR D 497 -5.52 15.71 -11.60
N LEU D 498 -5.37 14.39 -11.65
CA LEU D 498 -4.47 13.71 -10.72
C LEU D 498 -3.01 14.09 -10.98
N TYR D 499 -2.59 14.09 -12.25
CA TYR D 499 -1.21 14.45 -12.55
C TYR D 499 -0.92 15.88 -12.10
N SER D 500 -1.77 16.83 -12.48
CA SER D 500 -1.57 18.22 -12.10
C SER D 500 -1.49 18.39 -10.59
N PHE D 501 -2.43 17.78 -9.86
CA PHE D 501 -2.46 17.97 -8.41
C PHE D 501 -1.22 17.39 -7.76
N ILE D 502 -0.90 16.12 -8.04
CA ILE D 502 0.22 15.48 -7.37
C ILE D 502 1.52 16.21 -7.72
N SER D 503 1.69 16.62 -8.97
CA SER D 503 2.92 17.29 -9.36
C SER D 503 3.05 18.64 -8.68
N LEU D 504 2.01 19.46 -8.74
CA LEU D 504 2.06 20.78 -8.12
C LEU D 504 2.28 20.69 -6.61
N PHE D 505 1.74 19.67 -5.96
CA PHE D 505 1.83 19.62 -4.51
C PHE D 505 3.05 18.88 -3.99
N ILE D 506 3.71 18.05 -4.80
CA ILE D 506 4.90 17.37 -4.36
C ILE D 506 6.16 18.09 -4.81
N TYR D 507 6.18 18.63 -6.03
CA TYR D 507 7.39 19.23 -6.57
C TYR D 507 7.49 20.72 -6.37
N MET D 508 6.48 21.37 -5.77
CA MET D 508 6.52 22.80 -5.59
C MET D 508 6.13 23.29 -4.20
N VAL D 509 5.38 22.52 -3.42
CA VAL D 509 4.91 22.98 -2.11
C VAL D 509 5.76 22.42 -0.98
N LEU D 510 6.02 21.11 -1.00
CA LEU D 510 6.88 20.53 0.03
C LEU D 510 8.31 21.06 -0.10
N SER D 511 8.75 21.33 -1.32
CA SER D 511 10.06 21.94 -1.52
C SER D 511 10.11 23.32 -0.88
N LEU D 512 9.00 24.06 -0.91
CA LEU D 512 9.00 25.37 -0.27
C LEU D 512 8.93 25.26 1.25
N PHE D 513 8.25 24.24 1.78
CA PHE D 513 8.34 24.00 3.22
C PHE D 513 9.78 23.74 3.64
N ILE D 514 10.49 22.91 2.87
CA ILE D 514 11.89 22.63 3.15
C ILE D 514 12.71 23.92 3.06
N ALA D 515 12.44 24.76 2.07
CA ALA D 515 13.18 26.01 1.92
C ALA D 515 12.94 26.94 3.10
N LEU D 516 11.70 27.02 3.59
CA LEU D 516 11.42 27.86 4.75
C LEU D 516 12.17 27.37 5.98
N ILE D 517 12.14 26.07 6.23
CA ILE D 517 12.82 25.55 7.42
C ILE D 517 14.33 25.75 7.31
N THR D 518 14.88 25.58 6.10
CA THR D 518 16.32 25.74 5.93
C THR D 518 16.74 27.20 6.08
N GLY D 519 15.94 28.13 5.56
CA GLY D 519 16.22 29.54 5.79
C GLY D 519 16.17 29.92 7.26
N ALA D 520 15.19 29.37 7.98
CA ALA D 520 15.11 29.64 9.42
C ALA D 520 16.33 29.09 10.15
N TYR D 521 16.76 27.89 9.80
CA TYR D 521 17.95 27.32 10.43
C TYR D 521 19.18 28.16 10.15
N ASP D 522 19.34 28.64 8.92
CA ASP D 522 20.49 29.48 8.59
C ASP D 522 20.44 30.80 9.33
N THR D 523 19.25 31.39 9.48
CA THR D 523 19.15 32.63 10.26
C THR D 523 19.49 32.39 11.73
N ILE D 524 19.10 31.25 12.28
CA ILE D 524 19.38 30.98 13.69
C ILE D 524 20.87 30.73 13.91
N LYS D 525 21.51 30.02 13.00
CA LYS D 525 22.93 29.69 13.15
C LYS D 525 23.85 30.82 12.72
N HIS D 526 23.35 32.05 12.61
CA HIS D 526 24.19 33.19 12.24
C HIS D 526 23.74 34.45 12.97
#